data_3IFP
#
_entry.id   3IFP
#
_cell.length_a   78.86
_cell.length_b   79.24
_cell.length_c   94.10
_cell.angle_alpha   68.66
_cell.angle_beta   65.28
_cell.angle_gamma   78.47
#
_symmetry.space_group_name_H-M   'P 1'
#
loop_
_entity.id
_entity.type
_entity.pdbx_description
1 polymer '12B4 FAB antibody heavy chain'
2 polymer '12B4 FAB antibody light chain'
3 polymer 'Amyloid beta A4 protein'
#
loop_
_entity_poly.entity_id
_entity_poly.type
_entity_poly.pdbx_seq_one_letter_code
_entity_poly.pdbx_strand_id
1 'polypeptide(L)'
;QVTLKESGPGILQPSQTLSLTCSFSGFSLSTNGMGVSWIRQPSGKGLEWLAHIYWDEDKRYNPSLKSRLTISKDTSNNQV
FLKITNVDTADTATYYCARRRIIYDVEDYFDYWGQGTTLTVSSAKTTPPSVYPLAPGSAAQTNSMVTLGCLVKGYFPEPV
TVTWNSGSLSSGVHTFPAVLQSDLYTLSSSVTVPSSTWPSETVTCNVAHPASSTKVDKKIVPRDCG
;
H,A,C,E
2 'polypeptide(L)'
;DVLMTQTPLSLPVSLGDQASISCRSSQNIVHSNGNTYLEWYLQKPGQSPKLLIYKVSNRFSGVPDRFSGSGSGTDFTLKI
SRVEAEDLGVYYCFQGSHVPLTFGAGTKLELKRADAAPTVSIFPPSSEQLTSGGASVVCFLNNFYPKDINVKWKIDGSER
QNGVLNSWTDQDSKDSTYSMSSTLTLTKDEYERHNSYTCEATHKTSTSPIVKSFNRNEC
;
L,B,D,F
3 'polypeptide(L)' DAEFRHD P,Q,R,S
#
# COMPACT_ATOMS: atom_id res chain seq x y z
N VAL A 2 8.55 -0.71 45.64
CA VAL A 2 8.82 -2.16 45.67
C VAL A 2 9.70 -2.65 44.52
N THR A 3 10.82 -3.28 44.87
CA THR A 3 11.76 -3.76 43.86
C THR A 3 12.34 -5.12 44.24
N LEU A 4 12.85 -5.85 43.25
CA LEU A 4 13.60 -7.09 43.49
C LEU A 4 14.80 -7.16 42.55
N LYS A 5 15.89 -7.76 43.04
CA LYS A 5 17.13 -7.91 42.27
C LYS A 5 17.77 -9.28 42.44
N GLU A 6 17.81 -10.07 41.38
CA GLU A 6 18.45 -11.38 41.46
C GLU A 6 19.95 -11.27 41.26
N SER A 7 20.68 -12.04 42.03
CA SER A 7 22.13 -12.15 41.92
C SER A 7 22.50 -13.61 42.03
N GLY A 8 23.71 -13.94 41.60
CA GLY A 8 24.12 -15.32 41.53
C GLY A 8 25.17 -15.52 40.46
N PRO A 9 25.73 -16.72 40.39
CA PRO A 9 26.77 -16.99 39.40
C PRO A 9 26.16 -17.27 38.05
N GLY A 10 26.49 -16.47 37.03
CA GLY A 10 26.20 -16.88 35.67
C GLY A 10 27.28 -17.86 35.26
N ILE A 11 26.94 -18.94 34.55
CA ILE A 11 27.89 -20.04 34.29
C ILE A 11 28.27 -20.95 35.49
N LEU A 12 27.81 -22.19 35.41
CA LEU A 12 28.20 -23.29 36.27
C LEU A 12 28.53 -24.44 35.32
N GLN A 13 29.04 -25.56 35.85
CA GLN A 13 29.28 -26.73 34.99
C GLN A 13 28.43 -27.91 35.42
N PRO A 14 28.13 -28.80 34.46
CA PRO A 14 27.13 -29.83 34.74
C PRO A 14 27.42 -30.55 36.06
N SER A 15 26.43 -30.53 36.96
CA SER A 15 26.48 -31.18 38.28
C SER A 15 26.83 -30.27 39.45
N GLN A 16 27.37 -29.08 39.18
CA GLN A 16 27.68 -28.15 40.26
C GLN A 16 26.41 -27.62 40.89
N THR A 17 26.52 -26.94 42.02
CA THR A 17 25.33 -26.44 42.71
C THR A 17 25.12 -24.95 42.46
N LEU A 18 23.93 -24.58 42.01
CA LEU A 18 23.57 -23.19 41.85
C LEU A 18 22.94 -22.68 43.13
N SER A 19 23.49 -21.59 43.64
CA SER A 19 22.87 -20.83 44.74
C SER A 19 22.52 -19.42 44.26
N LEU A 20 21.22 -19.12 44.21
CA LEU A 20 20.72 -17.85 43.68
C LEU A 20 20.18 -16.98 44.79
N THR A 21 20.43 -15.68 44.69
CA THR A 21 19.93 -14.75 45.70
C THR A 21 18.98 -13.74 45.08
N CYS A 22 17.91 -13.46 45.80
CA CYS A 22 16.96 -12.42 45.40
C CYS A 22 16.88 -11.37 46.52
N SER A 23 17.40 -10.18 46.27
CA SER A 23 17.28 -9.10 47.25
C SER A 23 16.08 -8.23 46.90
N PHE A 24 15.16 -8.11 47.85
CA PHE A 24 13.96 -7.32 47.61
C PHE A 24 13.84 -6.11 48.51
N SER A 25 12.83 -5.29 48.23
CA SER A 25 12.47 -4.19 49.12
C SER A 25 11.13 -3.64 48.70
N GLY A 26 10.52 -2.86 49.59
CA GLY A 26 9.22 -2.30 49.31
C GLY A 26 8.19 -3.12 50.00
N PHE A 27 8.57 -4.32 50.42
CA PHE A 27 7.70 -5.17 51.21
C PHE A 27 8.53 -5.94 52.23
N SER A 28 7.84 -6.71 53.06
CA SER A 28 8.49 -7.51 54.09
C SER A 28 7.93 -8.93 54.12
N LEU A 29 8.79 -9.93 54.16
CA LEU A 29 8.34 -11.31 54.18
C LEU A 29 7.73 -11.79 55.51
N SER A 30 7.59 -10.89 56.47
CA SER A 30 6.89 -11.24 57.70
C SER A 30 5.45 -10.74 57.66
N THR A 31 5.10 -9.98 56.61
CA THR A 31 3.75 -9.46 56.43
C THR A 31 2.76 -10.58 56.11
N ASN A 32 1.78 -10.78 56.97
CA ASN A 32 0.74 -11.76 56.73
C ASN A 32 0.40 -11.88 55.25
N GLY A 33 0.54 -13.07 54.69
CA GLY A 33 0.14 -13.36 53.33
C GLY A 33 1.28 -13.31 52.32
N MET A 34 2.36 -12.65 52.70
CA MET A 34 3.44 -12.35 51.78
C MET A 34 4.13 -13.62 51.31
N GLY A 35 4.80 -13.53 50.17
CA GLY A 35 5.60 -14.62 49.66
C GLY A 35 6.34 -14.27 48.38
N VAL A 36 7.43 -14.99 48.11
CA VAL A 36 8.15 -14.85 46.85
C VAL A 36 8.28 -16.21 46.22
N SER A 37 8.23 -16.27 44.90
CA SER A 37 8.57 -17.49 44.21
C SER A 37 9.61 -17.22 43.13
N TRP A 38 10.11 -18.28 42.52
CA TRP A 38 11.16 -18.19 41.53
C TRP A 38 10.64 -18.74 40.23
N ILE A 39 10.94 -18.05 39.13
CA ILE A 39 10.47 -18.45 37.83
C ILE A 39 11.62 -18.28 36.84
N ARG A 40 11.85 -19.27 35.99
CA ARG A 40 12.98 -19.19 35.09
C ARG A 40 12.53 -19.32 33.65
N GLN A 41 13.29 -18.74 32.73
CA GLN A 41 12.89 -18.78 31.34
C GLN A 41 14.03 -18.96 30.35
N PRO A 42 14.05 -20.11 29.64
CA PRO A 42 15.07 -20.35 28.60
C PRO A 42 15.01 -19.31 27.48
N SER A 43 16.13 -19.14 26.80
CA SER A 43 16.24 -18.15 25.75
C SER A 43 15.25 -18.40 24.60
N GLY A 44 14.40 -17.41 24.35
CA GLY A 44 13.37 -17.50 23.32
C GLY A 44 12.30 -18.56 23.63
N LYS A 45 11.94 -18.67 24.90
CA LYS A 45 11.06 -19.75 25.32
C LYS A 45 10.05 -19.25 26.36
N GLY A 46 9.39 -20.22 27.00
CA GLY A 46 8.36 -19.93 27.98
C GLY A 46 8.86 -19.86 29.40
N LEU A 47 8.02 -19.31 30.26
CA LEU A 47 8.29 -19.22 31.68
C LEU A 47 8.00 -20.55 32.37
N GLU A 48 8.95 -21.04 33.16
CA GLU A 48 8.72 -22.21 34.00
C GLU A 48 8.83 -21.82 35.47
N TRP A 49 7.75 -22.03 36.23
CA TRP A 49 7.73 -21.78 37.67
C TRP A 49 8.49 -22.86 38.46
N LEU A 50 9.25 -22.43 39.47
CA LEU A 50 10.21 -23.32 40.14
C LEU A 50 9.86 -23.73 41.58
N ALA A 51 9.61 -22.73 42.42
CA ALA A 51 9.29 -22.99 43.82
C ALA A 51 8.82 -21.69 44.48
N HIS A 52 8.08 -21.80 45.58
CA HIS A 52 7.50 -20.64 46.23
C HIS A 52 7.55 -20.75 47.75
N ILE A 53 7.90 -19.66 48.41
CA ILE A 53 7.98 -19.62 49.87
C ILE A 53 7.11 -18.53 50.51
N TYR A 54 6.38 -18.91 51.56
CA TYR A 54 5.42 -18.03 52.21
C TYR A 54 5.98 -17.44 53.49
N TRP A 55 5.27 -16.45 54.02
CA TRP A 55 5.66 -15.82 55.28
C TRP A 55 5.68 -16.80 56.48
N ASP A 56 4.73 -17.73 56.54
CA ASP A 56 4.74 -18.71 57.63
C ASP A 56 5.71 -19.89 57.37
N GLU A 57 6.72 -19.62 56.55
CA GLU A 57 7.79 -20.57 56.21
C GLU A 57 7.32 -21.80 55.44
N ASP A 58 6.04 -21.83 55.08
CA ASP A 58 5.53 -22.88 54.20
C ASP A 58 6.26 -22.78 52.84
N LYS A 59 6.30 -23.88 52.10
CA LYS A 59 7.03 -23.92 50.85
C LYS A 59 6.25 -24.79 49.88
N ARG A 60 6.56 -24.69 48.60
CA ARG A 60 5.87 -25.45 47.57
C ARG A 60 6.78 -25.53 46.38
N TYR A 61 6.99 -26.74 45.88
CA TYR A 61 7.95 -26.95 44.80
C TYR A 61 7.28 -27.48 43.55
N ASN A 62 7.78 -27.02 42.39
CA ASN A 62 7.50 -27.68 41.11
C ASN A 62 7.93 -29.14 41.24
N PRO A 63 6.96 -30.08 41.15
CA PRO A 63 7.18 -31.47 41.52
C PRO A 63 8.14 -32.18 40.58
N SER A 64 8.29 -31.69 39.36
CA SER A 64 9.18 -32.34 38.41
C SER A 64 10.66 -32.02 38.71
N LEU A 65 10.89 -31.11 39.66
CA LEU A 65 12.23 -30.76 40.11
C LEU A 65 12.41 -30.88 41.63
N LYS A 66 11.27 -30.91 42.36
CA LYS A 66 11.26 -30.95 43.83
C LYS A 66 12.16 -32.04 44.38
N SER A 67 13.39 -31.67 44.75
CA SER A 67 14.42 -32.67 44.97
C SER A 67 15.75 -32.01 44.70
N ARG A 68 15.87 -31.43 43.52
CA ARG A 68 17.03 -30.65 43.18
C ARG A 68 16.83 -29.22 43.65
N LEU A 69 15.68 -28.94 44.24
CA LEU A 69 15.36 -27.58 44.67
C LEU A 69 15.28 -27.42 46.16
N THR A 70 15.69 -26.24 46.63
CA THR A 70 15.53 -25.83 48.02
C THR A 70 15.31 -24.32 48.06
N ILE A 71 14.18 -23.91 48.63
CA ILE A 71 13.91 -22.48 48.78
C ILE A 71 13.93 -22.04 50.25
N SER A 72 14.44 -20.83 50.48
CA SER A 72 14.60 -20.32 51.84
C SER A 72 14.62 -18.80 51.88
N LYS A 73 14.29 -18.25 53.04
CA LYS A 73 14.24 -16.81 53.19
C LYS A 73 15.21 -16.31 54.25
N ASP A 74 15.47 -15.00 54.21
CA ASP A 74 16.12 -14.29 55.29
C ASP A 74 15.27 -13.07 55.63
N THR A 75 14.14 -13.32 56.29
CA THR A 75 13.19 -12.28 56.68
C THR A 75 13.85 -10.97 57.13
N SER A 76 14.73 -11.06 58.13
CA SER A 76 15.40 -9.90 58.69
C SER A 76 16.15 -9.09 57.63
N ASN A 77 16.77 -9.78 56.69
CA ASN A 77 17.60 -9.14 55.66
C ASN A 77 16.95 -9.00 54.28
N ASN A 78 15.63 -9.09 54.22
CA ASN A 78 14.91 -8.94 52.96
C ASN A 78 15.53 -9.73 51.80
N GLN A 79 15.63 -11.04 51.97
CA GLN A 79 16.27 -11.85 50.94
C GLN A 79 15.62 -13.21 50.78
N VAL A 80 15.72 -13.74 49.59
CA VAL A 80 15.16 -15.04 49.30
C VAL A 80 16.17 -15.80 48.45
N PHE A 81 16.47 -17.02 48.87
CA PHE A 81 17.46 -17.81 48.18
C PHE A 81 16.84 -19.06 47.54
N LEU A 82 17.45 -19.52 46.45
CA LEU A 82 17.06 -20.76 45.77
C LEU A 82 18.29 -21.56 45.46
N LYS A 83 18.30 -22.84 45.83
CA LYS A 83 19.44 -23.69 45.50
C LYS A 83 19.00 -24.81 44.59
N ILE A 84 19.75 -25.01 43.51
CA ILE A 84 19.50 -26.15 42.62
C ILE A 84 20.72 -27.08 42.56
N THR A 85 20.57 -28.27 43.11
CA THR A 85 21.65 -29.25 43.14
C THR A 85 21.79 -29.99 41.80
N ASN A 86 23.00 -30.45 41.49
CA ASN A 86 23.21 -31.23 40.27
C ASN A 86 22.57 -30.57 39.05
N VAL A 87 23.10 -29.43 38.62
CA VAL A 87 22.52 -28.77 37.44
C VAL A 87 22.99 -29.41 36.13
N ASP A 88 22.27 -29.12 35.06
CA ASP A 88 22.72 -29.56 33.75
C ASP A 88 22.29 -28.55 32.72
N THR A 89 22.72 -28.76 31.48
CA THR A 89 22.50 -27.79 30.43
C THR A 89 21.05 -27.34 30.36
N ALA A 90 20.13 -28.21 30.76
CA ALA A 90 18.70 -27.90 30.76
C ALA A 90 18.34 -26.72 31.67
N ASP A 91 19.17 -26.48 32.68
CA ASP A 91 18.92 -25.43 33.63
C ASP A 91 19.45 -24.12 33.11
N THR A 92 19.92 -24.13 31.86
CA THR A 92 20.33 -22.89 31.21
C THR A 92 19.12 -22.00 30.98
N ALA A 93 19.14 -20.79 31.55
CA ALA A 93 17.99 -19.92 31.53
C ALA A 93 18.24 -18.59 32.24
N THR A 94 17.26 -17.69 32.12
CA THR A 94 17.18 -16.49 32.96
C THR A 94 16.22 -16.76 34.13
N TYR A 95 16.67 -16.45 35.35
CA TYR A 95 15.90 -16.75 36.55
C TYR A 95 15.35 -15.47 37.14
N TYR A 96 14.03 -15.41 37.30
CA TYR A 96 13.39 -14.29 37.97
C TYR A 96 12.88 -14.73 39.34
N CYS A 97 12.74 -13.76 40.23
CA CYS A 97 11.90 -13.91 41.41
C CYS A 97 10.80 -12.88 41.29
N ALA A 98 9.57 -13.30 41.56
CA ALA A 98 8.41 -12.40 41.56
C ALA A 98 7.76 -12.43 42.94
N ARG A 99 7.08 -11.35 43.30
CA ARG A 99 6.33 -11.37 44.54
C ARG A 99 4.93 -11.89 44.30
N ARG A 100 4.37 -12.57 45.30
CA ARG A 100 2.99 -13.02 45.21
C ARG A 100 2.43 -13.25 46.59
N ARG A 101 1.40 -12.49 46.92
CA ARG A 101 0.76 -12.60 48.22
C ARG A 101 -0.58 -13.26 48.04
N ILE A 102 -1.14 -13.81 49.11
CA ILE A 102 -2.39 -14.54 49.04
C ILE A 102 -3.38 -14.04 50.09
N ILE A 103 -4.17 -14.94 50.65
CA ILE A 103 -5.26 -14.58 51.58
C ILE A 103 -6.34 -13.74 50.89
N TYR A 104 -5.96 -12.56 50.40
CA TYR A 104 -6.87 -11.66 49.66
C TYR A 104 -6.67 -11.77 48.16
N ASP A 105 -7.70 -12.26 47.48
CA ASP A 105 -7.59 -12.63 46.07
C ASP A 105 -7.31 -11.42 45.17
N VAL A 106 -7.49 -10.22 45.72
CA VAL A 106 -7.29 -9.01 44.94
C VAL A 106 -5.84 -8.52 44.99
N GLU A 107 -4.97 -9.31 45.61
CA GLU A 107 -3.56 -8.98 45.71
C GLU A 107 -2.79 -10.22 45.29
N ASP A 108 -3.57 -11.26 44.99
CA ASP A 108 -3.03 -12.59 44.74
C ASP A 108 -2.62 -12.74 43.28
N TYR A 109 -1.40 -12.29 42.97
CA TYR A 109 -0.82 -12.40 41.64
C TYR A 109 0.65 -12.01 41.69
N PHE A 110 1.35 -12.14 40.56
CA PHE A 110 2.75 -11.73 40.49
C PHE A 110 2.84 -10.30 40.01
N ASP A 111 2.73 -9.34 40.92
CA ASP A 111 2.78 -7.93 40.49
C ASP A 111 4.18 -7.40 40.21
N TYR A 112 5.18 -7.88 40.96
CA TYR A 112 6.55 -7.37 40.85
C TYR A 112 7.61 -8.46 40.59
N TRP A 113 8.42 -8.23 39.57
CA TRP A 113 9.44 -9.18 39.14
C TRP A 113 10.79 -8.50 39.19
N GLY A 114 11.85 -9.27 39.39
CA GLY A 114 13.20 -8.77 39.26
C GLY A 114 13.62 -8.55 37.80
N GLN A 115 14.83 -8.05 37.60
CA GLN A 115 15.32 -7.73 36.26
C GLN A 115 15.73 -9.02 35.58
N GLY A 116 15.91 -10.07 36.39
CA GLY A 116 16.29 -11.38 35.90
C GLY A 116 17.79 -11.57 35.85
N THR A 117 18.29 -12.70 36.36
CA THR A 117 19.70 -13.00 36.21
C THR A 117 19.89 -14.23 35.30
N THR A 118 21.06 -14.32 34.70
CA THR A 118 21.34 -15.29 33.64
C THR A 118 22.23 -16.48 34.06
N LEU A 119 21.85 -17.69 33.65
CA LEU A 119 22.70 -18.86 33.88
C LEU A 119 22.94 -19.63 32.60
N THR A 120 24.17 -20.06 32.37
CA THR A 120 24.51 -20.94 31.28
C THR A 120 25.14 -22.17 31.92
N VAL A 121 24.61 -23.37 31.65
CA VAL A 121 25.27 -24.59 32.13
C VAL A 121 25.96 -25.31 30.97
N SER A 122 27.27 -25.48 31.07
CA SER A 122 28.08 -25.95 29.96
C SER A 122 29.40 -26.48 30.50
N SER A 123 30.02 -27.38 29.76
CA SER A 123 31.32 -27.87 30.16
C SER A 123 32.36 -27.51 29.11
N ALA A 124 31.93 -26.76 28.10
CA ALA A 124 32.84 -26.17 27.14
C ALA A 124 33.74 -25.25 27.92
N LYS A 125 34.98 -25.09 27.45
CA LYS A 125 35.91 -24.18 28.13
C LYS A 125 35.93 -22.79 27.45
N THR A 126 36.35 -21.77 28.18
CA THR A 126 36.50 -20.47 27.54
C THR A 126 37.24 -20.63 26.22
N THR A 127 36.64 -20.12 25.16
CA THR A 127 37.19 -20.28 23.83
C THR A 127 36.99 -19.00 23.04
N PRO A 128 38.00 -18.61 22.26
CA PRO A 128 37.98 -17.37 21.49
C PRO A 128 37.46 -17.66 20.12
N PRO A 129 36.81 -16.67 19.49
CA PRO A 129 36.17 -16.84 18.18
C PRO A 129 37.21 -17.04 17.09
N SER A 130 36.78 -17.66 16.00
CA SER A 130 37.51 -17.56 14.76
C SER A 130 36.76 -16.56 13.90
N VAL A 131 37.46 -15.55 13.39
CA VAL A 131 36.81 -14.51 12.60
C VAL A 131 37.18 -14.57 11.10
N TYR A 132 36.14 -14.60 10.27
CA TYR A 132 36.33 -14.76 8.85
C TYR A 132 35.64 -13.65 8.08
N PRO A 133 36.42 -12.93 7.25
CA PRO A 133 35.93 -11.88 6.36
C PRO A 133 35.18 -12.46 5.17
N LEU A 134 33.93 -12.04 5.00
CA LEU A 134 33.14 -12.49 3.88
C LEU A 134 33.05 -11.42 2.78
N ALA A 135 33.91 -11.55 1.77
CA ALA A 135 33.86 -10.72 0.59
C ALA A 135 33.00 -11.38 -0.51
N PRO A 136 32.41 -10.57 -1.41
CA PRO A 136 31.39 -11.03 -2.36
C PRO A 136 31.87 -12.09 -3.39
N GLY A 137 30.90 -12.64 -4.13
CA GLY A 137 31.12 -13.66 -5.13
C GLY A 137 32.38 -13.47 -5.96
N SER A 138 33.32 -14.39 -5.77
CA SER A 138 34.62 -14.44 -6.48
C SER A 138 34.82 -13.51 -7.71
N ALA A 139 33.75 -13.29 -8.47
CA ALA A 139 33.72 -12.34 -9.58
C ALA A 139 32.26 -12.00 -9.98
N ALA A 140 31.70 -10.98 -9.34
CA ALA A 140 30.28 -10.63 -9.52
C ALA A 140 30.05 -9.33 -10.29
N GLN A 141 28.78 -9.00 -10.51
CA GLN A 141 28.35 -7.86 -11.35
C GLN A 141 28.04 -6.60 -10.54
N THR A 142 28.76 -5.53 -10.89
CA THR A 142 28.84 -4.33 -10.06
C THR A 142 28.03 -3.15 -10.65
N ASN A 143 27.00 -2.71 -9.94
CA ASN A 143 26.70 -3.12 -8.57
C ASN A 143 25.47 -2.39 -8.01
N SER A 144 25.64 -1.08 -7.77
CA SER A 144 24.67 -0.20 -7.11
C SER A 144 24.90 -0.19 -5.60
N MET A 145 24.66 -1.35 -4.99
CA MET A 145 24.92 -1.59 -3.57
C MET A 145 25.85 -2.79 -3.45
N VAL A 146 26.64 -2.83 -2.39
CA VAL A 146 27.44 -4.03 -2.13
C VAL A 146 27.24 -4.48 -0.68
N THR A 147 27.06 -5.78 -0.47
CA THR A 147 26.89 -6.28 0.89
C THR A 147 28.06 -7.16 1.30
N LEU A 148 28.73 -6.75 2.38
CA LEU A 148 29.85 -7.47 2.94
C LEU A 148 29.35 -8.21 4.18
N GLY A 149 30.05 -9.25 4.59
CA GLY A 149 29.64 -10.03 5.74
C GLY A 149 30.82 -10.40 6.58
N CYS A 150 30.56 -10.99 7.74
CA CYS A 150 31.63 -11.40 8.65
C CYS A 150 31.11 -12.50 9.54
N LEU A 151 31.87 -13.60 9.61
CA LEU A 151 31.43 -14.80 10.33
C LEU A 151 32.26 -14.99 11.59
N VAL A 152 31.58 -15.09 12.73
CA VAL A 152 32.25 -15.30 14.01
C VAL A 152 31.95 -16.70 14.54
N LYS A 153 32.94 -17.61 14.48
CA LYS A 153 32.64 -19.02 14.67
C LYS A 153 33.28 -19.66 15.91
N GLY A 154 32.51 -20.52 16.57
CA GLY A 154 32.99 -21.33 17.68
C GLY A 154 33.67 -20.62 18.83
N TYR A 155 32.91 -20.20 19.82
CA TYR A 155 33.47 -19.49 20.95
C TYR A 155 32.60 -19.71 22.19
N PHE A 156 33.13 -19.40 23.36
CA PHE A 156 32.39 -19.57 24.60
C PHE A 156 33.11 -18.79 25.70
N PRO A 157 32.34 -18.18 26.61
CA PRO A 157 30.88 -18.11 26.58
C PRO A 157 30.43 -16.91 25.74
N GLU A 158 29.20 -16.48 25.94
CA GLU A 158 28.74 -15.24 25.36
C GLU A 158 29.15 -14.11 26.28
N PRO A 159 29.13 -12.86 25.77
CA PRO A 159 28.84 -12.50 24.38
C PRO A 159 30.09 -12.10 23.63
N VAL A 160 29.95 -11.79 22.35
CA VAL A 160 30.97 -11.05 21.65
C VAL A 160 30.30 -9.77 21.21
N THR A 161 31.10 -8.85 20.68
CA THR A 161 30.55 -7.61 20.17
C THR A 161 31.22 -7.29 18.84
N VAL A 162 30.41 -7.28 17.78
CA VAL A 162 30.90 -6.94 16.44
C VAL A 162 30.62 -5.47 16.13
N THR A 163 31.64 -4.76 15.70
CA THR A 163 31.47 -3.41 15.21
C THR A 163 32.08 -3.36 13.82
N TRP A 164 31.57 -2.43 13.02
CA TRP A 164 32.08 -2.23 11.68
C TRP A 164 32.85 -0.92 11.63
N ASN A 165 34.02 -0.95 11.00
CA ASN A 165 34.95 0.18 11.04
C ASN A 165 34.95 0.86 12.41
N SER A 166 35.20 0.07 13.44
CA SER A 166 35.43 0.54 14.80
C SER A 166 34.27 1.35 15.37
N GLY A 167 33.10 1.20 14.77
CA GLY A 167 31.91 1.88 15.24
C GLY A 167 31.39 2.96 14.31
N SER A 168 32.24 3.42 13.39
CA SER A 168 31.87 4.44 12.42
C SER A 168 30.72 4.00 11.56
N LEU A 169 30.93 2.89 10.85
CA LEU A 169 29.91 2.27 10.03
C LEU A 169 28.87 1.60 10.93
N SER A 170 27.69 2.20 11.05
CA SER A 170 26.69 1.66 11.95
C SER A 170 25.38 1.38 11.22
N SER A 171 25.27 1.94 10.01
CA SER A 171 24.05 1.78 9.21
C SER A 171 24.18 0.68 8.16
N GLY A 172 23.11 -0.09 7.98
CA GLY A 172 23.10 -1.13 6.97
C GLY A 172 23.61 -2.44 7.56
N VAL A 173 23.70 -2.46 8.89
CA VAL A 173 24.27 -3.57 9.62
C VAL A 173 23.19 -4.46 10.24
N HIS A 174 23.30 -5.76 9.98
CA HIS A 174 22.51 -6.74 10.67
C HIS A 174 23.45 -7.69 11.39
N THR A 175 23.30 -7.82 12.70
CA THR A 175 24.10 -8.77 13.45
C THR A 175 23.17 -9.78 14.11
N PHE A 176 23.23 -11.03 13.66
CA PHE A 176 22.25 -12.05 14.06
C PHE A 176 22.54 -12.69 15.40
N PRO A 177 21.47 -13.07 16.11
CA PRO A 177 21.65 -13.73 17.41
C PRO A 177 22.61 -14.92 17.31
N ALA A 178 23.31 -15.21 18.40
CA ALA A 178 24.22 -16.35 18.36
C ALA A 178 23.45 -17.68 18.56
N VAL A 179 23.97 -18.73 17.95
CA VAL A 179 23.39 -20.06 18.09
C VAL A 179 24.48 -21.10 18.38
N LEU A 180 24.07 -22.25 18.90
CA LEU A 180 25.01 -23.28 19.33
C LEU A 180 25.35 -24.34 18.28
N GLN A 181 26.65 -24.50 17.99
CA GLN A 181 27.17 -25.65 17.24
C GLN A 181 27.90 -26.55 18.23
N SER A 182 27.14 -27.29 19.05
CA SER A 182 27.70 -28.25 20.02
C SER A 182 27.89 -27.61 21.37
N ASP A 183 29.12 -27.18 21.61
CA ASP A 183 29.48 -26.48 22.83
C ASP A 183 29.58 -25.00 22.54
N LEU A 184 29.78 -24.68 21.27
CA LEU A 184 30.32 -23.39 20.88
C LEU A 184 29.33 -22.50 20.11
N TYR A 185 29.25 -21.24 20.54
CA TYR A 185 28.39 -20.25 19.92
C TYR A 185 28.95 -19.69 18.62
N THR A 186 28.07 -19.23 17.75
CA THR A 186 28.48 -18.66 16.49
C THR A 186 27.44 -17.66 15.94
N LEU A 187 27.95 -16.52 15.43
CA LEU A 187 27.09 -15.50 14.85
C LEU A 187 27.77 -14.83 13.66
N SER A 188 27.00 -14.03 12.94
CA SER A 188 27.48 -13.36 11.74
C SER A 188 26.88 -11.96 11.63
N SER A 189 27.57 -11.10 10.89
CA SER A 189 27.09 -9.76 10.64
C SER A 189 27.21 -9.41 9.16
N SER A 190 26.09 -8.93 8.61
CA SER A 190 26.06 -8.31 7.30
C SER A 190 26.14 -6.80 7.43
N VAL A 191 26.71 -6.15 6.41
CA VAL A 191 26.77 -4.70 6.35
C VAL A 191 26.64 -4.26 4.89
N THR A 192 25.98 -3.12 4.65
CA THR A 192 25.71 -2.67 3.28
C THR A 192 26.05 -1.20 3.04
N VAL A 193 26.68 -0.92 1.90
CA VAL A 193 27.26 0.37 1.58
C VAL A 193 27.24 0.61 0.07
N PRO A 194 27.36 1.88 -0.38
CA PRO A 194 27.38 2.11 -1.83
C PRO A 194 28.61 1.49 -2.47
N SER A 195 28.46 0.92 -3.67
CA SER A 195 29.59 0.30 -4.36
C SER A 195 30.61 1.35 -4.82
N SER A 196 30.39 2.58 -4.40
CA SER A 196 31.36 3.65 -4.62
C SER A 196 32.27 3.80 -3.42
N THR A 197 31.75 3.42 -2.25
CA THR A 197 32.47 3.55 -0.98
C THR A 197 33.39 2.36 -0.68
N TRP A 198 33.16 1.24 -1.37
CA TRP A 198 33.98 0.03 -1.24
C TRP A 198 34.15 -0.63 -2.61
N PRO A 199 35.34 -1.17 -2.91
CA PRO A 199 36.54 -1.34 -2.08
C PRO A 199 37.40 -0.10 -1.95
N SER A 200 37.19 0.89 -2.81
CA SER A 200 37.99 2.12 -2.75
C SER A 200 38.33 2.53 -1.32
N GLU A 201 37.35 2.42 -0.44
CA GLU A 201 37.54 2.71 0.98
C GLU A 201 37.33 1.46 1.81
N THR A 202 38.28 1.17 2.69
CA THR A 202 38.30 -0.10 3.39
C THR A 202 37.25 -0.22 4.50
N VAL A 203 36.61 -1.38 4.55
CA VAL A 203 35.66 -1.72 5.62
C VAL A 203 36.31 -2.79 6.49
N THR A 204 36.11 -2.71 7.81
CA THR A 204 36.72 -3.69 8.70
C THR A 204 35.79 -4.15 9.81
N CYS A 205 35.88 -5.43 10.11
CA CYS A 205 35.00 -6.10 11.05
C CYS A 205 35.78 -6.25 12.36
N ASN A 206 35.21 -5.80 13.48
CA ASN A 206 35.93 -5.82 14.75
C ASN A 206 35.21 -6.61 15.81
N VAL A 207 35.60 -7.87 15.97
CA VAL A 207 35.01 -8.72 16.99
C VAL A 207 35.79 -8.54 18.28
N ALA A 208 35.05 -8.45 19.38
CA ALA A 208 35.67 -8.38 20.69
C ALA A 208 35.00 -9.38 21.62
N HIS A 209 35.81 -10.20 22.29
CA HIS A 209 35.30 -11.25 23.15
C HIS A 209 35.81 -11.04 24.58
N PRO A 210 35.05 -10.27 25.37
CA PRO A 210 35.39 -9.88 26.74
C PRO A 210 35.88 -11.05 27.57
N ALA A 211 35.13 -12.16 27.57
CA ALA A 211 35.45 -13.27 28.46
C ALA A 211 36.85 -13.79 28.21
N SER A 212 37.19 -14.00 26.95
CA SER A 212 38.48 -14.58 26.60
C SER A 212 39.52 -13.51 26.35
N SER A 213 39.18 -12.27 26.69
CA SER A 213 40.15 -11.20 26.62
C SER A 213 40.79 -11.13 25.23
N THR A 214 39.97 -11.21 24.18
CA THR A 214 40.51 -11.07 22.84
C THR A 214 39.80 -9.99 22.04
N LYS A 215 40.56 -9.39 21.12
CA LYS A 215 40.05 -8.44 20.15
C LYS A 215 40.64 -8.82 18.83
N VAL A 216 39.81 -8.82 17.80
CA VAL A 216 40.25 -9.25 16.47
C VAL A 216 39.67 -8.33 15.38
N ASP A 217 40.53 -7.89 14.45
CA ASP A 217 40.10 -7.07 13.33
C ASP A 217 40.24 -7.87 12.05
N LYS A 218 39.24 -7.81 11.16
CA LYS A 218 39.37 -8.42 9.82
C LYS A 218 38.94 -7.49 8.69
N LYS A 219 39.89 -7.17 7.81
CA LYS A 219 39.60 -6.28 6.69
C LYS A 219 38.99 -7.10 5.58
N ILE A 220 37.93 -6.59 4.98
CA ILE A 220 37.26 -7.35 3.95
C ILE A 220 37.87 -7.07 2.59
N VAL A 221 39.05 -7.60 2.30
CA VAL A 221 39.65 -7.41 0.96
C VAL A 221 38.93 -8.26 -0.10
N PRO A 222 38.85 -7.76 -1.36
CA PRO A 222 38.06 -8.37 -2.44
C PRO A 222 38.54 -9.75 -2.91
N ARG A 223 37.65 -10.48 -3.60
CA ARG A 223 37.85 -11.89 -4.05
C ARG A 223 37.45 -12.92 -2.97
N ASP B 1 -0.76 -31.79 35.60
CA ASP B 1 -0.12 -30.68 34.91
C ASP B 1 -1.03 -30.04 33.89
N VAL B 2 -1.48 -28.84 34.22
CA VAL B 2 -2.33 -28.05 33.35
C VAL B 2 -1.50 -27.46 32.23
N LEU B 3 -1.80 -27.82 30.99
CA LEU B 3 -1.15 -27.19 29.83
C LEU B 3 -1.98 -26.03 29.28
N MET B 4 -1.41 -24.83 29.33
CA MET B 4 -2.02 -23.65 28.74
C MET B 4 -1.59 -23.50 27.30
N THR B 5 -2.53 -23.55 26.38
CA THR B 5 -2.21 -23.48 24.96
C THR B 5 -2.82 -22.24 24.29
N GLN B 6 -1.95 -21.32 23.87
CA GLN B 6 -2.38 -20.00 23.39
C GLN B 6 -2.48 -19.97 21.86
N THR B 7 -3.30 -19.06 21.33
CA THR B 7 -3.52 -18.90 19.89
C THR B 7 -3.93 -17.48 19.57
N PRO B 8 -3.35 -16.90 18.50
CA PRO B 8 -2.30 -17.48 17.68
C PRO B 8 -1.00 -17.52 18.44
N LEU B 9 0.09 -17.89 17.78
CA LEU B 9 1.38 -17.82 18.45
C LEU B 9 2.10 -16.54 18.01
N SER B 10 1.78 -16.10 16.79
CA SER B 10 2.17 -14.77 16.27
C SER B 10 0.92 -14.02 15.83
N LEU B 11 0.90 -12.71 16.03
CA LEU B 11 -0.28 -11.92 15.70
C LEU B 11 0.10 -10.57 15.14
N PRO B 12 0.20 -10.46 13.80
CA PRO B 12 0.49 -9.14 13.24
C PRO B 12 -0.72 -8.21 13.24
N VAL B 13 -0.55 -7.03 13.85
CA VAL B 13 -1.60 -6.02 13.91
C VAL B 13 -1.09 -4.64 13.46
N SER B 14 -1.99 -3.83 12.90
CA SER B 14 -1.64 -2.45 12.56
C SER B 14 -1.93 -1.57 13.77
N LEU B 15 -1.12 -0.55 13.98
CA LEU B 15 -1.32 0.28 15.17
C LEU B 15 -2.73 0.83 15.13
N GLY B 16 -3.47 0.64 16.20
CA GLY B 16 -4.85 1.06 16.27
C GLY B 16 -5.88 0.03 15.85
N ASP B 17 -5.45 -1.21 15.62
CA ASP B 17 -6.38 -2.33 15.37
C ASP B 17 -6.84 -2.93 16.68
N GLN B 18 -7.81 -3.83 16.59
CA GLN B 18 -8.10 -4.70 17.71
C GLN B 18 -7.27 -5.96 17.59
N ALA B 19 -7.11 -6.68 18.69
CA ALA B 19 -6.37 -7.92 18.66
C ALA B 19 -6.95 -8.82 19.74
N SER B 20 -7.18 -10.09 19.39
CA SER B 20 -7.58 -11.07 20.38
C SER B 20 -6.48 -12.09 20.60
N ILE B 21 -6.54 -12.74 21.75
CA ILE B 21 -5.63 -13.83 22.06
C ILE B 21 -6.39 -14.88 22.84
N SER B 22 -6.45 -16.09 22.32
CA SER B 22 -7.15 -17.14 23.02
C SER B 22 -6.18 -17.97 23.86
N CYS B 23 -6.66 -18.42 25.00
CA CYS B 23 -5.87 -19.29 25.85
C CYS B 23 -6.78 -20.35 26.45
N ARG B 24 -6.45 -21.61 26.23
CA ARG B 24 -7.28 -22.67 26.74
C ARG B 24 -6.43 -23.60 27.60
N SER B 25 -6.97 -23.97 28.77
CA SER B 25 -6.26 -24.86 29.70
C SER B 25 -6.57 -26.33 29.43
N SER B 26 -5.62 -27.19 29.72
CA SER B 26 -5.79 -28.61 29.48
C SER B 26 -6.85 -29.21 30.40
N GLN B 27 -7.25 -28.44 31.42
CA GLN B 27 -8.27 -28.89 32.34
C GLN B 27 -8.77 -27.74 33.19
N ASN B 28 -9.96 -27.93 33.75
CA ASN B 28 -10.58 -26.91 34.59
C ASN B 28 -9.63 -26.32 35.62
N ILE B 29 -9.61 -25.00 35.74
CA ILE B 29 -8.70 -24.32 36.69
C ILE B 29 -9.39 -23.47 37.77
N VAL B 30 -10.59 -23.85 38.20
CA VAL B 30 -11.27 -23.13 39.27
C VAL B 30 -10.88 -23.74 40.60
N HIS B 31 -10.01 -23.04 41.32
CA HIS B 31 -9.58 -23.45 42.67
C HIS B 31 -10.77 -23.81 43.54
N SER B 32 -10.52 -24.53 44.61
CA SER B 32 -11.61 -25.03 45.45
C SER B 32 -12.20 -23.96 46.37
N ASN B 33 -11.55 -22.80 46.42
CA ASN B 33 -12.09 -21.67 47.17
C ASN B 33 -13.01 -20.81 46.29
N GLY B 34 -13.19 -21.23 45.04
CA GLY B 34 -14.12 -20.59 44.14
C GLY B 34 -13.46 -19.63 43.16
N ASN B 35 -12.22 -19.26 43.43
CA ASN B 35 -11.50 -18.35 42.54
C ASN B 35 -10.81 -19.03 41.37
N THR B 36 -11.01 -18.49 40.18
CA THR B 36 -10.28 -18.92 39.00
C THR B 36 -9.04 -18.05 38.83
N TYR B 37 -7.88 -18.59 39.14
CA TYR B 37 -6.64 -17.82 39.02
C TYR B 37 -6.07 -17.88 37.59
N LEU B 38 -6.74 -17.19 36.68
CA LEU B 38 -6.22 -16.97 35.35
C LEU B 38 -5.64 -15.58 35.24
N GLU B 39 -4.41 -15.46 34.78
CA GLU B 39 -3.77 -14.16 34.67
C GLU B 39 -3.04 -14.00 33.33
N TRP B 40 -2.98 -12.76 32.86
CA TRP B 40 -2.28 -12.42 31.64
C TRP B 40 -1.06 -11.56 31.96
N TYR B 41 0.06 -11.86 31.31
CA TYR B 41 1.31 -11.12 31.51
C TYR B 41 1.85 -10.71 30.15
N LEU B 42 2.57 -9.59 30.11
CA LEU B 42 3.10 -9.09 28.86
C LEU B 42 4.57 -8.89 29.08
N GLN B 43 5.38 -9.38 28.14
CA GLN B 43 6.83 -9.21 28.24
C GLN B 43 7.44 -8.56 26.99
N LYS B 44 8.15 -7.47 27.19
CA LYS B 44 8.81 -6.83 26.07
C LYS B 44 10.26 -7.29 26.07
N PRO B 45 10.94 -7.18 24.92
CA PRO B 45 12.32 -7.71 24.80
C PRO B 45 13.24 -7.15 25.89
N GLY B 46 13.89 -8.03 26.65
CA GLY B 46 14.84 -7.60 27.65
C GLY B 46 14.20 -7.12 28.95
N GLN B 47 12.86 -7.07 28.97
CA GLN B 47 12.13 -6.76 30.21
C GLN B 47 11.81 -8.05 30.93
N SER B 48 11.36 -7.89 32.17
CA SER B 48 10.69 -8.98 32.84
C SER B 48 9.25 -8.92 32.36
N PRO B 49 8.47 -9.96 32.69
CA PRO B 49 7.03 -9.90 32.40
C PRO B 49 6.35 -8.90 33.33
N LYS B 50 5.19 -8.38 32.94
CA LYS B 50 4.42 -7.52 33.81
C LYS B 50 2.94 -7.85 33.74
N LEU B 51 2.27 -7.75 34.88
CA LEU B 51 0.89 -8.18 35.05
C LEU B 51 -0.15 -7.23 34.44
N LEU B 52 -0.98 -7.76 33.55
CA LEU B 52 -2.10 -7.03 32.96
C LEU B 52 -3.44 -7.41 33.60
N ILE B 53 -3.78 -8.67 33.52
CA ILE B 53 -5.04 -9.15 34.08
C ILE B 53 -4.83 -10.24 35.13
N TYR B 54 -5.71 -10.28 36.13
CA TYR B 54 -5.76 -11.33 37.13
C TYR B 54 -7.23 -11.73 37.35
N LYS B 55 -7.49 -12.87 37.97
CA LYS B 55 -8.87 -13.39 38.11
C LYS B 55 -9.73 -13.25 36.85
N VAL B 56 -9.13 -13.60 35.71
CA VAL B 56 -9.82 -13.68 34.42
C VAL B 56 -10.12 -12.34 33.75
N SER B 57 -10.82 -11.45 34.46
CA SER B 57 -11.38 -10.24 33.86
C SER B 57 -11.00 -8.92 34.55
N ASN B 58 -10.17 -9.01 35.58
CA ASN B 58 -9.72 -7.84 36.34
C ASN B 58 -8.44 -7.19 35.80
N ARG B 59 -8.53 -5.91 35.50
CA ARG B 59 -7.34 -5.12 35.17
C ARG B 59 -6.54 -4.80 36.45
N PHE B 60 -5.23 -4.97 36.37
CA PHE B 60 -4.33 -4.65 37.46
C PHE B 60 -4.16 -3.15 37.46
N SER B 61 -4.07 -2.53 38.64
CA SER B 61 -4.06 -1.06 38.72
C SER B 61 -2.91 -0.46 37.90
N GLY B 62 -3.27 0.34 36.93
CA GLY B 62 -2.28 0.94 36.04
C GLY B 62 -2.42 0.50 34.60
N VAL B 63 -3.44 -0.33 34.34
CA VAL B 63 -3.64 -0.93 33.01
C VAL B 63 -4.86 -0.33 32.32
N PRO B 64 -4.66 0.20 31.08
CA PRO B 64 -5.68 0.90 30.31
C PRO B 64 -6.85 -0.01 30.00
N ASP B 65 -8.06 0.46 30.21
CA ASP B 65 -9.23 -0.38 30.00
C ASP B 65 -9.40 -0.78 28.55
N ARG B 66 -8.45 -0.39 27.68
CA ARG B 66 -8.46 -0.90 26.32
C ARG B 66 -7.97 -2.37 26.29
N PHE B 67 -7.47 -2.83 27.43
CA PHE B 67 -7.23 -4.25 27.72
C PHE B 67 -8.41 -4.84 28.48
N SER B 68 -8.95 -5.94 28.00
CA SER B 68 -9.96 -6.65 28.77
C SER B 68 -9.83 -8.15 28.60
N GLY B 69 -10.14 -8.90 29.65
CA GLY B 69 -10.02 -10.35 29.64
C GLY B 69 -11.33 -11.03 29.98
N SER B 70 -11.66 -12.06 29.22
CA SER B 70 -12.90 -12.81 29.43
C SER B 70 -12.59 -14.29 29.54
N GLY B 71 -13.61 -15.08 29.83
CA GLY B 71 -13.46 -16.51 29.90
C GLY B 71 -14.11 -17.19 31.08
N SER B 72 -14.14 -18.51 31.04
CA SER B 72 -14.76 -19.29 32.09
C SER B 72 -14.38 -20.77 31.97
N GLY B 73 -13.99 -21.34 33.10
CA GLY B 73 -13.78 -22.77 33.15
C GLY B 73 -12.47 -23.21 32.55
N THR B 74 -12.41 -23.30 31.23
CA THR B 74 -11.19 -23.77 30.57
C THR B 74 -10.86 -22.94 29.33
N ASP B 75 -11.63 -21.88 29.10
CA ASP B 75 -11.51 -21.14 27.85
C ASP B 75 -11.51 -19.62 28.03
N PHE B 76 -10.40 -18.98 27.67
CA PHE B 76 -10.15 -17.58 28.03
C PHE B 76 -9.65 -16.70 26.87
N THR B 77 -10.01 -15.42 26.91
CA THR B 77 -9.57 -14.49 25.88
C THR B 77 -9.01 -13.17 26.43
N LEU B 78 -8.01 -12.65 25.74
CA LEU B 78 -7.54 -11.31 25.98
C LEU B 78 -7.91 -10.48 24.77
N LYS B 79 -8.54 -9.33 24.98
CA LYS B 79 -8.79 -8.42 23.87
C LYS B 79 -8.13 -7.07 24.12
N ILE B 80 -7.42 -6.59 23.11
CA ILE B 80 -6.89 -5.23 23.12
C ILE B 80 -7.54 -4.47 21.98
N SER B 81 -8.35 -3.48 22.30
CA SER B 81 -8.91 -2.61 21.27
C SER B 81 -7.95 -1.44 21.08
N ARG B 82 -7.74 -1.03 19.84
CA ARG B 82 -6.85 0.10 19.56
C ARG B 82 -5.41 -0.16 20.04
N VAL B 83 -4.74 -1.13 19.42
CA VAL B 83 -3.38 -1.48 19.78
C VAL B 83 -2.38 -0.32 19.70
N GLU B 84 -1.50 -0.22 20.71
CA GLU B 84 -0.46 0.80 20.76
C GLU B 84 0.95 0.24 20.73
N ALA B 85 1.91 1.02 20.24
CA ALA B 85 3.28 0.56 20.09
C ALA B 85 3.86 -0.01 21.39
N GLU B 86 3.35 0.48 22.52
CA GLU B 86 3.81 0.04 23.83
C GLU B 86 3.16 -1.29 24.22
N ASP B 87 2.15 -1.69 23.46
CA ASP B 87 1.50 -2.98 23.67
C ASP B 87 2.21 -4.09 22.90
N LEU B 88 3.15 -3.73 22.02
CA LEU B 88 3.89 -4.73 21.27
C LEU B 88 4.78 -5.54 22.19
N GLY B 89 4.74 -6.85 22.08
CA GLY B 89 5.57 -7.70 22.91
C GLY B 89 5.01 -9.10 22.95
N VAL B 90 5.35 -9.86 23.99
CA VAL B 90 4.89 -11.25 24.12
C VAL B 90 3.90 -11.40 25.26
N TYR B 91 2.81 -12.11 24.97
CA TYR B 91 1.72 -12.28 25.92
C TYR B 91 1.64 -13.69 26.43
N TYR B 92 1.70 -13.84 27.75
CA TYR B 92 1.53 -15.14 28.38
C TYR B 92 0.27 -15.16 29.23
N CYS B 93 -0.54 -16.19 29.09
CA CYS B 93 -1.62 -16.42 30.04
C CYS B 93 -1.09 -17.40 31.10
N PHE B 94 -1.64 -17.34 32.31
CA PHE B 94 -1.12 -18.15 33.41
C PHE B 94 -2.25 -18.66 34.28
N GLN B 95 -2.10 -19.89 34.77
CA GLN B 95 -3.01 -20.42 35.78
C GLN B 95 -2.28 -20.64 37.10
N GLY B 96 -2.93 -20.26 38.19
CA GLY B 96 -2.31 -20.34 39.50
C GLY B 96 -3.15 -21.10 40.51
N SER B 97 -3.90 -22.08 40.04
CA SER B 97 -4.77 -22.87 40.92
C SER B 97 -4.16 -24.23 41.23
N HIS B 98 -3.45 -24.78 40.25
CA HIS B 98 -2.84 -26.10 40.37
C HIS B 98 -1.33 -26.05 40.41
N VAL B 99 -0.73 -26.99 41.14
CA VAL B 99 0.71 -27.11 41.16
C VAL B 99 1.14 -28.18 40.17
N PRO B 100 2.09 -27.86 39.26
CA PRO B 100 2.84 -26.60 39.25
C PRO B 100 2.05 -25.49 38.57
N LEU B 101 2.34 -24.27 38.99
CA LEU B 101 1.85 -23.07 38.36
C LEU B 101 2.40 -23.01 36.93
N THR B 102 1.57 -22.58 35.96
CA THR B 102 2.01 -22.64 34.55
C THR B 102 1.55 -21.48 33.64
N PHE B 103 2.42 -21.13 32.70
CA PHE B 103 2.16 -20.11 31.69
C PHE B 103 2.09 -20.72 30.31
N GLY B 104 1.47 -20.01 29.37
CA GLY B 104 1.49 -20.40 27.98
C GLY B 104 2.85 -20.17 27.34
N ALA B 105 2.98 -20.63 26.11
CA ALA B 105 4.22 -20.50 25.35
C ALA B 105 4.34 -19.07 24.88
N GLY B 106 3.22 -18.34 25.04
CA GLY B 106 3.20 -16.92 24.78
C GLY B 106 2.89 -16.57 23.33
N THR B 107 2.28 -15.42 23.14
CA THR B 107 1.94 -14.94 21.80
C THR B 107 2.69 -13.66 21.48
N LYS B 108 3.22 -13.57 20.27
CA LYS B 108 4.05 -12.45 19.86
C LYS B 108 3.18 -11.41 19.18
N LEU B 109 2.89 -10.30 19.86
CA LEU B 109 2.17 -9.18 19.24
C LEU B 109 3.12 -8.31 18.42
N GLU B 110 3.01 -8.40 17.10
CA GLU B 110 3.99 -7.76 16.23
C GLU B 110 3.31 -6.76 15.31
N LEU B 111 4.11 -6.00 14.56
CA LEU B 111 3.57 -4.97 13.67
C LEU B 111 3.30 -5.49 12.26
N LYS B 112 2.15 -5.12 11.70
CA LYS B 112 1.84 -5.45 10.31
C LYS B 112 2.49 -4.42 9.39
N ARG B 113 2.64 -4.76 8.12
CA ARG B 113 3.49 -4.00 7.19
C ARG B 113 3.33 -4.51 5.76
N ALA B 114 3.53 -3.64 4.77
CA ALA B 114 3.43 -4.04 3.37
C ALA B 114 4.49 -5.07 3.07
N ASP B 115 4.14 -6.12 2.32
CA ASP B 115 5.11 -7.16 1.98
C ASP B 115 6.36 -6.59 1.32
N ALA B 116 7.45 -7.34 1.42
CA ALA B 116 8.72 -6.88 0.92
C ALA B 116 9.66 -8.05 0.73
N ALA B 117 10.18 -8.20 -0.49
CA ALA B 117 11.11 -9.27 -0.82
C ALA B 117 12.46 -9.09 -0.11
N PRO B 118 13.13 -10.20 0.16
CA PRO B 118 14.41 -10.12 0.86
C PRO B 118 15.52 -9.78 -0.13
N THR B 119 16.59 -9.17 0.37
CA THR B 119 17.79 -8.97 -0.42
C THR B 119 18.84 -10.03 -0.06
N VAL B 120 18.99 -10.99 -0.96
CA VAL B 120 19.78 -12.18 -0.70
C VAL B 120 21.23 -12.06 -1.19
N SER B 121 22.16 -12.39 -0.29
CA SER B 121 23.59 -12.38 -0.61
C SER B 121 24.25 -13.71 -0.20
N ILE B 122 24.92 -14.35 -1.15
CA ILE B 122 25.60 -15.59 -0.85
C ILE B 122 27.10 -15.34 -0.77
N PHE B 123 27.75 -16.00 0.17
CA PHE B 123 29.16 -15.75 0.43
C PHE B 123 29.98 -17.03 0.49
N PRO B 124 30.87 -17.21 -0.47
CA PRO B 124 31.82 -18.32 -0.49
C PRO B 124 32.73 -18.31 0.75
N PRO B 125 33.21 -19.50 1.19
CA PRO B 125 34.12 -19.60 2.34
C PRO B 125 35.38 -18.74 2.15
N SER B 126 35.88 -18.11 3.21
CA SER B 126 37.11 -17.30 3.11
C SER B 126 38.36 -18.16 3.15
N SER B 127 39.31 -17.88 2.25
CA SER B 127 40.54 -18.68 2.19
C SER B 127 41.13 -18.93 3.57
N GLU B 128 40.97 -17.94 4.45
CA GLU B 128 41.22 -18.08 5.89
C GLU B 128 40.67 -19.39 6.45
N GLN B 129 39.34 -19.51 6.44
CA GLN B 129 38.71 -20.70 7.00
C GLN B 129 39.07 -21.96 6.25
N LEU B 130 39.37 -21.83 4.95
CA LEU B 130 39.72 -22.98 4.10
C LEU B 130 41.12 -23.51 4.41
N THR B 131 42.08 -22.59 4.50
CA THR B 131 43.41 -22.91 4.97
C THR B 131 43.34 -23.78 6.23
N SER B 132 42.44 -23.45 7.14
CA SER B 132 42.40 -24.10 8.45
C SER B 132 41.28 -25.11 8.67
N GLY B 133 40.96 -25.88 7.63
CA GLY B 133 40.11 -27.07 7.76
C GLY B 133 38.65 -27.09 7.29
N GLY B 134 37.88 -26.06 7.64
CA GLY B 134 36.45 -26.05 7.36
C GLY B 134 35.97 -25.07 6.28
N ALA B 135 34.79 -25.34 5.73
CA ALA B 135 34.24 -24.47 4.72
C ALA B 135 32.78 -24.17 5.04
N SER B 136 32.54 -22.99 5.58
CA SER B 136 31.19 -22.51 5.80
C SER B 136 30.74 -21.58 4.69
N VAL B 137 29.57 -21.85 4.12
CA VAL B 137 28.96 -20.96 3.14
C VAL B 137 27.83 -20.16 3.78
N VAL B 138 27.96 -18.85 3.75
CA VAL B 138 26.99 -17.99 4.43
C VAL B 138 26.00 -17.36 3.46
N CYS B 139 24.76 -17.23 3.91
CA CYS B 139 23.75 -16.56 3.11
C CYS B 139 22.93 -15.60 3.97
N PHE B 140 22.85 -14.35 3.55
CA PHE B 140 22.02 -13.38 4.23
C PHE B 140 20.75 -13.08 3.43
N LEU B 141 19.61 -13.16 4.09
CA LEU B 141 18.35 -12.74 3.51
C LEU B 141 17.85 -11.56 4.35
N ASN B 142 17.82 -10.38 3.74
CA ASN B 142 17.66 -9.14 4.49
C ASN B 142 16.41 -8.28 4.24
N ASN B 143 15.77 -7.85 5.32
CA ASN B 143 14.68 -6.86 5.28
C ASN B 143 13.40 -7.29 4.55
N PHE B 144 12.80 -8.40 4.94
CA PHE B 144 11.62 -8.90 4.24
C PHE B 144 10.40 -8.87 5.14
N TYR B 145 9.23 -8.82 4.52
CA TYR B 145 7.96 -8.99 5.23
C TYR B 145 7.04 -9.69 4.26
N PRO B 146 6.28 -10.69 4.73
CA PRO B 146 6.07 -11.13 6.10
C PRO B 146 7.31 -11.78 6.69
N LYS B 147 7.20 -12.14 7.96
CA LYS B 147 8.30 -12.77 8.69
C LYS B 147 8.59 -14.20 8.23
N ASP B 148 7.56 -14.88 7.71
CA ASP B 148 7.65 -16.29 7.37
C ASP B 148 8.41 -16.52 6.07
N ILE B 149 9.50 -17.28 6.16
CA ILE B 149 10.31 -17.61 4.99
C ILE B 149 10.93 -19.01 5.08
N ASN B 150 11.29 -19.57 3.93
CA ASN B 150 11.93 -20.90 3.88
C ASN B 150 13.15 -20.98 2.97
N VAL B 151 14.25 -21.48 3.52
CA VAL B 151 15.52 -21.52 2.79
C VAL B 151 16.00 -22.95 2.49
N LYS B 152 16.35 -23.21 1.23
CA LYS B 152 16.95 -24.48 0.84
C LYS B 152 18.39 -24.30 0.36
N TRP B 153 19.24 -25.22 0.75
CA TRP B 153 20.62 -25.21 0.28
C TRP B 153 20.78 -26.30 -0.77
N LYS B 154 21.42 -25.93 -1.88
CA LYS B 154 21.56 -26.86 -2.99
C LYS B 154 22.99 -26.94 -3.48
N ILE B 155 23.54 -28.15 -3.50
CA ILE B 155 24.87 -28.37 -4.02
C ILE B 155 24.79 -29.20 -5.31
N ASP B 156 25.29 -28.61 -6.40
CA ASP B 156 25.26 -29.25 -7.71
C ASP B 156 23.88 -29.73 -8.11
N GLY B 157 22.85 -29.07 -7.59
CA GLY B 157 21.50 -29.36 -7.99
C GLY B 157 20.75 -30.13 -6.94
N SER B 158 21.49 -30.68 -5.99
CA SER B 158 20.87 -31.53 -4.97
C SER B 158 20.64 -30.81 -3.65
N GLU B 159 19.44 -30.96 -3.10
CA GLU B 159 19.16 -30.40 -1.81
C GLU B 159 20.10 -30.97 -0.75
N ARG B 160 20.44 -30.13 0.22
CA ARG B 160 21.37 -30.48 1.28
C ARG B 160 20.76 -30.14 2.65
N GLN B 161 20.29 -31.18 3.32
CA GLN B 161 19.58 -31.07 4.60
C GLN B 161 20.49 -30.70 5.79
N ASN B 162 21.59 -31.44 5.95
CA ASN B 162 22.41 -31.40 7.16
C ASN B 162 23.53 -30.35 7.23
N GLY B 163 23.62 -29.65 8.36
CA GLY B 163 24.71 -28.72 8.59
C GLY B 163 24.32 -27.27 8.40
N VAL B 164 23.03 -27.04 8.19
CA VAL B 164 22.50 -25.69 8.04
C VAL B 164 22.33 -25.05 9.41
N LEU B 165 22.72 -23.79 9.54
CA LEU B 165 22.46 -23.05 10.77
C LEU B 165 21.84 -21.66 10.57
N ASN B 166 20.61 -21.51 11.06
CA ASN B 166 19.83 -20.30 10.85
C ASN B 166 19.73 -19.42 12.08
N SER B 167 19.65 -18.12 11.82
CA SER B 167 19.36 -17.16 12.84
C SER B 167 18.53 -16.05 12.24
N TRP B 168 17.42 -15.73 12.89
CA TRP B 168 16.55 -14.63 12.46
C TRP B 168 16.66 -13.44 13.43
N THR B 169 16.59 -12.23 12.90
CA THR B 169 16.54 -11.05 13.76
C THR B 169 15.10 -10.89 14.21
N ASP B 170 14.92 -10.15 15.31
CA ASP B 170 13.59 -9.75 15.73
C ASP B 170 13.08 -8.61 14.86
N GLN B 171 11.79 -8.32 14.91
CA GLN B 171 11.26 -7.30 14.02
C GLN B 171 11.91 -5.96 14.25
N ASP B 172 12.36 -5.35 13.16
CA ASP B 172 12.99 -4.02 13.14
C ASP B 172 12.02 -2.89 13.55
N SER B 173 12.45 -2.04 14.47
CA SER B 173 11.56 -1.01 14.99
C SER B 173 11.35 0.18 14.04
N LYS B 174 12.33 0.42 13.16
CA LYS B 174 12.24 1.48 12.16
C LYS B 174 11.43 1.07 10.90
N ASP B 175 11.85 0.00 10.24
CA ASP B 175 11.20 -0.43 8.99
C ASP B 175 10.28 -1.67 9.09
N SER B 176 10.09 -2.20 10.30
CA SER B 176 9.19 -3.33 10.57
C SER B 176 9.49 -4.60 9.79
N THR B 177 10.71 -4.74 9.30
CA THR B 177 11.08 -5.91 8.49
C THR B 177 11.80 -6.95 9.33
N TYR B 178 11.91 -8.15 8.79
CA TYR B 178 12.70 -9.19 9.42
C TYR B 178 13.90 -9.51 8.56
N SER B 179 14.94 -10.04 9.18
CA SER B 179 16.12 -10.47 8.44
C SER B 179 16.57 -11.83 8.96
N MET B 180 17.36 -12.55 8.17
CA MET B 180 17.92 -13.81 8.64
C MET B 180 19.21 -14.19 7.94
N SER B 181 20.01 -14.99 8.63
CA SER B 181 21.22 -15.54 8.04
C SER B 181 21.13 -17.05 8.11
N SER B 182 21.50 -17.70 7.00
CA SER B 182 21.56 -19.16 6.95
C SER B 182 22.98 -19.59 6.62
N THR B 183 23.50 -20.57 7.36
CA THR B 183 24.89 -20.98 7.15
C THR B 183 25.12 -22.49 7.03
N LEU B 184 25.64 -22.89 5.87
CA LEU B 184 25.99 -24.26 5.56
C LEU B 184 27.45 -24.53 5.91
N THR B 185 27.69 -25.41 6.86
CA THR B 185 29.05 -25.64 7.37
C THR B 185 29.55 -27.01 6.97
N LEU B 186 30.59 -27.03 6.14
CA LEU B 186 31.13 -28.27 5.58
C LEU B 186 32.54 -28.54 6.05
N THR B 187 33.10 -29.65 5.55
CA THR B 187 34.52 -29.90 5.65
C THR B 187 35.16 -29.39 4.35
N LYS B 188 36.40 -28.89 4.42
CA LYS B 188 37.05 -28.41 3.20
C LYS B 188 36.99 -29.49 2.12
N ASP B 189 37.30 -30.71 2.52
CA ASP B 189 37.29 -31.85 1.63
C ASP B 189 35.94 -31.96 0.91
N GLU B 190 34.86 -31.96 1.67
CA GLU B 190 33.51 -32.08 1.11
C GLU B 190 33.27 -30.95 0.15
N TYR B 191 33.67 -29.76 0.57
CA TYR B 191 33.40 -28.55 -0.20
C TYR B 191 34.06 -28.65 -1.58
N GLU B 192 35.25 -29.25 -1.64
CA GLU B 192 36.01 -29.32 -2.88
C GLU B 192 35.49 -30.40 -3.81
N ARG B 193 34.58 -31.21 -3.30
CA ARG B 193 34.04 -32.33 -4.07
C ARG B 193 32.90 -31.88 -4.98
N HIS B 194 32.55 -30.59 -4.89
CA HIS B 194 31.48 -30.04 -5.70
C HIS B 194 31.85 -28.66 -6.22
N ASN B 195 31.15 -28.22 -7.26
CA ASN B 195 31.42 -26.90 -7.86
C ASN B 195 30.39 -25.81 -7.55
N SER B 196 29.14 -26.03 -7.91
CA SER B 196 28.15 -24.96 -7.78
C SER B 196 27.34 -25.04 -6.49
N TYR B 197 27.16 -23.89 -5.83
CA TYR B 197 26.41 -23.80 -4.58
C TYR B 197 25.26 -22.81 -4.69
N THR B 198 24.07 -23.26 -4.32
CA THR B 198 22.89 -22.42 -4.42
C THR B 198 22.21 -22.18 -3.09
N CYS B 199 21.73 -20.95 -2.94
CA CYS B 199 21.01 -20.51 -1.77
C CYS B 199 19.60 -20.17 -2.25
N GLU B 200 18.60 -20.90 -1.78
CA GLU B 200 17.24 -20.80 -2.32
C GLU B 200 16.22 -20.27 -1.30
N ALA B 201 15.47 -19.22 -1.66
CA ALA B 201 14.49 -18.65 -0.75
C ALA B 201 13.09 -18.53 -1.35
N THR B 202 12.15 -19.23 -0.75
CA THR B 202 10.75 -19.12 -1.11
C THR B 202 10.12 -18.20 -0.07
N HIS B 203 9.29 -17.28 -0.53
CA HIS B 203 8.71 -16.27 0.34
C HIS B 203 7.47 -15.74 -0.38
N LYS B 204 6.46 -15.33 0.38
CA LYS B 204 5.18 -15.02 -0.24
C LYS B 204 5.29 -13.91 -1.29
N THR B 205 6.37 -13.15 -1.30
CA THR B 205 6.49 -12.05 -2.24
C THR B 205 6.83 -12.51 -3.64
N SER B 206 6.79 -13.82 -3.85
CA SER B 206 7.15 -14.35 -5.16
C SER B 206 6.71 -15.80 -5.33
N THR B 207 6.24 -16.12 -6.52
CA THR B 207 5.94 -17.50 -6.85
C THR B 207 7.26 -18.20 -7.15
N SER B 208 8.16 -17.50 -7.84
CA SER B 208 9.45 -18.06 -8.20
C SER B 208 10.49 -17.81 -7.11
N PRO B 209 10.97 -18.88 -6.46
CA PRO B 209 12.04 -18.86 -5.45
C PRO B 209 13.23 -18.00 -5.84
N ILE B 210 13.64 -17.13 -4.92
CA ILE B 210 14.81 -16.28 -5.10
C ILE B 210 16.10 -17.08 -4.95
N VAL B 211 17.03 -16.88 -5.87
CA VAL B 211 18.21 -17.72 -5.91
C VAL B 211 19.51 -16.96 -6.11
N LYS B 212 20.49 -17.30 -5.28
CA LYS B 212 21.83 -16.72 -5.40
C LYS B 212 22.86 -17.82 -5.39
N SER B 213 23.66 -17.90 -6.46
CA SER B 213 24.61 -18.99 -6.63
C SER B 213 26.04 -18.56 -6.91
N PHE B 214 26.93 -19.55 -6.90
CA PHE B 214 28.31 -19.35 -7.31
C PHE B 214 28.97 -20.69 -7.60
N ASN B 215 30.01 -20.67 -8.43
CA ASN B 215 30.77 -21.87 -8.74
C ASN B 215 32.12 -21.87 -8.04
N ARG B 216 32.49 -22.99 -7.44
CA ARG B 216 33.66 -23.05 -6.57
C ARG B 216 34.98 -22.71 -7.28
N ASN B 217 35.07 -23.03 -8.57
CA ASN B 217 36.31 -22.83 -9.30
C ASN B 217 36.28 -21.62 -10.24
N GLU B 218 35.97 -20.44 -9.69
CA GLU B 218 35.88 -19.22 -10.49
C GLU B 218 36.21 -17.97 -9.68
N ALA C 2 -2.03 -31.82 44.28
CA ALA C 2 -2.95 -30.92 44.96
C ALA C 2 -2.90 -29.48 44.43
N GLU C 3 -3.72 -28.63 45.04
CA GLU C 3 -3.81 -27.23 44.66
C GLU C 3 -2.72 -26.43 45.32
N PHE C 4 -2.40 -25.28 44.72
CA PHE C 4 -1.51 -24.30 45.30
C PHE C 4 -2.24 -23.64 46.48
N ARG C 5 -1.56 -23.43 47.59
CA ARG C 5 -2.22 -22.83 48.75
C ARG C 5 -2.51 -21.35 48.53
N HIS C 6 -3.76 -20.95 48.72
CA HIS C 6 -4.14 -19.56 48.52
C HIS C 6 -4.69 -18.89 49.79
N ASP C 7 -4.90 -19.68 50.84
CA ASP C 7 -5.25 -19.13 52.15
C ASP C 7 -4.98 -20.09 53.33
N VAL D 2 -14.64 30.39 -46.94
CA VAL D 2 -14.35 28.96 -46.80
C VAL D 2 -15.00 28.29 -45.59
N THR D 3 -15.78 27.26 -45.85
CA THR D 3 -16.46 26.54 -44.78
C THR D 3 -16.49 25.04 -45.03
N LEU D 4 -16.70 24.27 -43.96
CA LEU D 4 -16.90 22.84 -44.08
C LEU D 4 -18.01 22.39 -43.11
N LYS D 5 -18.77 21.38 -43.51
CA LYS D 5 -19.87 20.84 -42.69
C LYS D 5 -19.93 19.30 -42.74
N GLU D 6 -19.67 18.66 -41.62
CA GLU D 6 -19.77 17.20 -41.58
C GLU D 6 -21.20 16.75 -41.35
N SER D 7 -21.58 15.69 -42.06
CA SER D 7 -22.88 15.05 -41.88
C SER D 7 -22.68 13.55 -41.87
N GLY D 8 -23.69 12.83 -41.41
CA GLY D 8 -23.54 11.41 -41.21
C GLY D 8 -24.43 10.94 -40.08
N PRO D 9 -24.49 9.62 -39.88
CA PRO D 9 -25.35 9.05 -38.84
C PRO D 9 -24.69 9.16 -37.48
N GLY D 10 -25.31 9.83 -36.52
CA GLY D 10 -24.90 9.70 -35.14
C GLY D 10 -25.54 8.43 -34.63
N ILE D 11 -24.84 7.65 -33.82
CA ILE D 11 -25.30 6.30 -33.43
C ILE D 11 -25.29 5.22 -34.54
N LEU D 12 -24.39 4.25 -34.36
CA LEU D 12 -24.32 3.00 -35.11
C LEU D 12 -24.20 1.89 -34.07
N GLN D 13 -24.22 0.63 -34.48
CA GLN D 13 -24.00 -0.46 -33.50
C GLN D 13 -22.77 -1.25 -33.83
N PRO D 14 -22.18 -1.89 -32.83
CA PRO D 14 -20.86 -2.49 -33.02
C PRO D 14 -20.81 -3.39 -34.24
N SER D 15 -19.87 -3.09 -35.14
CA SER D 15 -19.67 -3.82 -36.42
C SER D 15 -20.32 -3.20 -37.67
N GLN D 16 -21.28 -2.29 -37.50
CA GLN D 16 -21.92 -1.64 -38.65
C GLN D 16 -20.93 -0.73 -39.36
N THR D 17 -21.29 -0.23 -40.54
CA THR D 17 -20.36 0.61 -41.30
C THR D 17 -20.74 2.08 -41.21
N LEU D 18 -19.78 2.92 -40.83
CA LEU D 18 -20.00 4.35 -40.79
C LEU D 18 -19.61 4.93 -42.13
N SER D 19 -20.53 5.68 -42.71
CA SER D 19 -20.22 6.51 -43.88
C SER D 19 -20.43 7.98 -43.56
N LEU D 20 -19.34 8.76 -43.59
CA LEU D 20 -19.38 10.14 -43.16
C LEU D 20 -19.19 11.08 -44.35
N THR D 21 -19.93 12.18 -44.36
CA THR D 21 -19.80 13.15 -45.44
C THR D 21 -19.33 14.49 -44.95
N CYS D 22 -18.43 15.11 -45.71
CA CYS D 22 -17.96 16.45 -45.43
C CYS D 22 -18.26 17.34 -46.62
N SER D 23 -19.19 18.28 -46.46
CA SER D 23 -19.47 19.23 -47.55
C SER D 23 -18.71 20.51 -47.34
N PHE D 24 -17.91 20.89 -48.32
CA PHE D 24 -17.09 22.09 -48.17
C PHE D 24 -17.42 23.17 -49.18
N SER D 25 -16.83 24.33 -48.99
CA SER D 25 -16.89 25.40 -49.96
C SER D 25 -15.87 26.47 -49.62
N GLY D 26 -15.60 27.34 -50.58
CA GLY D 26 -14.61 28.38 -50.39
C GLY D 26 -13.34 27.95 -51.04
N PHE D 27 -13.22 26.66 -51.33
CA PHE D 27 -12.07 26.13 -52.07
C PHE D 27 -12.53 25.02 -53.00
N SER D 28 -11.59 24.48 -53.77
CA SER D 28 -11.87 23.40 -54.70
C SER D 28 -10.80 22.31 -54.61
N LEU D 29 -11.24 21.05 -54.58
CA LEU D 29 -10.28 19.96 -54.45
C LEU D 29 -9.52 19.62 -55.71
N SER D 30 -9.69 20.42 -56.76
CA SER D 30 -8.89 20.24 -57.98
C SER D 30 -7.75 21.22 -58.02
N THR D 31 -7.74 22.17 -57.08
CA THR D 31 -6.68 23.19 -56.96
C THR D 31 -5.36 22.57 -56.55
N ASN D 32 -4.35 22.73 -57.39
CA ASN D 32 -3.02 22.23 -57.10
C ASN D 32 -2.69 22.40 -55.63
N GLY D 33 -2.35 21.29 -54.96
CA GLY D 33 -1.90 21.31 -53.57
C GLY D 33 -2.98 21.01 -52.55
N MET D 34 -4.24 21.19 -52.96
CA MET D 34 -5.37 21.11 -52.05
C MET D 34 -5.54 19.71 -51.44
N GLY D 35 -6.19 19.66 -50.29
CA GLY D 35 -6.54 18.37 -49.71
C GLY D 35 -7.39 18.53 -48.45
N VAL D 36 -8.13 17.48 -48.11
CA VAL D 36 -8.84 17.46 -46.84
C VAL D 36 -8.45 16.20 -46.09
N SER D 37 -8.42 16.28 -44.77
CA SER D 37 -8.27 15.07 -43.97
C SER D 37 -9.34 15.04 -42.89
N TRP D 38 -9.41 13.94 -42.17
CA TRP D 38 -10.45 13.72 -41.18
C TRP D 38 -9.78 13.57 -39.83
N ILE D 39 -10.36 14.18 -38.81
CA ILE D 39 -9.78 14.10 -37.49
C ILE D 39 -10.93 13.91 -36.52
N ARG D 40 -10.76 13.01 -35.54
CA ARG D 40 -11.84 12.69 -34.62
C ARG D 40 -11.39 12.86 -33.20
N GLN D 41 -12.31 13.16 -32.30
CA GLN D 41 -11.92 13.41 -30.93
C GLN D 41 -12.93 12.92 -29.92
N PRO D 42 -12.54 11.93 -29.11
CA PRO D 42 -13.41 11.42 -28.03
C PRO D 42 -13.78 12.49 -26.99
N SER D 43 -14.90 12.29 -26.32
CA SER D 43 -15.39 13.24 -25.34
C SER D 43 -14.38 13.49 -24.22
N GLY D 44 -13.96 14.75 -24.09
CA GLY D 44 -13.01 15.14 -23.07
C GLY D 44 -11.64 14.55 -23.29
N LYS D 45 -11.24 14.45 -24.55
CA LYS D 45 -9.98 13.81 -24.93
C LYS D 45 -9.23 14.54 -26.01
N GLY D 46 -8.24 13.85 -26.56
CA GLY D 46 -7.38 14.40 -27.59
C GLY D 46 -7.85 14.13 -29.01
N LEU D 47 -7.26 14.89 -29.93
CA LEU D 47 -7.53 14.74 -31.34
C LEU D 47 -6.72 13.57 -31.89
N GLU D 48 -7.39 12.69 -32.63
CA GLU D 48 -6.73 11.61 -33.36
C GLU D 48 -6.96 11.78 -34.85
N TRP D 49 -5.87 11.93 -35.60
CA TRP D 49 -5.94 12.03 -37.07
C TRP D 49 -6.22 10.69 -37.76
N LEU D 50 -7.09 10.71 -38.77
CA LEU D 50 -7.63 9.47 -39.35
C LEU D 50 -7.15 9.09 -40.76
N ALA D 51 -7.30 10.02 -41.70
CA ALA D 51 -6.88 9.79 -43.08
C ALA D 51 -6.90 11.12 -43.85
N HIS D 52 -6.15 11.20 -44.94
CA HIS D 52 -6.04 12.43 -45.71
C HIS D 52 -6.03 12.16 -47.20
N ILE D 53 -6.77 12.97 -47.96
CA ILE D 53 -6.83 12.84 -49.42
C ILE D 53 -6.43 14.13 -50.17
N TYR D 54 -5.60 13.95 -51.21
CA TYR D 54 -5.04 15.06 -51.97
C TYR D 54 -5.76 15.27 -53.29
N TRP D 55 -5.48 16.41 -53.91
CA TRP D 55 -6.07 16.73 -55.20
C TRP D 55 -5.69 15.74 -56.32
N ASP D 56 -4.46 15.23 -56.31
CA ASP D 56 -4.09 14.23 -57.31
C ASP D 56 -4.55 12.80 -56.94
N GLU D 57 -5.61 12.75 -56.11
CA GLU D 57 -6.22 11.49 -55.66
C GLU D 57 -5.30 10.60 -54.80
N ASP D 58 -4.12 11.12 -54.45
CA ASP D 58 -3.28 10.43 -53.48
C ASP D 58 -4.01 10.36 -52.12
N LYS D 59 -3.65 9.39 -51.30
CA LYS D 59 -4.31 9.15 -50.02
C LYS D 59 -3.27 8.75 -49.01
N ARG D 60 -3.61 8.85 -47.73
CA ARG D 60 -2.70 8.47 -46.66
C ARG D 60 -3.52 8.17 -45.44
N TYR D 61 -3.26 7.02 -44.84
CA TYR D 61 -4.09 6.57 -43.73
C TYR D 61 -3.29 6.47 -42.43
N ASN D 62 -3.93 6.79 -41.31
CA ASN D 62 -3.43 6.41 -40.00
C ASN D 62 -3.28 4.89 -40.00
N PRO D 63 -2.03 4.41 -39.83
CA PRO D 63 -1.70 3.00 -40.05
C PRO D 63 -2.34 2.07 -39.04
N SER D 64 -2.69 2.58 -37.86
CA SER D 64 -3.28 1.72 -36.84
C SER D 64 -4.75 1.42 -37.16
N LEU D 65 -5.28 2.10 -38.17
CA LEU D 65 -6.65 1.86 -38.61
C LEU D 65 -6.74 1.55 -40.10
N LYS D 66 -5.68 1.85 -40.85
CA LYS D 66 -5.63 1.69 -42.30
C LYS D 66 -6.04 0.29 -42.74
N SER D 67 -7.30 0.14 -43.12
CA SER D 67 -7.88 -1.20 -43.23
C SER D 67 -9.36 -1.06 -43.00
N ARG D 68 -9.71 -0.44 -41.87
CA ARG D 68 -11.09 -0.12 -41.57
C ARG D 68 -11.45 1.23 -42.17
N LEU D 69 -10.48 1.88 -42.81
CA LEU D 69 -10.70 3.21 -43.37
C LEU D 69 -10.65 3.24 -44.88
N THR D 70 -11.49 4.11 -45.44
CA THR D 70 -11.48 4.41 -46.86
C THR D 70 -11.84 5.88 -47.02
N ILE D 71 -10.95 6.65 -47.66
CA ILE D 71 -11.23 8.06 -47.94
C ILE D 71 -11.40 8.31 -49.44
N SER D 72 -12.31 9.24 -49.76
CA SER D 72 -12.64 9.51 -51.16
C SER D 72 -13.24 10.89 -51.34
N LYS D 73 -13.16 11.41 -52.56
CA LYS D 73 -13.66 12.76 -52.84
C LYS D 73 -14.72 12.75 -53.92
N ASP D 74 -15.46 13.85 -53.99
CA ASP D 74 -16.33 14.16 -55.13
C ASP D 74 -16.00 15.57 -55.59
N THR D 75 -14.86 15.70 -56.27
CA THR D 75 -14.36 16.99 -56.74
C THR D 75 -15.46 17.91 -57.28
N SER D 76 -16.21 17.41 -58.26
CA SER D 76 -17.27 18.17 -58.91
C SER D 76 -18.30 18.73 -57.92
N ASN D 77 -18.63 17.93 -56.91
CA ASN D 77 -19.65 18.30 -55.92
C ASN D 77 -19.12 18.82 -54.57
N ASN D 78 -17.85 19.22 -54.54
CA ASN D 78 -17.27 19.76 -53.31
C ASN D 78 -17.58 18.92 -52.07
N GLN D 79 -17.17 17.66 -52.11
CA GLN D 79 -17.45 16.73 -51.01
C GLN D 79 -16.33 15.74 -50.75
N VAL D 80 -16.23 15.34 -49.49
CA VAL D 80 -15.22 14.38 -49.10
C VAL D 80 -15.88 13.36 -48.20
N PHE D 81 -15.70 12.09 -48.49
CA PHE D 81 -16.32 11.04 -47.69
C PHE D 81 -15.29 10.17 -46.97
N LEU D 82 -15.69 9.63 -45.82
CA LEU D 82 -14.85 8.70 -45.05
C LEU D 82 -15.70 7.53 -44.63
N LYS D 83 -15.21 6.33 -44.88
CA LYS D 83 -15.93 5.13 -44.46
C LYS D 83 -15.12 4.33 -43.46
N ILE D 84 -15.75 3.96 -42.34
CA ILE D 84 -15.10 3.10 -41.37
C ILE D 84 -15.89 1.81 -41.21
N THR D 85 -15.29 0.71 -41.64
CA THR D 85 -15.91 -0.60 -41.56
C THR D 85 -15.77 -1.22 -40.16
N ASN D 86 -16.72 -2.06 -39.77
CA ASN D 86 -16.64 -2.77 -38.50
C ASN D 86 -16.31 -1.81 -37.34
N VAL D 87 -17.24 -0.93 -36.99
CA VAL D 87 -16.95 0.02 -35.92
C VAL D 87 -17.14 -0.64 -34.56
N ASP D 88 -16.58 -0.03 -33.53
CA ASP D 88 -16.87 -0.46 -32.17
C ASP D 88 -16.91 0.74 -31.24
N THR D 89 -17.26 0.51 -29.98
CA THR D 89 -17.44 1.57 -29.02
C THR D 89 -16.24 2.54 -29.02
N ALA D 90 -15.06 2.05 -29.36
CA ALA D 90 -13.86 2.88 -29.42
C ALA D 90 -13.98 4.02 -30.44
N ASP D 91 -14.83 3.84 -31.44
CA ASP D 91 -15.00 4.82 -32.49
C ASP D 91 -16.02 5.87 -32.08
N THR D 92 -16.47 5.81 -30.84
CA THR D 92 -17.31 6.86 -30.30
C THR D 92 -16.51 8.13 -30.22
N ALA D 93 -16.98 9.19 -30.87
CA ALA D 93 -16.23 10.42 -30.90
C ALA D 93 -16.94 11.50 -31.71
N THR D 94 -16.38 12.71 -31.69
CA THR D 94 -16.74 13.75 -32.64
C THR D 94 -15.76 13.77 -33.82
N TYR D 95 -16.30 13.77 -35.05
CA TYR D 95 -15.46 13.70 -36.25
C TYR D 95 -15.42 15.03 -36.98
N TYR D 96 -14.23 15.57 -37.17
CA TYR D 96 -14.05 16.78 -37.94
C TYR D 96 -13.40 16.43 -39.27
N CYS D 97 -13.63 17.29 -40.25
CA CYS D 97 -12.77 17.38 -41.43
C CYS D 97 -12.13 18.76 -41.44
N ALA D 98 -10.83 18.82 -41.69
CA ALA D 98 -10.11 20.08 -41.78
C ALA D 98 -9.49 20.18 -43.18
N ARG D 99 -9.26 21.41 -43.65
CA ARG D 99 -8.55 21.55 -44.90
C ARG D 99 -7.06 21.63 -44.65
N ARG D 100 -6.27 21.14 -45.59
CA ARG D 100 -4.82 21.24 -45.50
C ARG D 100 -4.18 21.11 -46.86
N ARG D 101 -3.53 22.18 -47.30
CA ARG D 101 -2.86 22.22 -48.58
C ARG D 101 -1.36 22.11 -48.34
N ILE D 102 -0.63 21.72 -49.38
CA ILE D 102 0.80 21.54 -49.26
C ILE D 102 1.52 22.29 -50.39
N ILE D 103 2.61 21.71 -50.89
CA ILE D 103 3.49 22.37 -51.87
C ILE D 103 4.15 23.63 -51.29
N TYR D 104 3.34 24.62 -50.89
CA TYR D 104 3.85 25.84 -50.27
C TYR D 104 3.69 25.81 -48.75
N ASP D 105 4.82 25.82 -48.06
CA ASP D 105 4.83 25.56 -46.62
C ASP D 105 4.09 26.64 -45.82
N VAL D 106 3.79 27.76 -46.46
CA VAL D 106 3.16 28.88 -45.77
C VAL D 106 1.63 28.78 -45.84
N GLU D 107 1.15 27.67 -46.40
CA GLU D 107 -0.27 27.42 -46.51
C GLU D 107 -0.53 26.04 -45.94
N ASP D 108 0.57 25.38 -45.58
CA ASP D 108 0.57 23.97 -45.19
C ASP D 108 0.25 23.79 -43.73
N TYR D 109 -1.05 23.78 -43.42
CA TYR D 109 -1.57 23.56 -42.07
C TYR D 109 -3.07 23.35 -42.12
N PHE D 110 -3.67 23.10 -40.97
CA PHE D 110 -5.13 22.95 -40.89
C PHE D 110 -5.75 24.29 -40.54
N ASP D 111 -6.00 25.14 -41.54
CA ASP D 111 -6.61 26.45 -41.25
C ASP D 111 -8.12 26.42 -41.00
N TYR D 112 -8.85 25.53 -41.69
CA TYR D 112 -10.30 25.49 -41.58
C TYR D 112 -10.88 24.13 -41.22
N TRP D 113 -11.74 24.12 -40.19
CA TRP D 113 -12.32 22.90 -39.66
C TRP D 113 -13.83 23.00 -39.71
N GLY D 114 -14.51 21.86 -39.81
CA GLY D 114 -15.96 21.79 -39.72
C GLY D 114 -16.46 21.99 -38.30
N GLN D 115 -17.77 21.97 -38.10
CA GLN D 115 -18.35 22.19 -36.79
C GLN D 115 -18.23 20.93 -35.96
N GLY D 116 -17.96 19.82 -36.66
CA GLY D 116 -17.83 18.51 -36.04
C GLY D 116 -19.15 17.77 -35.96
N THR D 117 -19.18 16.52 -36.37
CA THR D 117 -20.38 15.72 -36.17
C THR D 117 -20.12 14.58 -35.17
N THR D 118 -21.18 14.14 -34.51
CA THR D 118 -21.09 13.22 -33.38
C THR D 118 -21.44 11.74 -33.67
N LEU D 119 -20.62 10.82 -33.17
CA LEU D 119 -20.96 9.40 -33.26
C LEU D 119 -20.91 8.71 -31.90
N THR D 120 -21.91 7.87 -31.63
CA THR D 120 -21.91 7.02 -30.46
C THR D 120 -21.98 5.60 -30.99
N VAL D 121 -21.04 4.73 -30.62
CA VAL D 121 -21.18 3.30 -30.93
C VAL D 121 -21.55 2.50 -29.68
N SER D 122 -22.67 1.79 -29.74
CA SER D 122 -23.27 1.17 -28.58
C SER D 122 -24.30 0.14 -29.05
N SER D 123 -24.54 -0.88 -28.25
CA SER D 123 -25.54 -1.87 -28.61
C SER D 123 -26.64 -1.82 -27.59
N ALA D 124 -26.52 -0.82 -26.74
CA ALA D 124 -27.60 -0.51 -25.87
C ALA D 124 -28.77 -0.08 -26.74
N LYS D 125 -29.98 -0.38 -26.28
CA LYS D 125 -31.17 0.05 -27.02
C LYS D 125 -31.74 1.35 -26.46
N THR D 126 -32.49 2.09 -27.27
CA THR D 126 -33.14 3.28 -26.76
C THR D 126 -33.78 2.98 -25.40
N THR D 127 -33.46 3.80 -24.41
CA THR D 127 -33.91 3.56 -23.05
C THR D 127 -34.23 4.89 -22.40
N PRO D 128 -35.34 4.94 -21.64
CA PRO D 128 -35.80 6.15 -20.96
C PRO D 128 -35.22 6.23 -19.58
N PRO D 129 -35.04 7.46 -19.07
CA PRO D 129 -34.38 7.64 -17.78
C PRO D 129 -35.25 7.15 -16.64
N SER D 130 -34.62 6.83 -15.51
CA SER D 130 -35.35 6.78 -14.25
C SER D 130 -35.05 8.08 -13.51
N VAL D 131 -36.10 8.78 -13.08
CA VAL D 131 -35.91 10.06 -12.40
C VAL D 131 -36.25 10.01 -10.91
N TYR D 132 -35.30 10.45 -10.09
CA TYR D 132 -35.42 10.34 -8.66
C TYR D 132 -35.23 11.71 -8.01
N PRO D 133 -36.22 12.16 -7.24
CA PRO D 133 -36.21 13.41 -6.47
C PRO D 133 -35.31 13.28 -5.25
N LEU D 134 -34.31 14.17 -5.14
CA LEU D 134 -33.43 14.15 -3.99
C LEU D 134 -33.77 15.27 -3.01
N ALA D 135 -34.53 14.91 -1.98
CA ALA D 135 -34.81 15.80 -0.86
C ALA D 135 -33.76 15.62 0.26
N PRO D 136 -33.53 16.68 1.07
CA PRO D 136 -32.43 16.73 2.05
C PRO D 136 -32.48 15.67 3.18
N GLY D 137 -31.39 15.60 3.97
CA GLY D 137 -31.24 14.65 5.06
C GLY D 137 -32.49 14.41 5.90
N SER D 144 -30.97 28.57 6.44
CA SER D 144 -30.46 29.70 5.66
C SER D 144 -30.65 29.49 4.13
N MET D 145 -29.96 28.46 3.61
CA MET D 145 -30.09 27.99 2.23
C MET D 145 -30.48 26.53 2.23
N VAL D 146 -31.18 26.08 1.20
CA VAL D 146 -31.48 24.67 1.06
C VAL D 146 -31.10 24.20 -0.35
N THR D 147 -30.41 23.06 -0.44
CA THR D 147 -30.06 22.51 -1.74
C THR D 147 -30.81 21.22 -2.05
N LEU D 148 -31.57 21.24 -3.14
CA LEU D 148 -32.33 20.11 -3.62
C LEU D 148 -31.60 19.51 -4.80
N GLY D 149 -31.83 18.24 -5.09
CA GLY D 149 -31.14 17.58 -6.17
C GLY D 149 -32.08 16.69 -6.92
N CYS D 150 -31.58 16.11 -8.02
CA CYS D 150 -32.40 15.26 -8.88
C CYS D 150 -31.49 14.38 -9.70
N LEU D 151 -31.75 13.07 -9.64
CA LEU D 151 -30.87 12.09 -10.26
C LEU D 151 -31.56 11.49 -11.48
N VAL D 152 -30.87 11.53 -12.62
CA VAL D 152 -31.40 10.95 -13.86
C VAL D 152 -30.57 9.73 -14.29
N LYS D 153 -31.14 8.53 -14.12
CA LYS D 153 -30.32 7.31 -14.17
C LYS D 153 -30.64 6.34 -15.33
N GLY D 154 -29.59 5.77 -15.92
CA GLY D 154 -29.70 4.74 -16.95
C GLY D 154 -30.60 5.05 -18.14
N TYR D 155 -30.03 5.64 -19.18
CA TYR D 155 -30.81 5.96 -20.37
C TYR D 155 -29.89 5.98 -21.58
N PHE D 156 -30.48 5.95 -22.77
CA PHE D 156 -29.71 5.95 -24.01
C PHE D 156 -30.66 6.30 -25.15
N PRO D 157 -30.19 7.08 -26.12
CA PRO D 157 -28.87 7.72 -26.12
C PRO D 157 -28.94 9.06 -25.41
N GLU D 158 -27.96 9.92 -25.69
CA GLU D 158 -28.03 11.29 -25.23
C GLU D 158 -28.83 12.08 -26.23
N PRO D 159 -29.29 13.27 -25.84
CA PRO D 159 -29.17 13.84 -24.51
C PRO D 159 -30.48 13.78 -23.75
N VAL D 160 -30.49 14.25 -22.51
CA VAL D 160 -31.73 14.61 -21.84
C VAL D 160 -31.61 16.08 -21.56
N THR D 161 -32.70 16.68 -21.11
CA THR D 161 -32.70 18.09 -20.74
C THR D 161 -33.43 18.26 -19.42
N VAL D 162 -32.71 18.67 -18.37
CA VAL D 162 -33.32 18.93 -17.07
C VAL D 162 -33.62 20.42 -16.92
N THR D 163 -34.86 20.72 -16.54
CA THR D 163 -35.22 22.06 -16.15
C THR D 163 -35.85 22.00 -14.78
N TRP D 164 -35.72 23.10 -14.05
CA TRP D 164 -36.29 23.21 -12.72
C TRP D 164 -37.49 24.13 -12.79
N ASN D 165 -38.57 23.73 -12.11
CA ASN D 165 -39.85 24.42 -12.25
C ASN D 165 -40.09 24.93 -13.68
N SER D 166 -40.01 23.99 -14.62
CA SER D 166 -40.39 24.20 -16.01
C SER D 166 -39.61 25.32 -16.69
N GLY D 167 -38.49 25.70 -16.09
CA GLY D 167 -37.65 26.74 -16.68
C GLY D 167 -37.59 28.02 -15.85
N SER D 168 -38.57 28.20 -14.96
CA SER D 168 -38.63 29.38 -14.09
C SER D 168 -37.39 29.46 -13.22
N LEU D 169 -37.18 28.42 -12.42
CA LEU D 169 -36.02 28.34 -11.56
C LEU D 169 -34.79 28.04 -12.42
N SER D 170 -33.95 29.05 -12.62
CA SER D 170 -32.79 28.85 -13.48
C SER D 170 -31.49 29.18 -12.77
N SER D 171 -31.61 29.86 -11.62
CA SER D 171 -30.42 30.23 -10.84
C SER D 171 -30.14 29.25 -9.71
N GLY D 172 -28.87 29.00 -9.46
CA GLY D 172 -28.47 28.14 -8.36
C GLY D 172 -28.44 26.68 -8.80
N VAL D 173 -28.49 26.51 -10.11
CA VAL D 173 -28.59 25.20 -10.74
C VAL D 173 -27.26 24.75 -11.31
N HIS D 174 -26.85 23.54 -10.93
CA HIS D 174 -25.72 22.86 -11.54
C HIS D 174 -26.23 21.57 -12.13
N THR D 175 -26.01 21.38 -13.43
CA THR D 175 -26.38 20.13 -14.06
C THR D 175 -25.12 19.52 -14.67
N PHE D 176 -24.71 18.37 -14.13
CA PHE D 176 -23.41 17.76 -14.45
C PHE D 176 -23.41 16.93 -15.71
N PRO D 177 -22.28 16.93 -16.41
CA PRO D 177 -22.17 16.13 -17.63
C PRO D 177 -22.58 14.68 -17.39
N ALA D 178 -23.11 14.04 -18.42
CA ALA D 178 -23.51 12.66 -18.26
C ALA D 178 -22.31 11.74 -18.36
N VAL D 179 -22.39 10.62 -17.65
CA VAL D 179 -21.34 9.61 -17.68
C VAL D 179 -21.94 8.20 -17.84
N LEU D 180 -21.12 7.26 -18.29
CA LEU D 180 -21.58 5.90 -18.58
C LEU D 180 -21.50 4.93 -17.42
N GLN D 181 -22.63 4.30 -17.06
CA GLN D 181 -22.67 3.10 -16.22
C GLN D 181 -22.99 1.88 -17.10
N SER D 182 -22.01 1.42 -17.88
CA SER D 182 -22.14 0.24 -18.73
C SER D 182 -22.55 0.62 -20.14
N ASP D 183 -23.85 0.55 -20.37
CA ASP D 183 -24.42 0.91 -21.66
C ASP D 183 -25.09 2.26 -21.54
N LEU D 184 -25.42 2.58 -20.29
CA LEU D 184 -26.40 3.61 -19.97
C LEU D 184 -25.86 4.89 -19.32
N TYR D 185 -26.27 6.03 -19.87
CA TYR D 185 -25.84 7.32 -19.35
C TYR D 185 -26.60 7.71 -18.10
N THR D 186 -25.96 8.55 -17.29
CA THR D 186 -26.59 9.07 -16.08
C THR D 186 -26.02 10.44 -15.67
N LEU D 187 -26.92 11.34 -15.28
CA LEU D 187 -26.54 12.68 -14.81
C LEU D 187 -27.44 13.16 -13.66
N SER D 188 -27.02 14.25 -13.02
CA SER D 188 -27.75 14.77 -11.87
C SER D 188 -27.76 16.29 -11.90
N SER D 189 -28.75 16.88 -11.24
CA SER D 189 -28.81 18.33 -11.11
C SER D 189 -29.08 18.76 -9.68
N SER D 190 -28.24 19.68 -9.20
CA SER D 190 -28.45 20.37 -7.95
C SER D 190 -29.08 21.73 -8.20
N VAL D 191 -29.87 22.18 -7.25
CA VAL D 191 -30.49 23.51 -7.32
C VAL D 191 -30.56 24.09 -5.90
N THR D 192 -30.42 25.42 -5.77
CA THR D 192 -30.36 26.05 -4.46
C THR D 192 -31.26 27.31 -4.35
N VAL D 193 -31.94 27.43 -3.22
CA VAL D 193 -32.98 28.43 -3.02
C VAL D 193 -33.07 28.79 -1.54
N PRO D 194 -33.66 29.95 -1.19
CA PRO D 194 -33.79 30.28 0.23
C PRO D 194 -34.69 29.29 0.95
N SER D 195 -34.35 28.93 2.18
CA SER D 195 -35.16 28.01 2.95
C SER D 195 -36.50 28.62 3.36
N SER D 196 -36.77 29.80 2.81
CA SER D 196 -38.07 30.44 2.97
C SER D 196 -38.95 30.10 1.78
N THR D 197 -38.30 29.86 0.63
CA THR D 197 -39.01 29.58 -0.62
C THR D 197 -39.40 28.10 -0.79
N TRP D 198 -38.75 27.23 -0.02
CA TRP D 198 -39.05 25.79 -0.02
C TRP D 198 -38.98 25.26 1.42
N PRO D 199 -39.88 24.31 1.79
CA PRO D 199 -40.91 23.61 1.00
C PRO D 199 -42.19 24.41 0.79
N SER D 200 -42.38 25.49 1.53
CA SER D 200 -43.59 26.31 1.40
C SER D 200 -44.05 26.44 -0.06
N GLU D 201 -43.09 26.63 -0.96
CA GLU D 201 -43.36 26.68 -2.38
C GLU D 201 -42.68 25.52 -3.08
N THR D 202 -43.44 24.82 -3.93
CA THR D 202 -42.96 23.59 -4.54
C THR D 202 -41.93 23.78 -5.65
N VAL D 203 -40.87 22.96 -5.60
CA VAL D 203 -39.87 22.91 -6.65
C VAL D 203 -40.03 21.59 -7.41
N THR D 204 -39.86 21.61 -8.73
CA THR D 204 -40.05 20.39 -9.51
C THR D 204 -38.99 20.23 -10.60
N CYS D 205 -38.59 18.99 -10.81
CA CYS D 205 -37.49 18.62 -11.69
C CYS D 205 -38.13 18.06 -12.95
N ASN D 206 -37.75 18.57 -14.11
CA ASN D 206 -38.42 18.15 -15.35
C ASN D 206 -37.45 17.59 -16.37
N VAL D 207 -37.33 16.27 -16.39
CA VAL D 207 -36.44 15.63 -17.33
C VAL D 207 -37.19 15.35 -18.62
N ALA D 208 -36.53 15.62 -19.74
CA ALA D 208 -37.11 15.34 -21.04
C ALA D 208 -36.10 14.60 -21.89
N HIS D 209 -36.54 13.48 -22.46
CA HIS D 209 -35.64 12.61 -23.25
C HIS D 209 -36.15 12.47 -24.67
N PRO D 210 -35.72 13.39 -25.55
CA PRO D 210 -36.19 13.52 -26.94
C PRO D 210 -36.19 12.20 -27.65
N ALA D 211 -35.09 11.45 -27.52
CA ALA D 211 -34.93 10.23 -28.31
C ALA D 211 -36.03 9.25 -27.99
N SER D 212 -36.27 9.03 -26.71
CA SER D 212 -37.24 8.03 -26.29
C SER D 212 -38.62 8.64 -26.13
N SER D 213 -38.78 9.87 -26.58
CA SER D 213 -40.08 10.50 -26.59
C SER D 213 -40.71 10.41 -25.21
N THR D 214 -39.95 10.76 -24.17
CA THR D 214 -40.52 10.81 -22.82
C THR D 214 -40.28 12.15 -22.14
N LYS D 215 -41.23 12.49 -21.26
CA LYS D 215 -41.14 13.67 -20.41
C LYS D 215 -41.55 13.21 -19.04
N VAL D 216 -40.82 13.64 -18.02
CA VAL D 216 -41.07 13.20 -16.64
C VAL D 216 -40.91 14.34 -15.67
N ASP D 217 -41.88 14.51 -14.78
CA ASP D 217 -41.82 15.54 -13.74
C ASP D 217 -41.65 14.88 -12.37
N LYS D 218 -40.76 15.40 -11.53
CA LYS D 218 -40.67 14.92 -10.14
C LYS D 218 -40.65 16.03 -9.10
N LYS D 219 -41.66 16.06 -8.24
CA LYS D 219 -41.74 17.08 -7.20
C LYS D 219 -40.86 16.66 -6.05
N ILE D 220 -40.07 17.60 -5.52
CA ILE D 220 -39.18 17.27 -4.44
C ILE D 220 -39.88 17.44 -3.09
N VAL D 221 -40.77 16.52 -2.72
CA VAL D 221 -41.43 16.59 -1.41
C VAL D 221 -40.44 16.19 -0.29
N PRO D 222 -40.59 16.78 0.92
CA PRO D 222 -39.64 16.62 2.04
C PRO D 222 -39.55 15.20 2.64
N ARG D 223 -38.46 14.92 3.36
CA ARG D 223 -38.11 13.59 3.92
C ARG D 223 -37.34 12.70 2.94
N ASP E 1 5.68 6.23 -34.26
CA ASP E 1 4.65 7.09 -33.67
C ASP E 1 5.24 8.14 -32.75
N VAL E 2 5.19 9.39 -33.21
CA VAL E 2 5.66 10.53 -32.43
C VAL E 2 4.63 10.87 -31.38
N LEU E 3 5.03 10.78 -30.11
CA LEU E 3 4.17 11.20 -29.00
C LEU E 3 4.52 12.63 -28.58
N MET E 4 3.53 13.52 -28.72
CA MET E 4 3.64 14.90 -28.25
C MET E 4 3.15 14.97 -26.80
N THR E 5 4.05 15.38 -25.89
CA THR E 5 3.70 15.46 -24.46
C THR E 5 3.78 16.90 -23.94
N GLN E 6 2.63 17.45 -23.61
CA GLN E 6 2.52 18.87 -23.25
C GLN E 6 2.56 19.08 -21.74
N THR E 7 2.97 20.29 -21.33
CA THR E 7 3.09 20.64 -19.91
C THR E 7 2.91 22.13 -19.73
N PRO E 8 2.15 22.54 -18.70
CA PRO E 8 1.39 21.69 -17.78
C PRO E 8 0.21 21.11 -18.52
N LEU E 9 -0.66 20.41 -17.82
CA LEU E 9 -1.87 19.91 -18.45
C LEU E 9 -3.02 20.84 -18.12
N SER E 10 -2.90 21.49 -16.95
CA SER E 10 -3.79 22.58 -16.54
C SER E 10 -2.93 23.80 -16.19
N LEU E 11 -3.39 25.00 -16.52
CA LEU E 11 -2.62 26.22 -16.29
C LEU E 11 -3.47 27.38 -15.81
N PRO E 12 -3.63 27.55 -14.50
CA PRO E 12 -4.42 28.71 -14.05
C PRO E 12 -3.66 30.03 -14.18
N VAL E 13 -4.25 30.99 -14.89
CA VAL E 13 -3.68 32.33 -15.07
C VAL E 13 -4.68 33.44 -14.74
N SER E 14 -4.18 34.58 -14.27
CA SER E 14 -5.04 35.74 -14.04
C SER E 14 -5.07 36.53 -15.33
N LEU E 15 -6.20 37.15 -15.62
CA LEU E 15 -6.31 37.87 -16.87
C LEU E 15 -5.22 38.92 -16.92
N GLY E 16 -4.45 38.92 -18.00
CA GLY E 16 -3.33 39.83 -18.14
C GLY E 16 -1.99 39.32 -17.64
N ASP E 17 -1.93 38.03 -17.27
CA ASP E 17 -0.65 37.38 -16.96
C ASP E 17 0.03 36.88 -18.23
N GLN E 18 1.27 36.44 -18.07
CA GLN E 18 1.88 35.65 -19.11
C GLN E 18 1.58 34.18 -18.85
N ALA E 19 1.75 33.36 -19.87
CA ALA E 19 1.54 31.94 -19.72
C ALA E 19 2.44 31.24 -20.72
N SER E 20 3.13 30.19 -20.26
CA SER E 20 3.87 29.35 -21.18
C SER E 20 3.25 27.97 -21.29
N ILE E 21 3.59 27.27 -22.36
CA ILE E 21 3.15 25.91 -22.55
C ILE E 21 4.27 25.16 -23.25
N SER E 22 4.77 24.12 -22.62
CA SER E 22 5.82 23.37 -23.24
C SER E 22 5.24 22.15 -23.96
N CYS E 23 5.87 21.79 -25.06
CA CYS E 23 5.48 20.62 -25.82
C CYS E 23 6.74 19.96 -26.34
N ARG E 24 6.93 18.69 -26.00
CA ARG E 24 8.11 17.97 -26.45
C ARG E 24 7.68 16.71 -27.21
N SER E 25 8.32 16.46 -28.36
CA SER E 25 8.02 15.29 -29.18
C SER E 25 8.87 14.09 -28.79
N SER E 26 8.33 12.89 -28.98
CA SER E 26 9.04 11.69 -28.60
C SER E 26 10.23 11.46 -29.50
N GLN E 27 10.32 12.21 -30.59
CA GLN E 27 11.45 12.10 -31.50
C GLN E 27 11.50 13.28 -32.45
N ASN E 28 12.67 13.50 -33.05
CA ASN E 28 12.88 14.61 -33.97
C ASN E 28 11.80 14.71 -35.04
N ILE E 29 11.27 15.90 -35.26
CA ILE E 29 10.19 16.08 -36.25
C ILE E 29 10.52 17.04 -37.39
N VAL E 30 11.78 17.11 -37.81
CA VAL E 30 12.14 17.92 -38.98
C VAL E 30 12.03 17.09 -40.22
N HIS E 31 10.96 17.32 -40.98
CA HIS E 31 10.76 16.68 -42.27
C HIS E 31 12.00 16.72 -43.14
N SER E 32 12.07 15.86 -44.16
CA SER E 32 13.28 15.73 -44.97
C SER E 32 13.43 16.85 -46.01
N ASN E 33 12.40 17.68 -46.14
CA ASN E 33 12.47 18.85 -47.00
C ASN E 33 13.00 20.06 -46.22
N GLY E 34 13.27 19.85 -44.94
CA GLY E 34 13.87 20.88 -44.10
C GLY E 34 12.88 21.62 -43.22
N ASN E 35 11.59 21.43 -43.47
CA ASN E 35 10.59 22.10 -42.67
C ASN E 35 10.17 21.32 -41.44
N THR E 36 10.14 22.01 -40.31
CA THR E 36 9.62 21.45 -39.07
C THR E 36 8.14 21.80 -38.93
N TYR E 37 7.28 20.82 -39.19
CA TYR E 37 5.83 21.04 -39.09
C TYR E 37 5.31 20.91 -37.67
N LEU E 38 5.66 21.91 -36.84
CA LEU E 38 5.07 22.02 -35.51
C LEU E 38 4.01 23.11 -35.51
N GLU E 39 2.82 22.78 -35.02
CA GLU E 39 1.74 23.74 -35.02
C GLU E 39 0.98 23.73 -33.70
N TRP E 40 0.44 24.88 -33.32
CA TRP E 40 -0.36 25.04 -32.12
C TRP E 40 -1.80 25.33 -32.50
N TYR E 41 -2.73 24.68 -31.81
CA TYR E 41 -4.16 24.88 -32.04
C TYR E 41 -4.85 25.20 -30.72
N LEU E 42 -5.93 25.96 -30.78
CA LEU E 42 -6.64 26.34 -29.56
C LEU E 42 -8.06 25.95 -29.76
N GLN E 43 -8.65 25.28 -28.76
CA GLN E 43 -10.03 24.86 -28.85
C GLN E 43 -10.86 25.34 -27.66
N LYS E 44 -11.93 26.05 -27.92
CA LYS E 44 -12.82 26.45 -26.85
C LYS E 44 -13.95 25.45 -26.77
N PRO E 45 -14.64 25.40 -25.62
CA PRO E 45 -15.73 24.42 -25.44
C PRO E 45 -16.79 24.52 -26.54
N GLY E 46 -17.04 23.39 -27.21
CA GLY E 46 -18.07 23.33 -28.24
C GLY E 46 -17.64 23.90 -29.57
N GLN E 47 -16.41 24.44 -29.63
CA GLN E 47 -15.84 24.89 -30.91
C GLN E 47 -15.06 23.76 -31.52
N SER E 48 -14.70 23.95 -32.78
CA SER E 48 -13.64 23.14 -33.34
C SER E 48 -12.35 23.81 -32.91
N PRO E 49 -11.22 23.13 -33.16
CA PRO E 49 -9.92 23.76 -32.94
C PRO E 49 -9.65 24.85 -33.99
N LYS E 50 -8.77 25.79 -33.66
CA LYS E 50 -8.38 26.83 -34.61
C LYS E 50 -6.89 27.11 -34.54
N LEU E 51 -6.31 27.37 -35.70
CA LEU E 51 -4.86 27.46 -35.88
C LEU E 51 -4.27 28.78 -35.37
N LEU E 52 -3.32 28.68 -34.45
CA LEU E 52 -2.57 29.84 -33.96
C LEU E 52 -1.17 29.92 -34.59
N ILE E 53 -0.37 28.88 -34.38
CA ILE E 53 0.99 28.87 -34.91
C ILE E 53 1.22 27.69 -35.86
N TYR E 54 2.07 27.91 -36.86
CA TYR E 54 2.53 26.87 -37.79
C TYR E 54 4.04 27.05 -38.01
N LYS E 55 4.71 26.02 -38.52
CA LYS E 55 6.17 26.05 -38.66
C LYS E 55 6.91 26.63 -37.44
N VAL E 56 6.51 26.19 -36.25
CA VAL E 56 7.16 26.50 -34.97
C VAL E 56 6.93 27.91 -34.41
N SER E 57 7.23 28.93 -35.22
CA SER E 57 7.27 30.31 -34.76
C SER E 57 6.43 31.31 -35.57
N ASN E 58 5.69 30.82 -36.55
CA ASN E 58 4.85 31.67 -37.40
C ASN E 58 3.42 31.84 -36.89
N ARG E 59 2.99 33.08 -36.73
CA ARG E 59 1.59 33.36 -36.41
C ARG E 59 0.77 33.21 -37.70
N PHE E 60 -0.40 32.60 -37.58
CA PHE E 60 -1.35 32.45 -38.68
C PHE E 60 -2.08 33.77 -38.84
N SER E 61 -2.36 34.19 -40.08
CA SER E 61 -2.92 35.51 -40.29
C SER E 61 -4.23 35.70 -39.50
N GLY E 62 -4.20 36.65 -38.58
CA GLY E 62 -5.35 36.95 -37.74
C GLY E 62 -5.06 36.75 -36.26
N VAL E 63 -3.83 36.38 -35.96
CA VAL E 63 -3.45 36.03 -34.59
C VAL E 63 -2.58 37.12 -33.97
N PRO E 64 -2.99 37.64 -32.80
CA PRO E 64 -2.30 38.73 -32.09
C PRO E 64 -0.87 38.36 -31.74
N ASP E 65 0.08 39.24 -32.02
CA ASP E 65 1.46 38.93 -31.76
C ASP E 65 1.75 38.75 -30.28
N ARG E 66 0.72 38.83 -29.43
CA ARG E 66 0.92 38.50 -28.03
C ARG E 66 1.02 36.97 -27.86
N PHE E 67 0.74 36.25 -28.95
CA PHE E 67 1.05 34.82 -29.09
C PHE E 67 2.37 34.66 -29.83
N SER E 68 3.28 33.88 -29.27
CA SER E 68 4.51 33.55 -29.99
C SER E 68 4.96 32.13 -29.66
N GLY E 69 5.53 31.47 -30.65
CA GLY E 69 5.99 30.09 -30.49
C GLY E 69 7.47 29.94 -30.79
N SER E 70 8.16 29.17 -29.95
CA SER E 70 9.58 28.94 -30.14
C SER E 70 9.85 27.45 -30.10
N GLY E 71 11.10 27.08 -30.33
CA GLY E 71 11.51 25.69 -30.28
C GLY E 71 12.38 25.22 -31.43
N SER E 72 12.94 24.03 -31.26
CA SER E 72 13.82 23.44 -32.25
C SER E 72 14.02 21.96 -31.98
N GLY E 73 13.90 21.16 -33.04
CA GLY E 73 14.24 19.77 -32.97
C GLY E 73 13.19 18.93 -32.31
N THR E 74 13.15 18.94 -30.97
CA THR E 74 12.19 18.12 -30.24
C THR E 74 11.58 18.86 -29.06
N ASP E 75 11.85 20.15 -28.96
CA ASP E 75 11.42 20.88 -27.78
C ASP E 75 10.85 22.24 -28.11
N PHE E 76 9.57 22.44 -27.77
CA PHE E 76 8.83 23.61 -28.24
C PHE E 76 8.01 24.33 -27.16
N THR E 77 7.85 25.65 -27.33
CA THR E 77 7.08 26.44 -26.38
C THR E 77 6.07 27.38 -27.04
N LEU E 78 4.94 27.56 -26.38
CA LEU E 78 4.00 28.58 -26.73
C LEU E 78 4.01 29.58 -25.60
N LYS E 79 4.13 30.87 -25.92
CA LYS E 79 4.01 31.91 -24.90
C LYS E 79 2.91 32.88 -25.28
N ILE E 80 2.04 33.16 -24.30
CA ILE E 80 1.03 34.21 -24.41
C ILE E 80 1.34 35.26 -23.36
N SER E 81 1.73 36.45 -23.79
CA SER E 81 1.88 37.55 -22.86
C SER E 81 0.55 38.28 -22.75
N ARG E 82 0.17 38.67 -21.55
CA ARG E 82 -1.09 39.41 -21.37
C ARG E 82 -2.32 38.59 -21.78
N VAL E 83 -2.55 37.49 -21.08
CA VAL E 83 -3.68 36.62 -21.37
C VAL E 83 -5.04 37.35 -21.38
N GLU E 84 -5.88 37.01 -22.37
CA GLU E 84 -7.24 37.53 -22.48
C GLU E 84 -8.32 36.46 -22.37
N ALA E 85 -9.51 36.87 -21.93
CA ALA E 85 -10.61 35.92 -21.72
C ALA E 85 -10.92 35.08 -22.96
N GLU E 86 -10.61 35.62 -24.13
CA GLU E 86 -10.85 34.91 -25.38
C GLU E 86 -9.73 33.92 -25.67
N ASP E 87 -8.68 34.00 -24.86
CA ASP E 87 -7.57 33.04 -24.97
C ASP E 87 -7.80 31.81 -24.08
N LEU E 88 -8.81 31.86 -23.23
CA LEU E 88 -9.14 30.72 -22.38
C LEU E 88 -9.67 29.56 -23.21
N GLY E 89 -9.13 28.37 -22.97
CA GLY E 89 -9.53 27.20 -23.74
C GLY E 89 -8.47 26.12 -23.65
N VAL E 90 -8.48 25.20 -24.60
CA VAL E 90 -7.53 24.09 -24.59
C VAL E 90 -6.54 24.19 -25.74
N TYR E 91 -5.27 23.99 -25.40
CA TYR E 91 -4.19 24.17 -26.35
C TYR E 91 -3.55 22.84 -26.74
N TYR E 92 -3.51 22.57 -28.03
CA TYR E 92 -2.86 21.37 -28.53
C TYR E 92 -1.70 21.78 -29.43
N CYS E 93 -0.56 21.13 -29.23
CA CYS E 93 0.52 21.26 -30.18
C CYS E 93 0.42 20.08 -31.14
N PHE E 94 0.93 20.23 -32.35
CA PHE E 94 0.78 19.18 -33.36
C PHE E 94 2.04 19.06 -34.20
N GLN E 95 2.38 17.84 -34.58
CA GLN E 95 3.43 17.61 -35.56
C GLN E 95 2.85 17.00 -36.83
N GLY E 96 3.29 17.50 -37.97
CA GLY E 96 2.78 17.05 -39.24
C GLY E 96 3.87 16.61 -40.20
N SER E 97 4.94 16.01 -39.65
CA SER E 97 6.07 15.53 -40.46
C SER E 97 6.00 14.00 -40.64
N HIS E 98 5.57 13.32 -39.59
CA HIS E 98 5.52 11.87 -39.60
C HIS E 98 4.12 11.35 -39.60
N VAL E 99 3.91 10.21 -40.26
CA VAL E 99 2.63 9.53 -40.22
C VAL E 99 2.61 8.46 -39.13
N PRO E 100 1.59 8.48 -38.24
CA PRO E 100 0.43 9.35 -38.33
C PRO E 100 0.73 10.72 -37.77
N LEU E 101 0.01 11.72 -38.30
CA LEU E 101 0.00 13.08 -37.79
C LEU E 101 -0.56 13.05 -36.36
N THR E 102 0.01 13.83 -35.45
CA THR E 102 -0.39 13.74 -34.04
C THR E 102 -0.44 15.07 -33.25
N PHE E 103 -1.39 15.13 -32.31
CA PHE E 103 -1.54 16.26 -31.40
C PHE E 103 -1.26 15.84 -29.98
N GLY E 104 -0.96 16.80 -29.13
CA GLY E 104 -0.85 16.55 -27.70
C GLY E 104 -2.20 16.31 -27.05
N ALA E 105 -2.16 16.00 -25.77
CA ALA E 105 -3.37 15.71 -25.00
C ALA E 105 -4.03 17.03 -24.64
N GLY E 106 -3.28 18.11 -24.89
CA GLY E 106 -3.81 19.45 -24.78
C GLY E 106 -3.69 20.00 -23.38
N THR E 107 -3.56 21.33 -23.30
CA THR E 107 -3.43 22.02 -22.01
C THR E 107 -4.61 22.94 -21.81
N LYS E 108 -5.17 22.91 -20.60
CA LYS E 108 -6.36 23.68 -20.29
C LYS E 108 -5.97 25.05 -19.72
N LEU E 109 -6.12 26.11 -20.51
CA LEU E 109 -5.87 27.47 -20.00
C LEU E 109 -7.08 28.00 -19.24
N GLU E 110 -6.98 28.08 -17.92
CA GLU E 110 -8.15 28.36 -17.10
C GLU E 110 -7.91 29.62 -16.29
N LEU E 111 -8.94 30.10 -15.59
CA LEU E 111 -8.85 31.34 -14.81
C LEU E 111 -8.43 31.10 -13.39
N LYS E 112 -7.49 31.91 -12.91
CA LYS E 112 -7.12 31.87 -11.51
C LYS E 112 -8.13 32.69 -10.73
N ARG E 113 -8.19 32.51 -9.46
CA ARG E 113 -9.29 33.02 -8.71
C ARG E 113 -8.94 32.76 -7.27
N ALA E 114 -9.47 33.58 -6.37
CA ALA E 114 -9.25 33.37 -4.94
C ALA E 114 -9.86 32.04 -4.50
N ASP E 115 -9.12 31.27 -3.68
CA ASP E 115 -9.62 29.97 -3.24
C ASP E 115 -11.00 30.09 -2.59
N ALA E 116 -11.72 28.98 -2.59
CA ALA E 116 -13.09 28.95 -2.11
C ALA E 116 -13.50 27.52 -1.80
N ALA E 117 -13.97 27.32 -0.57
CA ALA E 117 -14.41 26.01 -0.12
C ALA E 117 -15.70 25.59 -0.81
N PRO E 118 -15.89 24.27 -0.98
CA PRO E 118 -17.09 23.79 -1.65
C PRO E 118 -18.25 23.77 -0.67
N THR E 119 -19.47 23.88 -1.20
CA THR E 119 -20.67 23.66 -0.39
C THR E 119 -21.22 22.24 -0.65
N VAL E 120 -21.00 21.38 0.34
CA VAL E 120 -21.26 19.95 0.20
C VAL E 120 -22.63 19.56 0.71
N SER E 121 -23.36 18.83 -0.12
CA SER E 121 -24.69 18.33 0.22
C SER E 121 -24.79 16.82 -0.03
N ILE E 122 -25.17 16.05 0.99
CA ILE E 122 -25.32 14.61 0.81
C ILE E 122 -26.80 14.26 0.76
N PHE E 123 -27.13 13.33 -0.13
CA PHE E 123 -28.52 12.98 -0.37
C PHE E 123 -28.78 11.48 -0.30
N PRO E 124 -29.54 11.06 0.71
CA PRO E 124 -30.00 9.67 0.85
C PRO E 124 -30.82 9.23 -0.35
N PRO E 125 -30.82 7.93 -0.67
CA PRO E 125 -31.60 7.38 -1.78
C PRO E 125 -33.08 7.69 -1.65
N SER E 126 -33.78 7.97 -2.75
CA SER E 126 -35.22 8.23 -2.71
C SER E 126 -36.07 6.97 -2.63
N SER E 127 -37.05 6.94 -1.72
CA SER E 127 -37.89 5.76 -1.57
C SER E 127 -38.32 5.19 -2.92
N GLU E 128 -38.54 6.08 -3.88
CA GLU E 128 -38.71 5.70 -5.29
C GLU E 128 -37.67 4.65 -5.70
N GLN E 129 -36.40 5.05 -5.71
CA GLN E 129 -35.36 4.18 -6.19
C GLN E 129 -35.22 2.95 -5.34
N LEU E 130 -35.56 3.08 -4.06
CA LEU E 130 -35.46 1.97 -3.11
C LEU E 130 -36.55 0.91 -3.34
N THR E 131 -37.78 1.37 -3.47
CA THR E 131 -38.88 0.51 -3.88
C THR E 131 -38.47 -0.38 -5.06
N SER E 132 -37.75 0.19 -6.02
CA SER E 132 -37.44 -0.51 -7.26
C SER E 132 -36.01 -1.03 -7.39
N GLY E 133 -35.42 -1.49 -6.29
CA GLY E 133 -34.19 -2.27 -6.34
C GLY E 133 -32.84 -1.70 -5.92
N GLY E 134 -32.53 -0.50 -6.40
CA GLY E 134 -31.21 0.09 -6.16
C GLY E 134 -31.17 1.24 -5.16
N ALA E 135 -29.99 1.51 -4.63
CA ALA E 135 -29.82 2.62 -3.72
C ALA E 135 -28.60 3.42 -4.12
N SER E 136 -28.83 4.57 -4.74
CA SER E 136 -27.75 5.50 -5.06
C SER E 136 -27.69 6.64 -4.04
N VAL E 137 -26.51 6.89 -3.51
CA VAL E 137 -26.30 8.01 -2.60
C VAL E 137 -25.56 9.11 -3.33
N VAL E 138 -26.17 10.28 -3.42
CA VAL E 138 -25.61 11.38 -4.19
C VAL E 138 -24.95 12.43 -3.30
N CYS E 139 -23.84 12.99 -3.79
CA CYS E 139 -23.18 14.07 -3.08
C CYS E 139 -22.77 15.20 -4.03
N PHE E 140 -23.20 16.41 -3.74
CA PHE E 140 -22.80 17.56 -4.54
C PHE E 140 -21.75 18.41 -3.80
N LEU E 141 -20.68 18.73 -4.49
CA LEU E 141 -19.68 19.63 -3.95
C LEU E 141 -19.64 20.82 -4.89
N ASN E 142 -20.11 21.96 -4.40
CA ASN E 142 -20.40 23.09 -5.28
C ASN E 142 -19.57 24.35 -5.12
N ASN E 143 -19.12 24.91 -6.25
CA ASN E 143 -18.52 26.25 -6.32
C ASN E 143 -17.20 26.41 -5.58
N PHE E 144 -16.21 25.59 -5.90
CA PHE E 144 -14.93 25.66 -5.18
C PHE E 144 -13.79 26.06 -6.11
N TYR E 145 -12.76 26.67 -5.53
CA TYR E 145 -11.51 26.94 -6.23
C TYR E 145 -10.39 26.71 -5.24
N PRO E 146 -9.29 26.06 -5.64
CA PRO E 146 -8.92 25.60 -6.98
C PRO E 146 -9.82 24.49 -7.48
N LYS E 147 -9.56 24.06 -8.70
CA LYS E 147 -10.31 22.98 -9.36
C LYS E 147 -10.04 21.61 -8.74
N ASP E 148 -8.85 21.44 -8.17
CA ASP E 148 -8.38 20.12 -7.69
C ASP E 148 -8.97 19.72 -6.35
N ILE E 149 -9.69 18.60 -6.34
CA ILE E 149 -10.33 18.11 -5.13
C ILE E 149 -10.36 16.58 -5.11
N ASN E 150 -10.51 16.01 -3.91
CA ASN E 150 -10.61 14.55 -3.74
C ASN E 150 -11.71 14.08 -2.80
N VAL E 151 -12.55 13.15 -3.28
CA VAL E 151 -13.71 12.71 -2.50
C VAL E 151 -13.61 11.26 -2.05
N LYS E 152 -13.87 11.01 -0.77
CA LYS E 152 -13.91 9.65 -0.24
C LYS E 152 -15.30 9.31 0.23
N TRP E 153 -15.73 8.09 -0.05
CA TRP E 153 -16.99 7.59 0.45
C TRP E 153 -16.75 6.64 1.61
N LYS E 154 -17.50 6.81 2.69
CA LYS E 154 -17.27 6.01 3.89
C LYS E 154 -18.56 5.43 4.41
N ILE E 155 -18.58 4.12 4.55
CA ILE E 155 -19.74 3.44 5.11
C ILE E 155 -19.38 2.84 6.48
N ASP E 156 -20.09 3.29 7.50
CA ASP E 156 -19.85 2.83 8.87
C ASP E 156 -18.39 2.94 9.27
N GLY E 157 -17.69 3.90 8.68
CA GLY E 157 -16.33 4.22 9.07
C GLY E 157 -15.32 3.72 8.07
N SER E 158 -15.77 2.84 7.20
CA SER E 158 -14.86 2.21 6.26
C SER E 158 -14.91 2.85 4.89
N GLU E 159 -13.75 3.11 4.32
CA GLU E 159 -13.68 3.61 2.96
C GLU E 159 -14.31 2.63 1.97
N ARG E 160 -14.97 3.19 0.96
CA ARG E 160 -15.67 2.40 -0.03
C ARG E 160 -15.23 2.80 -1.46
N GLN E 161 -14.41 1.94 -2.06
CA GLN E 161 -13.77 2.20 -3.35
C GLN E 161 -14.72 2.08 -4.56
N ASN E 162 -15.45 0.97 -4.61
CA ASN E 162 -16.20 0.57 -5.81
C ASN E 162 -17.64 1.09 -5.95
N GLY E 163 -17.96 1.64 -7.10
CA GLY E 163 -19.34 2.02 -7.37
C GLY E 163 -19.53 3.52 -7.35
N VAL E 164 -18.43 4.24 -7.19
CA VAL E 164 -18.46 5.69 -7.16
C VAL E 164 -18.52 6.23 -8.59
N LEU E 165 -19.36 7.23 -8.83
CA LEU E 165 -19.38 7.87 -10.14
C LEU E 165 -19.34 9.41 -10.07
N ASN E 166 -18.25 9.96 -10.61
CA ASN E 166 -18.01 11.39 -10.55
C ASN E 166 -18.24 12.14 -11.84
N SER E 167 -18.68 13.38 -11.70
CA SER E 167 -18.78 14.29 -12.81
C SER E 167 -18.47 15.70 -12.33
N TRP E 168 -17.57 16.37 -13.05
CA TRP E 168 -17.18 17.75 -12.74
C TRP E 168 -17.72 18.69 -13.80
N THR E 169 -18.12 19.89 -13.39
CA THR E 169 -18.50 20.90 -14.35
C THR E 169 -17.24 21.56 -14.86
N ASP E 170 -17.36 22.22 -16.00
CA ASP E 170 -16.30 23.07 -16.52
C ASP E 170 -16.28 24.39 -15.76
N GLN E 171 -15.18 25.14 -15.87
CA GLN E 171 -15.08 26.34 -15.07
C GLN E 171 -16.20 27.33 -15.39
N ASP E 172 -16.85 27.81 -14.33
CA ASP E 172 -17.93 28.80 -14.43
C ASP E 172 -17.46 30.16 -14.99
N SER E 173 -18.19 30.69 -15.96
CA SER E 173 -17.77 31.93 -16.62
C SER E 173 -18.02 33.19 -15.77
N LYS E 174 -19.05 33.13 -14.91
CA LYS E 174 -19.37 34.24 -14.01
C LYS E 174 -18.48 34.27 -12.73
N ASP E 175 -18.47 33.18 -11.97
CA ASP E 175 -17.74 33.15 -10.70
C ASP E 175 -16.41 32.36 -10.71
N SER E 176 -16.04 31.82 -11.88
CA SER E 176 -14.76 31.11 -12.07
C SER E 176 -14.54 29.89 -11.16
N THR E 177 -15.63 29.33 -10.62
CA THR E 177 -15.52 28.22 -9.70
C THR E 177 -15.77 26.92 -10.42
N TYR E 178 -15.43 25.82 -9.76
CA TYR E 178 -15.74 24.51 -10.29
C TYR E 178 -16.76 23.84 -9.38
N SER E 179 -17.48 22.87 -9.93
CA SER E 179 -18.41 22.09 -9.13
C SER E 179 -18.29 20.61 -9.51
N MET E 180 -18.76 19.74 -8.63
CA MET E 180 -18.79 18.33 -8.96
C MET E 180 -19.85 17.56 -8.21
N SER E 181 -20.28 16.45 -8.83
CA SER E 181 -21.18 15.52 -8.17
C SER E 181 -20.48 14.17 -8.07
N SER E 182 -20.60 13.53 -6.91
CA SER E 182 -20.10 12.17 -6.71
C SER E 182 -21.26 11.25 -6.33
N THR E 183 -21.33 10.07 -6.94
CA THR E 183 -22.47 9.20 -6.68
C THR E 183 -22.11 7.74 -6.43
N LEU E 184 -22.47 7.29 -5.22
CA LEU E 184 -22.25 5.91 -4.77
C LEU E 184 -23.50 5.09 -5.06
N THR E 185 -23.37 4.08 -5.92
CA THR E 185 -24.54 3.32 -6.36
C THR E 185 -24.47 1.90 -5.85
N LEU E 186 -25.45 1.55 -5.01
CA LEU E 186 -25.48 0.26 -4.31
C LEU E 186 -26.67 -0.59 -4.73
N THR E 187 -26.78 -1.76 -4.12
CA THR E 187 -28.00 -2.54 -4.17
C THR E 187 -28.79 -2.19 -2.92
N LYS E 188 -30.13 -2.24 -2.98
CA LYS E 188 -30.93 -1.93 -1.79
C LYS E 188 -30.46 -2.80 -0.64
N ASP E 189 -30.27 -4.09 -0.93
CA ASP E 189 -29.83 -5.03 0.07
C ASP E 189 -28.55 -4.56 0.77
N GLU E 190 -27.53 -4.22 -0.02
CA GLU E 190 -26.27 -3.74 0.51
C GLU E 190 -26.47 -2.50 1.36
N TYR E 191 -27.29 -1.59 0.86
CA TYR E 191 -27.52 -0.33 1.53
C TYR E 191 -28.11 -0.57 2.92
N GLU E 192 -28.98 -1.56 3.04
CA GLU E 192 -29.66 -1.82 4.30
C GLU E 192 -28.79 -2.52 5.31
N ARG E 193 -27.61 -2.95 4.85
CA ARG E 193 -26.69 -3.68 5.70
C ARG E 193 -25.82 -2.76 6.54
N HIS E 194 -26.00 -1.45 6.32
CA HIS E 194 -25.25 -0.45 7.06
C HIS E 194 -26.12 0.74 7.48
N ASN E 195 -25.67 1.48 8.48
CA ASN E 195 -26.43 2.63 8.95
C ASN E 195 -25.92 4.00 8.51
N SER E 196 -24.68 4.33 8.85
CA SER E 196 -24.17 5.67 8.60
C SER E 196 -23.36 5.78 7.32
N TYR E 197 -23.63 6.84 6.55
CA TYR E 197 -22.94 7.10 5.29
C TYR E 197 -22.29 8.46 5.27
N THR E 198 -21.02 8.49 4.91
CA THR E 198 -20.25 9.72 4.92
C THR E 198 -19.70 10.10 3.56
N CYS E 199 -19.73 11.40 3.30
CA CYS E 199 -19.21 11.96 2.07
C CYS E 199 -18.05 12.89 2.46
N GLU E 200 -16.84 12.54 2.04
CA GLU E 200 -15.64 13.20 2.55
C GLU E 200 -14.89 13.97 1.46
N ALA E 201 -14.60 15.24 1.70
CA ALA E 201 -13.90 16.06 0.70
C ALA E 201 -12.67 16.76 1.25
N THR E 202 -11.51 16.42 0.71
CA THR E 202 -10.28 17.10 1.03
C THR E 202 -10.03 18.08 -0.08
N HIS E 203 -9.62 19.30 0.28
CA HIS E 203 -9.48 20.39 -0.67
C HIS E 203 -8.56 21.44 -0.05
N LYS E 204 -7.78 22.13 -0.87
CA LYS E 204 -6.71 22.95 -0.33
C LYS E 204 -7.24 24.01 0.64
N THR E 205 -8.53 24.29 0.59
CA THR E 205 -9.07 25.36 1.44
C THR E 205 -9.24 24.90 2.87
N SER E 206 -8.69 23.75 3.19
CA SER E 206 -8.83 23.24 4.55
C SER E 206 -7.87 22.10 4.84
N THR E 207 -7.33 22.10 6.06
CA THR E 207 -6.53 20.98 6.52
C THR E 207 -7.48 19.85 6.92
N SER E 208 -8.59 20.22 7.55
CA SER E 208 -9.58 19.23 7.98
C SER E 208 -10.62 18.96 6.89
N PRO E 209 -10.65 17.72 6.37
CA PRO E 209 -11.62 17.24 5.38
C PRO E 209 -13.06 17.63 5.72
N ILE E 210 -13.77 18.16 4.72
CA ILE E 210 -15.17 18.52 4.85
C ILE E 210 -16.03 17.27 4.81
N VAL E 211 -16.99 17.19 5.73
CA VAL E 211 -17.76 15.98 5.88
C VAL E 211 -19.26 16.21 6.00
N LYS E 212 -20.03 15.44 5.24
CA LYS E 212 -21.48 15.46 5.34
C LYS E 212 -22.02 14.04 5.47
N SER E 213 -22.77 13.76 6.53
CA SER E 213 -23.18 12.40 6.82
C SER E 213 -24.66 12.27 7.08
N PHE E 214 -25.11 11.02 7.17
CA PHE E 214 -26.45 10.72 7.62
C PHE E 214 -26.54 9.26 8.07
N ASN E 215 -27.52 8.96 8.91
CA ASN E 215 -27.76 7.59 9.36
C ASN E 215 -29.00 7.00 8.69
N ARG E 216 -28.92 5.74 8.27
CA ARG E 216 -29.95 5.17 7.42
C ARG E 216 -31.31 5.06 8.13
N ASN E 217 -31.30 4.87 9.43
CA ASN E 217 -32.57 4.66 10.11
C ASN E 217 -33.03 5.87 10.92
N GLU E 218 -33.17 7.01 10.26
CA GLU E 218 -33.55 8.25 10.96
C GLU E 218 -34.34 9.20 10.07
N ALA F 2 6.96 5.93 -42.96
CA ALA F 2 7.49 7.05 -43.76
C ALA F 2 6.90 8.41 -43.36
N GLU F 3 7.35 9.44 -44.07
CA GLU F 3 6.89 10.80 -43.82
C GLU F 3 5.59 11.07 -44.53
N PHE F 4 4.85 12.05 -44.00
CA PHE F 4 3.66 12.56 -44.66
C PHE F 4 4.10 13.35 -45.90
N ARG F 5 3.41 13.16 -47.03
CA ARG F 5 3.79 13.86 -48.25
C ARG F 5 3.48 15.35 -48.18
N HIS F 6 4.49 16.19 -48.40
CA HIS F 6 4.31 17.65 -48.35
C HIS F 6 4.59 18.35 -49.68
N ASP F 7 5.10 17.60 -50.65
CA ASP F 7 5.25 18.13 -52.01
C ASP F 7 5.35 17.04 -53.09
N VAL G 2 -31.28 -41.35 0.61
CA VAL G 2 -31.50 -39.90 0.51
C VAL G 2 -30.79 -39.25 -0.67
N THR G 3 -31.57 -38.59 -1.53
CA THR G 3 -31.02 -37.95 -2.71
C THR G 3 -31.68 -36.59 -2.97
N LEU G 4 -31.00 -35.74 -3.74
CA LEU G 4 -31.56 -34.48 -4.21
C LEU G 4 -31.16 -34.21 -5.66
N LYS G 5 -32.05 -33.57 -6.43
CA LYS G 5 -31.79 -33.28 -7.83
C LYS G 5 -32.28 -31.90 -8.22
N GLU G 6 -31.37 -31.00 -8.57
CA GLU G 6 -31.76 -29.65 -8.98
C GLU G 6 -32.12 -29.65 -10.46
N SER G 7 -33.17 -28.91 -10.76
CA SER G 7 -33.57 -28.67 -12.15
C SER G 7 -33.91 -27.20 -12.30
N GLY G 8 -34.00 -26.74 -13.54
CA GLY G 8 -34.20 -25.34 -13.80
C GLY G 8 -33.56 -24.95 -15.11
N PRO G 9 -33.79 -23.72 -15.55
CA PRO G 9 -33.28 -23.27 -16.84
C PRO G 9 -31.83 -22.88 -16.74
N GLY G 10 -30.96 -23.54 -17.50
CA GLY G 10 -29.60 -23.03 -17.67
C GLY G 10 -29.72 -21.93 -18.69
N ILE G 11 -28.98 -20.84 -18.55
CA ILE G 11 -29.16 -19.64 -19.41
C ILE G 11 -30.47 -18.83 -19.25
N LEU G 12 -30.32 -17.62 -18.71
CA LEU G 12 -31.35 -16.59 -18.67
C LEU G 12 -30.67 -15.32 -19.18
N GLN G 13 -31.41 -14.22 -19.31
CA GLN G 13 -30.79 -12.97 -19.72
C GLN G 13 -30.96 -11.90 -18.68
N PRO G 14 -30.03 -10.92 -18.67
CA PRO G 14 -29.98 -10.01 -17.52
C PRO G 14 -31.36 -9.43 -17.23
N SER G 15 -31.82 -9.62 -16.00
CA SER G 15 -33.10 -9.10 -15.49
C SER G 15 -34.25 -10.10 -15.48
N GLN G 16 -34.11 -11.21 -16.20
CA GLN G 16 -35.16 -12.22 -16.21
C GLN G 16 -35.25 -12.88 -14.85
N THR G 17 -36.31 -13.64 -14.63
CA THR G 17 -36.49 -14.33 -13.34
C THR G 17 -36.09 -15.81 -13.39
N LEU G 18 -35.18 -16.20 -12.51
CA LEU G 18 -34.81 -17.60 -12.36
C LEU G 18 -35.74 -18.30 -11.37
N SER G 19 -36.34 -19.40 -11.81
CA SER G 19 -37.08 -20.28 -10.91
C SER G 19 -36.42 -21.66 -10.89
N LEU G 20 -35.88 -22.04 -9.73
CA LEU G 20 -35.10 -23.28 -9.59
C LEU G 20 -35.87 -24.31 -8.80
N THR G 21 -35.79 -25.57 -9.22
CA THR G 21 -36.45 -26.64 -8.50
C THR G 21 -35.48 -27.66 -7.93
N CYS G 22 -35.74 -28.10 -6.70
CA CYS G 22 -34.95 -29.13 -6.06
C CYS G 22 -35.89 -30.28 -5.70
N SER G 23 -35.77 -31.40 -6.39
CA SER G 23 -36.55 -32.59 -6.03
C SER G 23 -35.74 -33.50 -5.14
N PHE G 24 -36.27 -33.79 -3.96
CA PHE G 24 -35.54 -34.62 -3.01
C PHE G 24 -36.27 -35.90 -2.68
N SER G 25 -35.58 -36.79 -1.96
CA SER G 25 -36.18 -38.00 -1.44
C SER G 25 -35.25 -38.61 -0.40
N GLY G 26 -35.79 -39.52 0.40
CA GLY G 26 -35.00 -40.13 1.46
C GLY G 26 -35.32 -39.46 2.77
N PHE G 27 -35.95 -38.29 2.68
CA PHE G 27 -36.44 -37.59 3.87
C PHE G 27 -37.74 -36.87 3.55
N SER G 28 -38.30 -36.22 4.56
CA SER G 28 -39.56 -35.48 4.38
C SER G 28 -39.48 -34.13 5.07
N LEU G 29 -39.93 -33.08 4.40
CA LEU G 29 -39.84 -31.75 4.97
C LEU G 29 -40.87 -31.44 6.07
N SER G 30 -41.66 -32.44 6.45
CA SER G 30 -42.57 -32.28 7.58
C SER G 30 -41.97 -32.86 8.87
N THR G 31 -40.84 -33.55 8.72
CA THR G 31 -40.12 -34.13 9.86
C THR G 31 -39.53 -33.06 10.75
N ASN G 32 -39.98 -33.04 12.00
CA ASN G 32 -39.42 -32.11 12.98
C ASN G 32 -37.92 -31.86 12.77
N GLY G 33 -37.54 -30.60 12.59
CA GLY G 33 -36.14 -30.22 12.50
C GLY G 33 -35.62 -30.09 11.08
N MET G 34 -36.32 -30.73 10.15
CA MET G 34 -35.86 -30.82 8.77
C MET G 34 -35.78 -29.47 8.07
N GLY G 35 -34.95 -29.39 7.04
CA GLY G 35 -34.85 -28.19 6.22
C GLY G 35 -33.90 -28.35 5.06
N VAL G 36 -34.11 -27.56 4.02
CA VAL G 36 -33.19 -27.51 2.89
C VAL G 36 -32.74 -26.08 2.67
N SER G 37 -31.51 -25.89 2.24
CA SER G 37 -31.09 -24.58 1.82
C SER G 37 -30.44 -24.67 0.45
N TRP G 38 -30.15 -23.51 -0.14
CA TRP G 38 -29.62 -23.42 -1.49
C TRP G 38 -28.25 -22.78 -1.43
N ILE G 39 -27.30 -23.35 -2.15
CA ILE G 39 -25.94 -22.85 -2.14
C ILE G 39 -25.43 -22.85 -3.57
N ARG G 40 -24.78 -21.77 -3.99
CA ARG G 40 -24.37 -21.65 -5.39
C ARG G 40 -22.88 -21.39 -5.48
N GLN G 41 -22.27 -21.82 -6.57
CA GLN G 41 -20.83 -21.67 -6.70
C GLN G 41 -20.35 -21.31 -8.09
N PRO G 42 -19.79 -20.10 -8.25
CA PRO G 42 -19.21 -19.68 -9.52
C PRO G 42 -18.10 -20.65 -9.99
N SER G 43 -17.84 -20.63 -11.29
CA SER G 43 -16.82 -21.49 -11.88
C SER G 43 -15.41 -21.19 -11.34
N GLY G 44 -14.80 -22.21 -10.75
CA GLY G 44 -13.48 -22.09 -10.16
C GLY G 44 -13.45 -21.18 -8.96
N LYS G 45 -14.51 -21.23 -8.15
CA LYS G 45 -14.66 -20.28 -7.04
C LYS G 45 -15.23 -20.94 -5.80
N GLY G 46 -15.63 -20.10 -4.84
CA GLY G 46 -16.13 -20.56 -3.57
C GLY G 46 -17.63 -20.73 -3.53
N LEU G 47 -18.10 -21.39 -2.48
CA LEU G 47 -19.51 -21.60 -2.25
C LEU G 47 -20.09 -20.36 -1.58
N GLU G 48 -21.21 -19.89 -2.10
CA GLU G 48 -21.97 -18.83 -1.48
C GLU G 48 -23.34 -19.35 -1.06
N TRP G 49 -23.67 -19.30 0.22
CA TRP G 49 -24.99 -19.68 0.70
C TRP G 49 -26.08 -18.65 0.38
N LEU G 50 -27.26 -19.12 -0.03
CA LEU G 50 -28.31 -18.26 -0.57
C LEU G 50 -29.54 -18.05 0.31
N ALA G 51 -30.17 -19.12 0.77
CA ALA G 51 -31.37 -19.05 1.58
C ALA G 51 -31.72 -20.42 2.15
N HIS G 52 -32.47 -20.46 3.24
CA HIS G 52 -32.80 -21.73 3.89
C HIS G 52 -34.23 -21.77 4.38
N ILE G 53 -34.88 -22.91 4.20
CA ILE G 53 -36.28 -23.07 4.64
C ILE G 53 -36.48 -24.30 5.56
N TYR G 54 -37.21 -24.08 6.64
CA TYR G 54 -37.40 -25.09 7.67
C TYR G 54 -38.74 -25.77 7.56
N TRP G 55 -38.93 -26.84 8.32
CA TRP G 55 -40.20 -27.57 8.32
C TRP G 55 -41.38 -26.74 8.84
N ASP G 56 -41.14 -25.89 9.82
CA ASP G 56 -42.23 -25.02 10.32
C ASP G 56 -42.44 -23.75 9.44
N GLU G 57 -42.02 -23.87 8.19
CA GLU G 57 -42.16 -22.81 7.17
C GLU G 57 -41.35 -21.55 7.46
N ASP G 58 -40.55 -21.56 8.52
CA ASP G 58 -39.61 -20.49 8.76
C ASP G 58 -38.62 -20.40 7.60
N LYS G 59 -38.04 -19.22 7.41
CA LYS G 59 -37.13 -18.96 6.31
C LYS G 59 -36.02 -18.05 6.77
N ARG G 60 -34.94 -18.00 6.01
CA ARG G 60 -33.79 -17.20 6.36
C ARG G 60 -33.03 -16.92 5.10
N TYR G 61 -32.72 -15.66 4.84
CA TYR G 61 -32.09 -15.28 3.60
C TYR G 61 -30.69 -14.67 3.79
N ASN G 62 -29.77 -14.99 2.89
CA ASN G 62 -28.54 -14.23 2.79
C ASN G 62 -28.91 -12.79 2.59
N PRO G 63 -28.55 -11.92 3.54
CA PRO G 63 -29.05 -10.55 3.60
C PRO G 63 -28.59 -9.67 2.43
N SER G 64 -27.47 -10.01 1.80
CA SER G 64 -26.96 -9.21 0.70
C SER G 64 -27.76 -9.49 -0.59
N LEU G 65 -28.68 -10.44 -0.53
CA LEU G 65 -29.55 -10.72 -1.66
C LEU G 65 -31.03 -10.77 -1.26
N LYS G 66 -31.28 -10.86 0.05
CA LYS G 66 -32.64 -10.99 0.60
C LYS G 66 -33.55 -9.90 0.07
N SER G 67 -34.29 -10.21 -0.99
CA SER G 67 -34.97 -9.17 -1.75
C SER G 67 -35.19 -9.70 -3.15
N ARG G 68 -34.09 -10.14 -3.75
CA ARG G 68 -34.14 -10.82 -5.02
C ARG G 68 -34.40 -12.31 -4.81
N LEU G 69 -34.50 -12.71 -3.55
CA LEU G 69 -34.71 -14.13 -3.24
C LEU G 69 -36.08 -14.43 -2.65
N THR G 70 -36.56 -15.62 -2.97
CA THR G 70 -37.77 -16.17 -2.38
C THR G 70 -37.62 -17.70 -2.34
N ILE G 71 -37.70 -18.27 -1.14
CA ILE G 71 -37.61 -19.72 -0.99
C ILE G 71 -38.95 -20.29 -0.52
N SER G 72 -39.28 -21.48 -1.02
CA SER G 72 -40.57 -22.09 -0.73
C SER G 72 -40.52 -23.61 -0.87
N LYS G 73 -41.45 -24.30 -0.23
CA LYS G 73 -41.46 -25.74 -0.29
C LYS G 73 -42.76 -26.28 -0.85
N ASP G 74 -42.73 -27.56 -1.24
CA ASP G 74 -43.93 -28.34 -1.54
C ASP G 74 -43.85 -29.64 -0.75
N THR G 75 -44.08 -29.54 0.55
CA THR G 75 -44.00 -30.69 1.46
C THR G 75 -44.57 -32.00 0.88
N SER G 76 -45.82 -31.94 0.45
CA SER G 76 -46.51 -33.10 -0.10
C SER G 76 -45.75 -33.74 -1.26
N ASN G 77 -45.16 -32.90 -2.11
CA ASN G 77 -44.46 -33.36 -3.32
C ASN G 77 -42.92 -33.41 -3.22
N ASN G 78 -42.39 -33.44 -2.01
CA ASN G 78 -40.94 -33.51 -1.81
C ASN G 78 -40.15 -32.58 -2.73
N GLN G 79 -40.43 -31.28 -2.62
CA GLN G 79 -39.79 -30.30 -3.50
C GLN G 79 -39.51 -28.98 -2.81
N VAL G 80 -38.43 -28.35 -3.25
CA VAL G 80 -38.06 -27.05 -2.72
C VAL G 80 -37.72 -26.14 -3.89
N PHE G 81 -38.30 -24.95 -3.88
CA PHE G 81 -38.07 -24.01 -4.95
C PHE G 81 -37.36 -22.73 -4.48
N LEU G 82 -36.60 -22.12 -5.39
CA LEU G 82 -35.91 -20.86 -5.13
C LEU G 82 -36.12 -19.96 -6.32
N LYS G 83 -36.54 -18.74 -6.06
CA LYS G 83 -36.71 -17.77 -7.13
C LYS G 83 -35.77 -16.59 -6.94
N ILE G 84 -35.07 -16.22 -8.01
CA ILE G 84 -34.23 -15.03 -8.00
C ILE G 84 -34.66 -14.04 -9.06
N THR G 85 -35.20 -12.91 -8.60
CA THR G 85 -35.70 -11.86 -9.49
C THR G 85 -34.55 -11.00 -10.03
N ASN G 86 -34.75 -10.42 -11.21
CA ASN G 86 -33.76 -9.50 -11.77
C ASN G 86 -32.35 -10.06 -11.67
N VAL G 87 -32.05 -11.11 -12.44
CA VAL G 87 -30.72 -11.69 -12.38
C VAL G 87 -29.72 -10.86 -13.21
N ASP G 88 -28.44 -11.08 -12.97
CA ASP G 88 -27.41 -10.48 -13.82
C ASP G 88 -26.23 -11.43 -13.89
N THR G 89 -25.25 -11.07 -14.71
CA THR G 89 -24.14 -11.94 -14.98
C THR G 89 -23.49 -12.49 -13.70
N ALA G 90 -23.59 -11.72 -12.62
CA ALA G 90 -23.05 -12.15 -11.33
C ALA G 90 -23.68 -13.46 -10.83
N ASP G 91 -24.90 -13.72 -11.26
CA ASP G 91 -25.64 -14.88 -10.80
C ASP G 91 -25.25 -16.10 -11.63
N THR G 92 -24.27 -15.93 -12.50
CA THR G 92 -23.73 -17.07 -13.23
C THR G 92 -23.05 -18.01 -12.24
N ALA G 93 -23.51 -19.25 -12.20
CA ALA G 93 -22.97 -20.21 -11.25
C ALA G 93 -23.65 -21.57 -11.35
N THR G 94 -23.11 -22.52 -10.57
CA THR G 94 -23.76 -23.79 -10.30
C THR G 94 -24.52 -23.72 -8.97
N TYR G 95 -25.79 -24.11 -8.98
CA TYR G 95 -26.65 -24.00 -7.81
C TYR G 95 -26.90 -25.38 -7.20
N TYR G 96 -26.55 -25.55 -5.94
CA TYR G 96 -26.87 -26.78 -5.23
C TYR G 96 -27.96 -26.52 -4.21
N CYS G 97 -28.68 -27.57 -3.85
CA CYS G 97 -29.48 -27.60 -2.64
C CYS G 97 -28.89 -28.69 -1.77
N ALA G 98 -28.70 -28.39 -0.49
CA ALA G 98 -28.22 -29.35 0.49
C ALA G 98 -29.26 -29.53 1.59
N ARG G 99 -29.27 -30.70 2.23
CA ARG G 99 -30.15 -30.86 3.38
C ARG G 99 -29.45 -30.41 4.64
N ARG G 100 -30.22 -29.88 5.58
CA ARG G 100 -29.67 -29.50 6.88
C ARG G 100 -30.75 -29.45 7.94
N ARG G 101 -30.64 -30.34 8.91
CA ARG G 101 -31.61 -30.41 10.00
C ARG G 101 -30.98 -29.81 11.25
N ILE G 102 -31.82 -29.43 12.20
CA ILE G 102 -31.34 -28.78 13.41
C ILE G 102 -31.93 -29.46 14.65
N ILE G 103 -32.24 -28.69 15.69
CA ILE G 103 -32.66 -29.23 16.98
C ILE G 103 -31.58 -30.08 17.64
N TYR G 104 -31.17 -31.18 17.00
CA TYR G 104 -30.10 -32.03 17.51
C TYR G 104 -28.79 -31.74 16.79
N ASP G 105 -27.80 -31.27 17.54
CA ASP G 105 -26.56 -30.78 16.96
C ASP G 105 -25.76 -31.85 16.24
N VAL G 106 -26.09 -33.12 16.48
CA VAL G 106 -25.36 -34.23 15.89
C VAL G 106 -25.93 -34.63 14.51
N GLU G 107 -26.88 -33.85 14.03
CA GLU G 107 -27.47 -34.07 12.72
C GLU G 107 -27.42 -32.73 11.99
N ASP G 108 -26.94 -31.72 12.69
CA ASP G 108 -27.01 -30.35 12.25
C ASP G 108 -25.81 -30.01 11.37
N TYR G 109 -25.93 -30.36 10.08
CA TYR G 109 -24.92 -30.03 9.07
C TYR G 109 -25.48 -30.29 7.68
N PHE G 110 -24.69 -29.98 6.66
CA PHE G 110 -25.08 -30.32 5.29
C PHE G 110 -24.57 -31.72 4.91
N ASP G 111 -25.33 -32.76 5.24
CA ASP G 111 -24.87 -34.11 4.87
C ASP G 111 -25.09 -34.51 3.41
N TYR G 112 -26.18 -34.05 2.80
CA TYR G 112 -26.55 -34.43 1.44
C TYR G 112 -26.78 -33.25 0.47
N TRP G 113 -26.10 -33.30 -0.66
CA TRP G 113 -26.15 -32.26 -1.67
C TRP G 113 -26.63 -32.84 -2.99
N GLY G 114 -27.25 -32.01 -3.82
CA GLY G 114 -27.61 -32.39 -5.18
C GLY G 114 -26.41 -32.42 -6.11
N GLN G 115 -26.64 -32.78 -7.38
CA GLN G 115 -25.55 -32.92 -8.35
C GLN G 115 -25.15 -31.54 -8.83
N GLY G 116 -26.03 -30.58 -8.58
CA GLY G 116 -25.80 -29.20 -8.96
C GLY G 116 -26.31 -28.92 -10.35
N THR G 117 -27.05 -27.82 -10.52
CA THR G 117 -27.46 -27.41 -11.85
C THR G 117 -26.78 -26.10 -12.24
N THR G 118 -26.65 -25.89 -13.53
CA THR G 118 -25.85 -24.78 -14.05
C THR G 118 -26.66 -23.58 -14.61
N LEU G 119 -26.21 -22.35 -14.30
CA LEU G 119 -26.81 -21.17 -14.90
C LEU G 119 -25.76 -20.25 -15.49
N THR G 120 -26.05 -19.72 -16.66
CA THR G 120 -25.22 -18.69 -17.28
C THR G 120 -26.13 -17.48 -17.50
N VAL G 121 -25.76 -16.31 -16.97
CA VAL G 121 -26.52 -15.09 -17.27
C VAL G 121 -25.72 -14.24 -18.25
N SER G 122 -26.32 -13.97 -19.41
CA SER G 122 -25.62 -13.34 -20.53
C SER G 122 -26.65 -12.77 -21.50
N SER G 123 -26.26 -11.76 -22.27
CA SER G 123 -27.15 -11.21 -23.28
C SER G 123 -26.58 -11.37 -24.70
N ALA G 124 -25.50 -12.14 -24.83
CA ALA G 124 -24.97 -12.52 -26.13
C ALA G 124 -25.92 -13.49 -26.78
N LYS G 125 -25.94 -13.51 -28.11
CA LYS G 125 -26.80 -14.42 -28.86
C LYS G 125 -26.05 -15.68 -29.27
N THR G 126 -26.77 -16.77 -29.50
CA THR G 126 -26.12 -17.95 -30.02
C THR G 126 -25.18 -17.59 -31.17
N THR G 127 -23.93 -18.00 -31.03
CA THR G 127 -22.90 -17.64 -32.00
C THR G 127 -21.98 -18.85 -32.23
N PRO G 128 -21.59 -19.07 -33.48
CA PRO G 128 -20.76 -20.21 -33.86
C PRO G 128 -19.31 -19.80 -33.83
N PRO G 129 -18.42 -20.74 -33.56
CA PRO G 129 -17.00 -20.46 -33.41
C PRO G 129 -16.38 -20.06 -34.74
N SER G 130 -15.27 -19.36 -34.67
CA SER G 130 -14.35 -19.25 -35.79
C SER G 130 -13.21 -20.20 -35.47
N VAL G 131 -12.89 -21.08 -36.41
CA VAL G 131 -11.83 -22.06 -36.19
C VAL G 131 -10.60 -21.80 -37.06
N TYR G 132 -9.44 -21.71 -36.41
CA TYR G 132 -8.20 -21.33 -37.06
C TYR G 132 -7.13 -22.37 -36.80
N PRO G 133 -6.57 -22.93 -37.88
CA PRO G 133 -5.50 -23.92 -37.87
C PRO G 133 -4.17 -23.30 -37.54
N LEU G 134 -3.52 -23.78 -36.49
CA LEU G 134 -2.22 -23.26 -36.08
C LEU G 134 -1.10 -24.19 -36.49
N ALA G 135 -0.46 -23.86 -37.61
CA ALA G 135 0.73 -24.54 -38.08
C ALA G 135 1.97 -23.81 -37.59
N PRO G 136 3.09 -24.53 -37.44
CA PRO G 136 4.32 -24.02 -36.79
C PRO G 136 5.00 -22.82 -37.49
N GLY G 137 6.00 -22.24 -36.81
CA GLY G 137 6.73 -21.08 -37.28
C GLY G 137 7.05 -21.09 -38.76
N SER G 144 12.31 -33.61 -34.38
CA SER G 144 12.10 -34.68 -33.39
C SER G 144 10.61 -34.85 -33.07
N MET G 145 10.04 -33.80 -32.50
CA MET G 145 8.61 -33.71 -32.23
C MET G 145 8.05 -32.46 -32.91
N VAL G 146 6.78 -32.49 -33.27
CA VAL G 146 6.14 -31.29 -33.80
C VAL G 146 4.84 -31.04 -33.03
N THR G 147 4.61 -29.79 -32.62
CA THR G 147 3.35 -29.45 -31.96
C THR G 147 2.45 -28.57 -32.83
N LEU G 148 1.25 -29.08 -33.12
CA LEU G 148 0.25 -28.37 -33.88
C LEU G 148 -0.80 -27.82 -32.91
N GLY G 149 -1.53 -26.79 -33.34
CA GLY G 149 -2.50 -26.17 -32.47
C GLY G 149 -3.74 -25.79 -33.23
N CYS G 150 -4.76 -25.34 -32.51
CA CYS G 150 -6.01 -25.00 -33.12
C CYS G 150 -6.74 -24.05 -32.20
N LEU G 151 -7.19 -22.92 -32.74
CA LEU G 151 -7.80 -21.87 -31.94
C LEU G 151 -9.29 -21.80 -32.26
N VAL G 152 -10.13 -21.83 -31.21
CA VAL G 152 -11.58 -21.74 -31.38
C VAL G 152 -12.09 -20.44 -30.77
N LYS G 153 -12.45 -19.47 -31.60
CA LYS G 153 -12.66 -18.10 -31.12
C LYS G 153 -14.10 -17.56 -31.21
N GLY G 154 -14.50 -16.85 -30.14
CA GLY G 154 -15.78 -16.15 -30.10
C GLY G 154 -17.01 -16.96 -30.41
N TYR G 155 -17.62 -17.56 -29.39
CA TYR G 155 -18.82 -18.33 -29.60
C TYR G 155 -19.68 -18.34 -28.33
N PHE G 156 -20.92 -18.80 -28.45
CA PHE G 156 -21.83 -18.81 -27.31
C PHE G 156 -23.05 -19.64 -27.67
N PRO G 157 -23.58 -20.40 -26.71
CA PRO G 157 -23.00 -20.59 -25.38
C PRO G 157 -21.94 -21.68 -25.41
N GLU G 158 -21.67 -22.25 -24.24
CA GLU G 158 -20.85 -23.44 -24.15
C GLU G 158 -21.74 -24.64 -24.28
N PRO G 159 -21.16 -25.81 -24.61
CA PRO G 159 -19.74 -26.02 -24.87
C PRO G 159 -19.45 -26.20 -26.34
N VAL G 160 -18.18 -26.36 -26.69
CA VAL G 160 -17.80 -26.94 -27.97
C VAL G 160 -17.07 -28.21 -27.64
N THR G 161 -16.81 -29.03 -28.65
CA THR G 161 -16.03 -30.25 -28.47
C THR G 161 -14.97 -30.36 -29.59
N VAL G 162 -13.68 -30.29 -29.21
CA VAL G 162 -12.60 -30.43 -30.18
C VAL G 162 -12.11 -31.86 -30.18
N THR G 163 -12.00 -32.44 -31.37
CA THR G 163 -11.35 -33.72 -31.51
C THR G 163 -10.28 -33.56 -32.57
N TRP G 164 -9.26 -34.40 -32.47
CA TRP G 164 -8.18 -34.42 -33.45
C TRP G 164 -8.29 -35.66 -34.35
N ASN G 165 -8.13 -35.48 -35.65
CA ASN G 165 -8.43 -36.56 -36.61
C ASN G 165 -9.64 -37.39 -36.21
N SER G 166 -10.75 -36.69 -35.98
CA SER G 166 -12.07 -37.30 -35.79
C SER G 166 -12.11 -38.24 -34.59
N GLY G 167 -11.10 -38.13 -33.73
CA GLY G 167 -11.07 -38.92 -32.51
C GLY G 167 -9.92 -39.90 -32.46
N SER G 168 -9.35 -40.21 -33.63
CA SER G 168 -8.24 -41.14 -33.73
C SER G 168 -7.06 -40.65 -32.91
N LEU G 169 -6.59 -39.46 -33.25
CA LEU G 169 -5.52 -38.79 -32.51
C LEU G 169 -6.04 -38.31 -31.16
N SER G 170 -5.68 -39.04 -30.10
CA SER G 170 -6.17 -38.70 -28.77
C SER G 170 -5.05 -38.41 -27.79
N SER G 171 -3.85 -38.82 -28.15
CA SER G 171 -2.67 -38.64 -27.31
C SER G 171 -1.84 -37.41 -27.67
N GLY G 172 -1.37 -36.69 -26.65
CA GLY G 172 -0.50 -35.55 -26.87
C GLY G 172 -1.33 -34.29 -26.99
N VAL G 173 -2.60 -34.43 -26.62
CA VAL G 173 -3.60 -33.39 -26.79
C VAL G 173 -3.87 -32.67 -25.47
N HIS G 174 -3.79 -31.34 -25.52
CA HIS G 174 -4.21 -30.48 -24.41
C HIS G 174 -5.30 -29.56 -24.93
N THR G 175 -6.47 -29.63 -24.32
CA THR G 175 -7.53 -28.72 -24.71
C THR G 175 -7.90 -27.87 -23.50
N PHE G 176 -7.63 -26.57 -23.59
CA PHE G 176 -7.74 -25.67 -22.44
C PHE G 176 -9.13 -25.19 -22.17
N PRO G 177 -9.44 -24.93 -20.88
CA PRO G 177 -10.77 -24.44 -20.51
C PRO G 177 -11.13 -23.19 -21.29
N ALA G 178 -12.41 -22.98 -21.53
CA ALA G 178 -12.80 -21.80 -22.27
C ALA G 178 -12.85 -20.58 -21.35
N VAL G 179 -12.57 -19.41 -21.92
CA VAL G 179 -12.62 -18.16 -21.18
C VAL G 179 -13.36 -17.11 -22.00
N LEU G 180 -13.80 -16.04 -21.34
CA LEU G 180 -14.63 -15.00 -21.94
C LEU G 180 -13.84 -13.81 -22.51
N GLN G 181 -14.02 -13.55 -23.80
CA GLN G 181 -13.64 -12.26 -24.41
C GLN G 181 -14.91 -11.42 -24.63
N SER G 182 -15.46 -10.84 -23.56
CA SER G 182 -16.65 -9.98 -23.64
C SER G 182 -17.93 -10.76 -23.41
N ASP G 183 -18.54 -11.14 -24.52
CA ASP G 183 -19.75 -11.94 -24.48
C ASP G 183 -19.38 -13.35 -24.83
N LEU G 184 -18.25 -13.49 -25.51
CA LEU G 184 -17.95 -14.69 -26.28
C LEU G 184 -16.81 -15.56 -25.75
N TYR G 185 -17.07 -16.87 -25.65
CA TYR G 185 -16.09 -17.81 -25.16
C TYR G 185 -15.04 -18.12 -26.21
N THR G 186 -13.87 -18.56 -25.75
CA THR G 186 -12.80 -18.98 -26.65
C THR G 186 -11.84 -19.98 -25.99
N LEU G 187 -11.45 -21.02 -26.74
CA LEU G 187 -10.51 -22.03 -26.27
C LEU G 187 -9.60 -22.51 -27.38
N SER G 188 -8.58 -23.27 -27.01
CA SER G 188 -7.60 -23.73 -27.97
C SER G 188 -7.13 -25.14 -27.60
N SER G 189 -6.62 -25.85 -28.60
CA SER G 189 -6.10 -27.20 -28.38
C SER G 189 -4.75 -27.39 -29.04
N SER G 190 -3.79 -27.86 -28.25
CA SER G 190 -2.49 -28.29 -28.75
C SER G 190 -2.49 -29.79 -28.95
N VAL G 191 -1.70 -30.24 -29.91
CA VAL G 191 -1.53 -31.67 -30.14
C VAL G 191 -0.08 -31.94 -30.56
N THR G 192 0.46 -33.09 -30.18
CA THR G 192 1.86 -33.40 -30.46
C THR G 192 2.08 -34.82 -31.00
N VAL G 193 2.94 -34.91 -32.02
CA VAL G 193 3.13 -36.12 -32.82
C VAL G 193 4.57 -36.16 -33.37
N PRO G 194 5.05 -37.35 -33.79
CA PRO G 194 6.40 -37.41 -34.34
C PRO G 194 6.50 -36.64 -35.65
N SER G 195 7.61 -35.93 -35.85
CA SER G 195 7.82 -35.15 -37.07
C SER G 195 7.97 -36.05 -38.29
N SER G 196 7.77 -37.34 -38.07
CA SER G 196 7.73 -38.31 -39.17
C SER G 196 6.28 -38.51 -39.60
N THR G 197 5.35 -38.33 -38.66
CA THR G 197 3.94 -38.57 -38.91
C THR G 197 3.23 -37.35 -39.53
N TRP G 198 3.86 -36.18 -39.42
CA TRP G 198 3.33 -34.94 -39.99
C TRP G 198 4.50 -34.11 -40.57
N PRO G 199 4.29 -33.46 -41.72
CA PRO G 199 3.08 -33.30 -42.55
C PRO G 199 2.73 -34.50 -43.44
N SER G 200 3.68 -35.38 -43.66
CA SER G 200 3.46 -36.56 -44.51
C SER G 200 2.04 -37.12 -44.36
N GLU G 201 1.57 -37.18 -43.12
CA GLU G 201 0.22 -37.62 -42.83
C GLU G 201 -0.58 -36.50 -42.21
N THR G 202 -1.77 -36.25 -42.75
CA THR G 202 -2.57 -35.08 -42.40
C THR G 202 -3.22 -35.17 -41.02
N VAL G 203 -3.18 -34.06 -40.29
CA VAL G 203 -3.83 -33.94 -38.99
C VAL G 203 -4.97 -32.94 -39.17
N THR G 204 -6.11 -33.20 -38.53
CA THR G 204 -7.24 -32.30 -38.67
C THR G 204 -7.97 -32.05 -37.37
N CYS G 205 -8.38 -30.80 -37.19
CA CYS G 205 -9.00 -30.30 -35.99
C CYS G 205 -10.50 -30.26 -36.24
N ASN G 206 -11.28 -30.88 -35.37
CA ASN G 206 -12.74 -30.96 -35.58
C ASN G 206 -13.58 -30.34 -34.46
N VAL G 207 -13.96 -29.08 -34.63
CA VAL G 207 -14.75 -28.42 -33.62
C VAL G 207 -16.21 -28.68 -33.90
N ALA G 208 -16.95 -28.97 -32.85
CA ALA G 208 -18.39 -29.16 -32.98
C ALA G 208 -19.11 -28.33 -31.92
N HIS G 209 -20.08 -27.53 -32.36
CA HIS G 209 -20.80 -26.64 -31.46
C HIS G 209 -22.29 -26.96 -31.44
N PRO G 210 -22.68 -27.88 -30.53
CA PRO G 210 -24.04 -28.42 -30.42
C PRO G 210 -25.11 -27.33 -30.47
N ALA G 211 -24.94 -26.29 -29.67
CA ALA G 211 -25.96 -25.27 -29.51
C ALA G 211 -26.27 -24.65 -30.85
N SER G 212 -25.23 -24.26 -31.59
CA SER G 212 -25.42 -23.55 -32.84
C SER G 212 -25.47 -24.52 -33.99
N SER G 213 -25.56 -25.80 -33.70
CA SER G 213 -25.76 -26.79 -34.73
C SER G 213 -24.71 -26.63 -35.82
N THR G 214 -23.44 -26.48 -35.44
CA THR G 214 -22.40 -26.42 -36.46
C THR G 214 -21.29 -27.44 -36.18
N LYS G 215 -20.66 -27.87 -37.28
CA LYS G 215 -19.49 -28.74 -37.25
C LYS G 215 -18.50 -28.15 -38.22
N VAL G 216 -17.23 -28.13 -37.83
CA VAL G 216 -16.20 -27.49 -38.64
C VAL G 216 -14.90 -28.27 -38.58
N ASP G 217 -14.31 -28.54 -39.74
CA ASP G 217 -13.04 -29.24 -39.83
C ASP G 217 -11.95 -28.29 -40.31
N LYS G 218 -10.78 -28.32 -39.70
CA LYS G 218 -9.66 -27.55 -40.25
C LYS G 218 -8.40 -28.39 -40.34
N LYS G 219 -7.88 -28.53 -41.56
CA LYS G 219 -6.64 -29.26 -41.80
C LYS G 219 -5.46 -28.35 -41.52
N ILE G 220 -4.48 -28.85 -40.79
CA ILE G 220 -3.35 -28.02 -40.43
C ILE G 220 -2.25 -28.09 -41.49
N VAL G 221 -2.45 -27.44 -42.63
CA VAL G 221 -1.42 -27.45 -43.69
C VAL G 221 -0.24 -26.54 -43.30
N PRO G 222 0.99 -26.88 -43.73
CA PRO G 222 2.23 -26.19 -43.33
C PRO G 222 2.35 -24.72 -43.78
N ARG G 223 3.26 -24.00 -43.13
CA ARG G 223 3.45 -22.55 -43.31
C ARG G 223 2.50 -21.70 -42.44
N ASP H 1 -20.62 -10.13 8.89
CA ASP H 1 -20.16 -11.12 7.92
C ASP H 1 -18.85 -11.76 8.33
N VAL H 2 -18.92 -13.04 8.71
CA VAL H 2 -17.74 -13.80 9.10
C VAL H 2 -16.95 -14.24 7.89
N LEU H 3 -15.71 -13.79 7.79
CA LEU H 3 -14.84 -14.21 6.71
C LEU H 3 -13.93 -15.33 7.17
N MET H 4 -14.09 -16.50 6.55
CA MET H 4 -13.24 -17.64 6.80
C MET H 4 -12.06 -17.61 5.82
N THR H 5 -10.86 -17.54 6.36
CA THR H 5 -9.66 -17.44 5.54
C THR H 5 -8.76 -18.67 5.76
N GLN H 6 -8.62 -19.48 4.70
CA GLN H 6 -7.93 -20.77 4.77
C GLN H 6 -6.47 -20.64 4.34
N THR H 7 -5.63 -21.56 4.81
CA THR H 7 -4.20 -21.58 4.47
C THR H 7 -3.66 -23.00 4.57
N PRO H 8 -2.85 -23.43 3.58
CA PRO H 8 -2.50 -22.69 2.36
C PRO H 8 -3.68 -22.65 1.43
N LEU H 9 -3.51 -22.08 0.25
CA LEU H 9 -4.58 -22.14 -0.72
C LEU H 9 -4.34 -23.31 -1.69
N SER H 10 -3.06 -23.65 -1.88
CA SER H 10 -2.66 -24.87 -2.57
C SER H 10 -1.73 -25.68 -1.65
N LEU H 11 -1.85 -27.01 -1.69
CA LEU H 11 -1.04 -27.85 -0.80
C LEU H 11 -0.54 -29.11 -1.50
N PRO H 12 0.66 -29.07 -2.08
CA PRO H 12 1.17 -30.29 -2.71
C PRO H 12 1.67 -31.31 -1.68
N VAL H 13 1.13 -32.52 -1.74
CA VAL H 13 1.52 -33.60 -0.84
C VAL H 13 1.84 -34.89 -1.62
N SER H 14 2.75 -35.69 -1.09
CA SER H 14 3.02 -37.00 -1.66
C SER H 14 2.06 -38.00 -1.05
N LEU H 15 1.60 -38.97 -1.84
CA LEU H 15 0.67 -39.94 -1.32
C LEU H 15 1.27 -40.58 -0.08
N GLY H 16 0.54 -40.53 1.01
CA GLY H 16 1.00 -41.09 2.26
C GLY H 16 1.71 -40.11 3.19
N ASP H 17 1.68 -38.82 2.86
CA ASP H 17 2.18 -37.77 3.75
C ASP H 17 1.09 -37.33 4.70
N GLN H 18 1.48 -36.50 5.67
CA GLN H 18 0.47 -35.76 6.42
C GLN H 18 0.21 -34.43 5.76
N ALA H 19 -0.93 -33.83 6.05
CA ALA H 19 -1.25 -32.54 5.48
C ALA H 19 -2.09 -31.82 6.50
N SER H 20 -1.77 -30.55 6.73
CA SER H 20 -2.63 -29.70 7.56
C SER H 20 -3.28 -28.61 6.75
N ILE H 21 -4.37 -28.08 7.29
CA ILE H 21 -5.06 -26.97 6.66
C ILE H 21 -5.57 -26.07 7.77
N SER H 22 -5.15 -24.83 7.75
CA SER H 22 -5.63 -23.90 8.75
C SER H 22 -6.81 -23.11 8.23
N CYS H 23 -7.74 -22.81 9.12
CA CYS H 23 -8.89 -21.99 8.80
C CYS H 23 -9.20 -21.08 9.96
N ARG H 24 -9.19 -19.78 9.72
CA ARG H 24 -9.42 -18.83 10.80
C ARG H 24 -10.60 -17.92 10.44
N SER H 25 -11.52 -17.71 11.39
CA SER H 25 -12.71 -16.89 11.16
C SER H 25 -12.45 -15.43 11.48
N SER H 26 -13.14 -14.52 10.79
CA SER H 26 -12.92 -13.09 11.02
C SER H 26 -13.42 -12.67 12.39
N GLN H 27 -14.16 -13.56 13.06
CA GLN H 27 -14.69 -13.27 14.38
C GLN H 27 -15.23 -14.53 15.03
N ASN H 28 -15.36 -14.49 16.34
CA ASN H 28 -15.80 -15.63 17.10
C ASN H 28 -17.06 -16.26 16.54
N ILE H 29 -17.08 -17.59 16.41
CA ILE H 29 -18.24 -18.30 15.85
C ILE H 29 -18.90 -19.33 16.79
N VAL H 30 -18.89 -19.09 18.09
CA VAL H 30 -19.61 -19.93 19.04
C VAL H 30 -21.04 -19.45 19.21
N HIS H 31 -21.97 -20.15 18.58
CA HIS H 31 -23.39 -19.85 18.70
C HIS H 31 -23.80 -19.66 20.15
N SER H 32 -24.95 -19.04 20.39
CA SER H 32 -25.35 -18.70 21.75
C SER H 32 -25.92 -19.90 22.51
N ASN H 33 -26.11 -21.02 21.83
CA ASN H 33 -26.54 -22.24 22.49
C ASN H 33 -25.34 -23.06 22.93
N GLY H 34 -24.14 -22.52 22.68
CA GLY H 34 -22.91 -23.15 23.14
C GLY H 34 -22.18 -23.95 22.09
N ASN H 35 -22.87 -24.23 20.99
CA ASN H 35 -22.24 -25.00 19.94
C ASN H 35 -21.46 -24.15 18.96
N THR H 36 -20.24 -24.59 18.65
CA THR H 36 -19.43 -24.01 17.58
C THR H 36 -19.66 -24.77 16.28
N TYR H 37 -20.41 -24.16 15.36
CA TYR H 37 -20.72 -24.82 14.09
C TYR H 37 -19.61 -24.58 13.07
N LEU H 38 -18.48 -25.23 13.29
CA LEU H 38 -17.40 -25.27 12.31
C LEU H 38 -17.43 -26.61 11.59
N GLU H 39 -17.44 -26.58 10.27
CA GLU H 39 -17.48 -27.82 9.51
C GLU H 39 -16.53 -27.82 8.34
N TRP H 40 -16.03 -29.00 7.98
CA TRP H 40 -15.14 -29.14 6.85
C TRP H 40 -15.82 -29.94 5.74
N TYR H 41 -15.63 -29.50 4.50
CA TYR H 41 -16.22 -30.16 3.31
C TYR H 41 -15.12 -30.39 2.28
N LEU H 42 -15.27 -31.45 1.49
CA LEU H 42 -14.27 -31.76 0.48
C LEU H 42 -15.01 -31.88 -0.82
N GLN H 43 -14.49 -31.25 -1.85
CA GLN H 43 -15.12 -31.32 -3.17
C GLN H 43 -14.13 -31.77 -4.24
N LYS H 44 -14.48 -32.84 -4.94
CA LYS H 44 -13.64 -33.29 -6.05
C LYS H 44 -14.18 -32.70 -7.34
N PRO H 45 -13.36 -32.64 -8.39
CA PRO H 45 -13.81 -32.00 -9.64
C PRO H 45 -15.10 -32.63 -10.18
N GLY H 46 -16.11 -31.80 -10.43
CA GLY H 46 -17.36 -32.28 -10.99
C GLY H 46 -18.30 -32.94 -9.98
N GLN H 47 -17.85 -33.07 -8.74
CA GLN H 47 -18.69 -33.56 -7.66
C GLN H 47 -19.31 -32.37 -6.94
N SER H 48 -20.30 -32.66 -6.12
CA SER H 48 -20.74 -31.68 -5.14
C SER H 48 -19.78 -31.82 -3.97
N PRO H 49 -19.86 -30.89 -3.02
CA PRO H 49 -19.08 -31.02 -1.79
C PRO H 49 -19.62 -32.15 -0.92
N LYS H 50 -18.77 -32.71 -0.05
CA LYS H 50 -19.23 -33.74 0.90
C LYS H 50 -18.63 -33.52 2.28
N LEU H 51 -19.46 -33.81 3.29
CA LEU H 51 -19.16 -33.48 4.67
C LEU H 51 -18.14 -34.43 5.34
N LEU H 52 -17.02 -33.87 5.81
CA LEU H 52 -16.02 -34.63 6.56
C LEU H 52 -16.17 -34.41 8.06
N ILE H 53 -16.04 -33.15 8.50
CA ILE H 53 -16.11 -32.79 9.92
C ILE H 53 -17.23 -31.78 10.22
N TYR H 54 -17.85 -31.94 11.39
CA TYR H 54 -18.86 -31.00 11.92
C TYR H 54 -18.54 -30.76 13.40
N LYS H 55 -19.10 -29.69 13.99
CA LYS H 55 -18.77 -29.29 15.37
C LYS H 55 -17.27 -29.38 15.70
N VAL H 56 -16.45 -28.86 14.80
CA VAL H 56 -15.00 -28.70 14.99
C VAL H 56 -14.18 -29.99 14.88
N SER H 57 -14.54 -30.99 15.67
CA SER H 57 -13.69 -32.17 15.84
C SER H 57 -14.37 -33.51 15.60
N ASN H 58 -15.64 -33.47 15.21
CA ASN H 58 -16.42 -34.69 14.94
C ASN H 58 -16.34 -35.19 13.52
N ARG H 59 -15.92 -36.44 13.34
CA ARG H 59 -16.00 -37.07 12.02
C ARG H 59 -17.45 -37.46 11.70
N PHE H 60 -17.86 -37.21 10.46
CA PHE H 60 -19.20 -37.56 10.01
C PHE H 60 -19.19 -39.04 9.69
N SER H 61 -20.28 -39.75 9.99
CA SER H 61 -20.27 -41.23 9.83
C SER H 61 -19.91 -41.68 8.42
N GLY H 62 -18.80 -42.41 8.31
CA GLY H 62 -18.26 -42.86 7.03
C GLY H 62 -16.89 -42.29 6.72
N VAL H 63 -16.34 -41.50 7.64
CA VAL H 63 -15.10 -40.78 7.39
C VAL H 63 -13.94 -41.38 8.19
N PRO H 64 -12.85 -41.73 7.50
CA PRO H 64 -11.70 -42.43 8.11
C PRO H 64 -11.04 -41.60 9.16
N ASP H 65 -10.78 -42.19 10.33
CA ASP H 65 -10.22 -41.40 11.42
C ASP H 65 -8.83 -40.86 11.08
N ARG H 66 -8.34 -41.11 9.87
CA ARG H 66 -7.10 -40.45 9.45
C ARG H 66 -7.36 -38.96 9.13
N PHE H 67 -8.64 -38.59 9.09
CA PHE H 67 -9.09 -37.19 9.14
C PHE H 67 -9.41 -36.77 10.58
N SER H 68 -8.85 -35.66 11.03
CA SER H 68 -9.24 -35.09 12.31
C SER H 68 -9.23 -33.57 12.28
N GLY H 69 -10.15 -32.97 13.00
CA GLY H 69 -10.27 -31.53 13.07
C GLY H 69 -10.11 -30.97 14.47
N SER H 70 -9.35 -29.89 14.61
CA SER H 70 -9.17 -29.30 15.92
C SER H 70 -9.50 -27.83 15.83
N GLY H 71 -9.46 -27.14 16.97
CA GLY H 71 -9.69 -25.71 17.02
C GLY H 71 -10.59 -25.21 18.13
N SER H 72 -10.66 -23.90 18.26
CA SER H 72 -11.45 -23.27 19.31
C SER H 72 -11.56 -21.78 19.07
N GLY H 73 -12.80 -21.28 19.15
CA GLY H 73 -13.04 -19.85 19.12
C GLY H 73 -12.96 -19.26 17.74
N THR H 74 -11.76 -19.04 17.23
CA THR H 74 -11.63 -18.44 15.92
C THR H 74 -10.53 -19.11 15.08
N ASP H 75 -9.98 -20.21 15.59
CA ASP H 75 -8.81 -20.77 14.96
C ASP H 75 -8.88 -22.29 14.86
N PHE H 76 -8.91 -22.81 13.63
CA PHE H 76 -9.22 -24.22 13.37
C PHE H 76 -8.26 -24.92 12.41
N THR H 77 -8.07 -26.22 12.62
CA THR H 77 -7.21 -27.01 11.75
C THR H 77 -7.85 -28.30 11.28
N LEU H 78 -7.52 -28.69 10.05
CA LEU H 78 -7.83 -30.03 9.55
C LEU H 78 -6.51 -30.74 9.36
N LYS H 79 -6.42 -31.96 9.86
CA LYS H 79 -5.23 -32.77 9.63
C LYS H 79 -5.60 -34.09 8.98
N ILE H 80 -4.90 -34.41 7.90
CA ILE H 80 -5.01 -35.72 7.28
C ILE H 80 -3.67 -36.40 7.40
N SER H 81 -3.62 -37.49 8.17
CA SER H 81 -2.39 -38.27 8.23
C SER H 81 -2.49 -39.35 7.14
N ARG H 82 -1.39 -39.63 6.46
CA ARG H 82 -1.37 -40.65 5.40
C ARG H 82 -2.39 -40.36 4.28
N VAL H 83 -2.14 -39.28 3.54
CA VAL H 83 -3.00 -38.84 2.45
C VAL H 83 -3.17 -39.92 1.37
N GLU H 84 -4.42 -40.08 0.90
CA GLU H 84 -4.77 -41.02 -0.17
C GLU H 84 -5.32 -40.32 -1.42
N ALA H 85 -5.17 -40.98 -2.56
CA ALA H 85 -5.57 -40.40 -3.85
C ALA H 85 -7.02 -39.97 -3.86
N GLU H 86 -7.83 -40.60 -3.04
CA GLU H 86 -9.24 -40.25 -2.94
C GLU H 86 -9.45 -39.02 -2.05
N ASP H 87 -8.40 -38.62 -1.37
CA ASP H 87 -8.44 -37.43 -0.54
C ASP H 87 -8.09 -36.18 -1.35
N LEU H 88 -7.58 -36.37 -2.55
CA LEU H 88 -7.22 -35.25 -3.42
C LEU H 88 -8.47 -34.48 -3.87
N GLY H 89 -8.43 -33.16 -3.76
CA GLY H 89 -9.58 -32.34 -4.09
C GLY H 89 -9.50 -30.97 -3.44
N VAL H 90 -10.64 -30.31 -3.29
CA VAL H 90 -10.71 -28.99 -2.68
C VAL H 90 -11.40 -29.01 -1.31
N TYR H 91 -10.76 -28.38 -0.33
CA TYR H 91 -11.24 -28.37 1.04
C TYR H 91 -11.77 -27.02 1.46
N TYR H 92 -13.03 -27.00 1.89
CA TYR H 92 -13.66 -25.80 2.41
C TYR H 92 -14.00 -25.98 3.90
N CYS H 93 -13.66 -24.97 4.71
CA CYS H 93 -14.15 -24.94 6.07
C CYS H 93 -15.38 -24.05 6.05
N PHE H 94 -16.32 -24.29 6.96
CA PHE H 94 -17.59 -23.55 6.96
C PHE H 94 -18.02 -23.21 8.39
N GLN H 95 -18.58 -22.01 8.58
CA GLN H 95 -19.20 -21.64 9.85
C GLN H 95 -20.71 -21.51 9.66
N GLY H 96 -21.46 -22.05 10.62
CA GLY H 96 -22.91 -22.07 10.53
C GLY H 96 -23.58 -21.50 11.76
N SER H 97 -22.94 -20.51 12.37
CA SER H 97 -23.49 -19.88 13.56
C SER H 97 -24.08 -18.51 13.27
N HIS H 98 -23.46 -17.81 12.32
CA HIS H 98 -23.92 -16.48 11.93
C HIS H 98 -24.51 -16.44 10.54
N VAL H 99 -25.46 -15.55 10.34
CA VAL H 99 -26.02 -15.30 9.01
C VAL H 99 -25.33 -14.09 8.37
N PRO H 100 -24.83 -14.26 7.13
CA PRO H 100 -25.01 -15.45 6.31
C PRO H 100 -24.02 -16.55 6.68
N LEU H 101 -24.45 -17.79 6.45
CA LEU H 101 -23.58 -18.96 6.54
C LEU H 101 -22.46 -18.84 5.49
N THR H 102 -21.23 -19.20 5.87
CA THR H 102 -20.08 -18.96 4.98
C THR H 102 -18.99 -20.05 4.94
N PHE H 103 -18.40 -20.24 3.75
CA PHE H 103 -17.31 -21.18 3.55
C PHE H 103 -16.06 -20.42 3.20
N GLY H 104 -14.91 -21.06 3.34
CA GLY H 104 -13.66 -20.53 2.85
C GLY H 104 -13.53 -20.62 1.33
N ALA H 105 -12.46 -20.05 0.82
CA ALA H 105 -12.21 -20.00 -0.62
C ALA H 105 -11.71 -21.35 -1.04
N GLY H 106 -11.41 -22.18 -0.06
CA GLY H 106 -11.06 -23.56 -0.30
C GLY H 106 -9.60 -23.77 -0.55
N THR H 107 -9.10 -24.91 -0.11
CA THR H 107 -7.71 -25.30 -0.35
C THR H 107 -7.63 -26.48 -1.31
N LYS H 108 -6.69 -26.41 -2.26
CA LYS H 108 -6.52 -27.43 -3.27
C LYS H 108 -5.48 -28.46 -2.82
N LEU H 109 -5.94 -29.65 -2.45
CA LEU H 109 -5.02 -30.73 -2.09
C LEU H 109 -4.57 -31.41 -3.37
N GLU H 110 -3.31 -31.21 -3.74
CA GLU H 110 -2.80 -31.69 -5.02
C GLU H 110 -1.62 -32.63 -4.81
N LEU H 111 -1.17 -33.28 -5.88
CA LEU H 111 -0.08 -34.25 -5.82
C LEU H 111 1.29 -33.60 -6.02
N LYS H 112 2.26 -33.98 -5.20
CA LYS H 112 3.64 -33.50 -5.38
C LYS H 112 4.37 -34.28 -6.46
N ARG H 113 5.44 -33.66 -7.01
CA ARG H 113 6.12 -34.17 -8.23
C ARG H 113 7.47 -33.48 -8.51
N ALA H 114 8.39 -34.20 -9.16
CA ALA H 114 9.69 -33.63 -9.52
C ALA H 114 9.50 -32.51 -10.52
N ASP H 115 10.25 -31.42 -10.35
CA ASP H 115 10.10 -30.26 -11.23
C ASP H 115 10.31 -30.66 -12.69
N ALA H 116 9.72 -29.90 -13.60
CA ALA H 116 9.82 -30.18 -15.02
C ALA H 116 9.55 -28.91 -15.82
N ALA H 117 10.48 -28.58 -16.73
CA ALA H 117 10.35 -27.42 -17.59
C ALA H 117 9.21 -27.59 -18.60
N PRO H 118 8.60 -26.47 -19.02
CA PRO H 118 7.50 -26.54 -19.97
C PRO H 118 8.06 -26.67 -21.38
N THR H 119 7.28 -27.28 -22.29
CA THR H 119 7.63 -27.29 -23.70
C THR H 119 6.82 -26.21 -24.41
N VAL H 120 7.51 -25.13 -24.77
CA VAL H 120 6.86 -23.93 -25.27
C VAL H 120 6.79 -23.89 -26.81
N SER H 121 5.61 -23.60 -27.34
CA SER H 121 5.42 -23.49 -28.77
C SER H 121 4.68 -22.18 -29.09
N ILE H 122 5.24 -21.38 -30.01
CA ILE H 122 4.60 -20.13 -30.40
C ILE H 122 4.03 -20.26 -31.79
N PHE H 123 2.84 -19.72 -31.99
CA PHE H 123 2.11 -19.90 -33.24
C PHE H 123 1.63 -18.60 -33.83
N PRO H 124 2.18 -18.22 -34.99
CA PRO H 124 1.77 -17.04 -35.75
C PRO H 124 0.31 -17.12 -36.14
N PRO H 125 -0.36 -15.98 -36.33
CA PRO H 125 -1.77 -15.96 -36.74
C PRO H 125 -1.97 -16.68 -38.07
N SER H 126 -3.10 -17.37 -38.23
CA SER H 126 -3.39 -18.07 -39.49
C SER H 126 -3.93 -17.12 -40.55
N SER H 127 -3.41 -17.21 -41.78
CA SER H 127 -3.88 -16.35 -42.87
C SER H 127 -5.40 -16.25 -42.90
N GLU H 128 -6.07 -17.36 -42.59
CA GLU H 128 -7.51 -17.36 -42.30
C GLU H 128 -7.92 -16.16 -41.45
N GLN H 129 -7.49 -16.15 -40.18
CA GLN H 129 -7.88 -15.09 -39.27
C GLN H 129 -7.41 -13.72 -39.75
N LEU H 130 -6.30 -13.69 -40.48
CA LEU H 130 -5.75 -12.43 -40.97
C LEU H 130 -6.60 -11.86 -42.08
N THR H 131 -6.95 -12.70 -43.04
CA THR H 131 -7.87 -12.32 -44.09
C THR H 131 -9.09 -11.61 -43.51
N SER H 132 -9.57 -12.10 -42.36
CA SER H 132 -10.84 -11.63 -41.81
C SER H 132 -10.73 -10.73 -40.59
N GLY H 133 -9.70 -9.86 -40.57
CA GLY H 133 -9.65 -8.78 -39.59
C GLY H 133 -8.69 -8.80 -38.39
N GLY H 134 -8.64 -9.92 -37.67
CA GLY H 134 -7.87 -10.01 -36.43
C GLY H 134 -6.63 -10.86 -36.49
N ALA H 135 -5.70 -10.62 -35.57
CA ALA H 135 -4.47 -11.40 -35.49
C ALA H 135 -4.22 -11.85 -34.07
N SER H 136 -4.48 -13.13 -33.79
CA SER H 136 -4.20 -13.71 -32.49
C SER H 136 -2.91 -14.50 -32.57
N VAL H 137 -2.01 -14.23 -31.63
CA VAL H 137 -0.80 -15.03 -31.50
C VAL H 137 -0.92 -16.00 -30.31
N VAL H 138 -0.82 -17.29 -30.59
CA VAL H 138 -1.03 -18.29 -29.56
C VAL H 138 0.27 -18.84 -29.04
N CYS H 139 0.30 -19.14 -27.75
CA CYS H 139 1.46 -19.75 -27.16
C CYS H 139 1.10 -20.89 -26.20
N PHE H 140 1.63 -22.08 -26.45
CA PHE H 140 1.39 -23.18 -25.53
C PHE H 140 2.60 -23.47 -24.64
N LEU H 141 2.37 -23.55 -23.33
CA LEU H 141 3.40 -23.99 -22.41
C LEU H 141 2.93 -25.28 -21.78
N ASN H 142 3.57 -26.39 -22.13
CA ASN H 142 3.07 -27.72 -21.83
C ASN H 142 3.85 -28.61 -20.84
N ASN H 143 3.12 -29.22 -19.91
CA ASN H 143 3.63 -30.28 -19.02
C ASN H 143 4.73 -29.86 -18.05
N PHE H 144 4.47 -28.89 -17.20
CA PHE H 144 5.50 -28.37 -16.30
C PHE H 144 5.11 -28.60 -14.84
N TYR H 145 6.12 -28.68 -13.99
CA TYR H 145 5.90 -28.67 -12.55
C TYR H 145 7.08 -27.93 -11.93
N PRO H 146 6.81 -27.08 -10.92
CA PRO H 146 5.56 -26.80 -10.22
C PRO H 146 4.52 -26.13 -11.10
N LYS H 147 3.34 -25.89 -10.53
CA LYS H 147 2.22 -25.28 -11.23
C LYS H 147 2.40 -23.78 -11.50
N ASP H 148 3.25 -23.14 -10.69
CA ASP H 148 3.39 -21.68 -10.74
C ASP H 148 4.32 -21.21 -11.85
N ILE H 149 3.76 -20.42 -12.76
CA ILE H 149 4.53 -19.90 -13.88
C ILE H 149 4.08 -18.48 -14.28
N ASN H 150 4.94 -17.77 -14.99
CA ASN H 150 4.63 -16.41 -15.44
C ASN H 150 5.03 -16.12 -16.88
N VAL H 151 4.09 -15.60 -17.66
CA VAL H 151 4.33 -15.39 -19.08
C VAL H 151 4.30 -13.93 -19.47
N LYS H 152 5.32 -13.50 -20.22
CA LYS H 152 5.37 -12.15 -20.76
C LYS H 152 5.30 -12.20 -22.29
N TRP H 153 4.55 -11.25 -22.87
CA TRP H 153 4.48 -11.10 -24.30
C TRP H 153 5.29 -9.89 -24.71
N LYS H 154 6.12 -10.06 -25.73
CA LYS H 154 7.02 -8.97 -26.13
C LYS H 154 6.97 -8.75 -27.63
N ILE H 155 6.71 -7.50 -28.00
CA ILE H 155 6.68 -7.12 -29.41
C ILE H 155 7.82 -6.17 -29.70
N ASP H 156 8.71 -6.57 -30.61
CA ASP H 156 9.87 -5.78 -30.98
C ASP H 156 10.71 -5.35 -29.77
N GLY H 157 10.67 -6.15 -28.72
CA GLY H 157 11.51 -5.90 -27.56
C GLY H 157 10.73 -5.34 -26.40
N SER H 158 9.53 -4.84 -26.67
CA SER H 158 8.73 -4.17 -25.66
C SER H 158 7.65 -5.08 -25.08
N GLU H 159 7.55 -5.06 -23.75
CA GLU H 159 6.49 -5.80 -23.08
C GLU H 159 5.12 -5.30 -23.49
N ARG H 160 4.20 -6.25 -23.60
CA ARG H 160 2.85 -5.97 -24.04
C ARG H 160 1.82 -6.51 -23.04
N GLN H 161 1.25 -5.59 -22.26
CA GLN H 161 0.33 -5.89 -21.18
C GLN H 161 -1.07 -6.33 -21.63
N ASN H 162 -1.69 -5.54 -22.51
CA ASN H 162 -3.11 -5.66 -22.87
C ASN H 162 -3.48 -6.63 -24.01
N GLY H 163 -4.49 -7.46 -23.76
CA GLY H 163 -5.00 -8.32 -24.81
C GLY H 163 -4.57 -9.78 -24.65
N VAL H 164 -3.89 -10.06 -23.55
CA VAL H 164 -3.44 -11.39 -23.25
C VAL H 164 -4.58 -12.21 -22.68
N LEU H 165 -4.73 -13.45 -23.14
CA LEU H 165 -5.71 -14.36 -22.57
C LEU H 165 -5.18 -15.76 -22.21
N ASN H 166 -5.18 -16.05 -20.92
CA ASN H 166 -4.60 -17.27 -20.38
C ASN H 166 -5.61 -18.31 -19.95
N SER H 167 -5.24 -19.57 -20.12
CA SER H 167 -6.01 -20.67 -19.60
C SER H 167 -5.05 -21.75 -19.16
N TRP H 168 -5.25 -22.26 -17.93
CA TRP H 168 -4.41 -23.32 -17.38
C TRP H 168 -5.22 -24.60 -17.26
N THR H 169 -4.59 -25.74 -17.50
CA THR H 169 -5.26 -27.01 -17.30
C THR H 169 -5.17 -27.33 -15.82
N ASP H 170 -6.06 -28.20 -15.35
CA ASP H 170 -5.95 -28.76 -14.02
C ASP H 170 -4.86 -29.83 -14.00
N GLN H 171 -4.39 -30.19 -12.81
CA GLN H 171 -3.29 -31.15 -12.72
C GLN H 171 -3.62 -32.48 -13.39
N ASP H 172 -2.71 -32.92 -14.26
CA ASP H 172 -2.80 -34.16 -14.98
C ASP H 172 -2.75 -35.40 -14.06
N SER H 173 -3.69 -36.32 -14.22
CA SER H 173 -3.77 -37.48 -13.33
C SER H 173 -2.69 -38.53 -13.60
N LYS H 174 -2.24 -38.62 -14.84
CA LYS H 174 -1.18 -39.56 -15.24
C LYS H 174 0.24 -39.03 -14.88
N ASP H 175 0.60 -37.83 -15.35
CA ASP H 175 1.97 -37.33 -15.16
C ASP H 175 2.10 -36.19 -14.16
N SER H 176 0.98 -35.83 -13.53
CA SER H 176 0.96 -34.81 -12.47
C SER H 176 1.48 -33.45 -12.88
N THR H 177 1.48 -33.14 -14.17
CA THR H 177 2.02 -31.86 -14.65
C THR H 177 0.91 -30.90 -14.89
N TYR H 178 1.25 -29.63 -15.07
CA TYR H 178 0.27 -28.63 -15.47
C TYR H 178 0.62 -28.09 -16.86
N SER H 179 -0.39 -27.56 -17.54
CA SER H 179 -0.16 -26.97 -18.84
C SER H 179 -0.90 -25.66 -18.91
N MET H 180 -0.50 -24.80 -19.84
CA MET H 180 -1.26 -23.57 -20.08
C MET H 180 -1.12 -23.04 -21.49
N SER H 181 -2.12 -22.27 -21.92
CA SER H 181 -2.06 -21.55 -23.17
C SER H 181 -2.21 -20.06 -22.88
N SER H 182 -1.39 -19.26 -23.53
CA SER H 182 -1.52 -17.81 -23.46
C SER H 182 -1.77 -17.26 -24.87
N THR H 183 -2.71 -16.33 -25.00
CA THR H 183 -3.05 -15.80 -26.32
C THR H 183 -3.16 -14.28 -26.40
N LEU H 184 -2.31 -13.72 -27.26
CA LEU H 184 -2.26 -12.30 -27.55
C LEU H 184 -3.14 -12.00 -28.76
N THR H 185 -4.20 -11.22 -28.54
CA THR H 185 -5.16 -10.93 -29.59
C THR H 185 -5.09 -9.48 -30.03
N LEU H 186 -4.70 -9.27 -31.29
CA LEU H 186 -4.49 -7.95 -31.87
C LEU H 186 -5.48 -7.63 -33.00
N THR H 187 -5.32 -6.44 -33.57
CA THR H 187 -5.93 -6.11 -34.85
C THR H 187 -4.92 -6.42 -35.94
N LYS H 188 -5.37 -6.81 -37.13
CA LYS H 188 -4.43 -7.12 -38.21
C LYS H 188 -3.51 -5.92 -38.41
N ASP H 189 -4.11 -4.73 -38.44
CA ASP H 189 -3.36 -3.50 -38.60
C ASP H 189 -2.23 -3.38 -37.59
N GLU H 190 -2.54 -3.53 -36.31
CA GLU H 190 -1.54 -3.48 -35.25
C GLU H 190 -0.46 -4.51 -35.46
N TYR H 191 -0.89 -5.71 -35.84
CA TYR H 191 0.02 -6.82 -35.99
C TYR H 191 1.06 -6.50 -37.08
N GLU H 192 0.62 -5.83 -38.14
CA GLU H 192 1.51 -5.53 -39.27
C GLU H 192 2.48 -4.41 -38.98
N ARG H 193 2.26 -3.72 -37.87
CA ARG H 193 3.07 -2.57 -37.52
C ARG H 193 4.37 -2.98 -36.83
N HIS H 194 4.52 -4.28 -36.64
CA HIS H 194 5.71 -4.81 -35.96
C HIS H 194 6.19 -6.08 -36.63
N ASN H 195 7.46 -6.44 -36.41
CA ASN H 195 8.00 -7.65 -37.02
C ASN H 195 8.17 -8.83 -36.07
N SER H 196 8.95 -8.68 -35.01
CA SER H 196 9.26 -9.82 -34.14
C SER H 196 8.34 -9.95 -32.92
N TYR H 197 7.92 -11.19 -32.65
CA TYR H 197 7.04 -11.46 -31.52
C TYR H 197 7.64 -12.52 -30.61
N THR H 198 7.69 -12.21 -29.32
CA THR H 198 8.30 -13.11 -28.36
C THR H 198 7.32 -13.57 -27.29
N CYS H 199 7.46 -14.84 -26.95
CA CYS H 199 6.68 -15.46 -25.91
C CYS H 199 7.63 -15.85 -24.78
N GLU H 200 7.48 -15.24 -23.61
CA GLU H 200 8.47 -15.37 -22.54
C GLU H 200 7.95 -16.07 -21.29
N ALA H 201 8.66 -17.11 -20.84
CA ALA H 201 8.23 -17.86 -19.67
C ALA H 201 9.31 -18.00 -18.60
N THR H 202 9.04 -17.40 -17.44
CA THR H 202 9.85 -17.62 -16.27
C THR H 202 9.22 -18.71 -15.42
N HIS H 203 10.04 -19.62 -14.91
CA HIS H 203 9.53 -20.77 -14.17
C HIS H 203 10.69 -21.30 -13.33
N LYS H 204 10.37 -21.89 -12.18
CA LYS H 204 11.42 -22.21 -11.23
C LYS H 204 12.47 -23.17 -11.82
N THR H 205 12.13 -23.88 -12.89
CA THR H 205 13.09 -24.82 -13.46
C THR H 205 14.23 -24.16 -14.21
N SER H 206 14.31 -22.83 -14.13
CA SER H 206 15.36 -22.12 -14.86
C SER H 206 15.54 -20.70 -14.35
N THR H 207 16.80 -20.28 -14.29
CA THR H 207 17.09 -18.89 -13.99
C THR H 207 16.84 -18.04 -15.23
N SER H 208 17.19 -18.60 -16.39
CA SER H 208 17.02 -17.92 -17.66
C SER H 208 15.66 -18.22 -18.27
N PRO H 209 14.78 -17.20 -18.39
CA PRO H 209 13.46 -17.27 -19.03
C PRO H 209 13.48 -18.02 -20.37
N ILE H 210 12.55 -18.96 -20.51
CA ILE H 210 12.38 -19.69 -21.76
C ILE H 210 11.71 -18.82 -22.81
N VAL H 211 12.25 -18.83 -24.03
CA VAL H 211 11.80 -17.92 -25.06
C VAL H 211 11.55 -18.56 -26.42
N LYS H 212 10.41 -18.24 -27.00
CA LYS H 212 10.09 -18.70 -28.34
C LYS H 212 9.61 -17.53 -29.18
N SER H 213 10.28 -17.27 -30.29
CA SER H 213 10.01 -16.10 -31.11
C SER H 213 9.77 -16.40 -32.57
N PHE H 214 9.35 -15.37 -33.29
CA PHE H 214 9.29 -15.42 -34.74
C PHE H 214 9.19 -14.02 -35.31
N ASN H 215 9.59 -13.86 -36.57
CA ASN H 215 9.50 -12.58 -37.26
C ASN H 215 8.37 -12.58 -38.27
N ARG H 216 7.60 -11.50 -38.30
CA ARG H 216 6.35 -11.47 -39.07
C ARG H 216 6.55 -11.62 -40.57
N ASN H 217 7.69 -11.14 -41.08
CA ASN H 217 7.96 -11.17 -42.51
C ASN H 217 8.94 -12.27 -42.94
N GLU H 218 8.64 -13.52 -42.61
CA GLU H 218 9.52 -14.64 -42.93
C GLU H 218 8.75 -15.95 -43.09
N ALA I 2 -28.25 -11.18 13.12
CA ALA I 2 -28.50 -12.18 14.16
C ALA I 2 -27.92 -13.55 13.80
N GLU I 3 -28.10 -14.50 14.69
CA GLU I 3 -27.62 -15.85 14.47
C GLU I 3 -28.59 -16.64 13.61
N PHE I 4 -28.06 -17.68 12.99
CA PHE I 4 -28.88 -18.67 12.28
C PHE I 4 -29.64 -19.52 13.31
N ARG I 5 -30.92 -19.78 13.06
CA ARG I 5 -31.71 -20.51 14.02
C ARG I 5 -31.30 -21.97 14.04
N HIS I 6 -30.98 -22.48 15.22
CA HIS I 6 -30.56 -23.88 15.38
C HIS I 6 -31.48 -24.69 16.28
N ASP I 7 -32.43 -24.02 16.93
CA ASP I 7 -33.49 -24.73 17.68
C ASP I 7 -34.76 -23.89 17.91
N VAL J 2 36.70 12.02 1.24
CA VAL J 2 36.37 13.44 1.19
C VAL J 2 35.43 13.90 2.30
N THR J 3 35.86 14.91 3.06
CA THR J 3 35.06 15.43 4.17
C THR J 3 35.17 16.93 4.26
N LEU J 4 34.21 17.56 4.95
CA LEU J 4 34.27 18.98 5.24
C LEU J 4 33.76 19.22 6.66
N LYS J 5 34.34 20.22 7.34
CA LYS J 5 33.93 20.57 8.71
C LYS J 5 33.87 22.08 8.94
N GLU J 6 32.67 22.61 9.21
CA GLU J 6 32.52 24.04 9.46
C GLU J 6 32.81 24.35 10.92
N SER J 7 33.53 25.45 11.13
CA SER J 7 33.77 25.96 12.47
C SER J 7 33.53 27.47 12.45
N GLY J 8 33.41 28.06 13.63
CA GLY J 8 33.06 29.46 13.73
C GLY J 8 32.32 29.72 15.02
N PRO J 9 32.02 30.98 15.29
CA PRO J 9 31.37 31.35 16.54
C PRO J 9 29.90 31.14 16.44
N GLY J 10 29.30 30.30 17.27
CA GLY J 10 27.85 30.28 17.40
C GLY J 10 27.52 31.44 18.30
N ILE J 11 26.45 32.17 18.04
CA ILE J 11 26.14 33.45 18.74
C ILE J 11 27.06 34.66 18.46
N LEU J 12 26.46 35.67 17.82
CA LEU J 12 27.05 36.99 17.62
C LEU J 12 25.95 37.96 17.99
N GLN J 13 26.23 39.25 18.02
CA GLN J 13 25.19 40.25 18.29
C GLN J 13 24.97 41.18 17.13
N PRO J 14 23.76 41.73 17.01
CA PRO J 14 23.40 42.43 15.78
C PRO J 14 24.46 43.45 15.40
N SER J 15 25.00 43.31 14.19
CA SER J 15 26.01 44.22 13.62
C SER J 15 27.45 43.72 13.70
N GLN J 16 27.71 42.71 14.52
CA GLN J 16 29.06 42.16 14.64
C GLN J 16 29.42 41.40 13.37
N THR J 17 30.70 41.07 13.22
CA THR J 17 31.15 40.37 12.01
C THR J 17 31.33 38.88 12.22
N LEU J 18 30.64 38.09 11.40
CA LEU J 18 30.82 36.65 11.41
C LEU J 18 31.96 36.25 10.49
N SER J 19 32.90 35.47 11.05
CA SER J 19 33.95 34.85 10.24
C SER J 19 33.87 33.34 10.39
N LEU J 20 33.54 32.66 9.29
CA LEU J 20 33.27 31.23 9.32
C LEU J 20 34.39 30.47 8.63
N THR J 21 34.78 29.33 9.20
CA THR J 21 35.80 28.51 8.58
C THR J 21 35.28 27.14 8.15
N CYS J 22 35.73 26.71 6.97
CA CYS J 22 35.39 25.39 6.46
C CYS J 22 36.68 24.62 6.22
N SER J 23 36.97 23.61 7.04
CA SER J 23 38.13 22.76 6.80
C SER J 23 37.74 21.53 6.03
N PHE J 24 38.38 21.31 4.90
CA PHE J 24 38.04 20.19 4.04
C PHE J 24 39.20 19.22 3.84
N SER J 25 38.90 18.08 3.23
CA SER J 25 39.92 17.15 2.83
C SER J 25 39.32 16.13 1.88
N GLY J 26 40.17 15.41 1.18
CA GLY J 26 39.71 14.43 0.23
C GLY J 26 39.81 15.02 -1.16
N PHE J 27 39.94 16.35 -1.21
CA PHE J 27 40.16 17.05 -2.48
C PHE J 27 41.09 18.23 -2.26
N SER J 28 41.40 18.92 -3.35
CA SER J 28 42.29 20.08 -3.30
C SER J 28 41.72 21.21 -4.13
N LEU J 29 41.74 22.43 -3.60
CA LEU J 29 41.18 23.56 -4.30
C LEU J 29 42.07 24.12 -5.41
N SER J 30 43.17 23.43 -5.71
CA SER J 30 43.99 23.81 -6.86
C SER J 30 43.69 22.90 -8.05
N THR J 31 42.89 21.86 -7.83
CA THR J 31 42.48 20.93 -8.87
C THR J 31 41.57 21.61 -9.88
N ASN J 32 42.00 21.66 -11.14
CA ASN J 32 41.18 22.20 -12.19
C ASN J 32 39.70 21.89 -12.00
N GLY J 33 38.87 22.93 -11.97
CA GLY J 33 37.42 22.79 -11.88
C GLY J 33 36.85 22.87 -10.47
N MET J 34 37.71 22.67 -9.48
CA MET J 34 37.28 22.53 -8.10
C MET J 34 36.69 23.82 -7.55
N GLY J 35 35.87 23.71 -6.52
CA GLY J 35 35.33 24.86 -5.84
C GLY J 35 34.45 24.51 -4.65
N VAL J 36 34.29 25.45 -3.73
CA VAL J 36 33.40 25.25 -2.59
C VAL J 36 32.47 26.43 -2.51
N SER J 37 31.24 26.19 -2.10
CA SER J 37 30.35 27.29 -1.82
C SER J 37 29.74 27.13 -0.43
N TRP J 38 29.02 28.15 0.03
CA TRP J 38 28.45 28.16 1.36
C TRP J 38 26.95 28.23 1.24
N ILE J 39 26.26 27.45 2.06
CA ILE J 39 24.81 27.44 2.00
C ILE J 39 24.29 27.39 3.41
N ARG J 40 23.26 28.19 3.71
CA ARG J 40 22.79 28.31 5.09
C ARG J 40 21.32 28.02 5.17
N GLN J 41 20.86 27.56 6.32
CA GLN J 41 19.48 27.15 6.46
C GLN J 41 18.86 27.45 7.81
N PRO J 42 17.88 28.34 7.83
CA PRO J 42 17.16 28.65 9.06
C PRO J 42 16.46 27.43 9.65
N SER J 43 16.22 27.46 10.95
CA SER J 43 15.58 26.35 11.63
C SER J 43 14.18 26.07 11.07
N GLY J 44 13.98 24.84 10.61
CA GLY J 44 12.72 24.39 10.05
C GLY J 44 12.38 25.11 8.76
N LYS J 45 13.40 25.37 7.93
CA LYS J 45 13.22 26.15 6.71
C LYS J 45 14.03 25.61 5.55
N GLY J 46 14.13 26.43 4.51
CA GLY J 46 14.81 26.05 3.30
C GLY J 46 16.27 26.47 3.25
N LEU J 47 16.96 25.93 2.27
CA LEU J 47 18.35 26.22 2.05
C LEU J 47 18.48 27.50 1.23
N GLU J 48 19.35 28.39 1.68
CA GLU J 48 19.66 29.61 0.94
C GLU J 48 21.14 29.59 0.57
N TRP J 49 21.45 29.60 -0.73
CA TRP J 49 22.84 29.67 -1.17
C TRP J 49 23.46 31.07 -0.98
N LEU J 50 24.72 31.11 -0.54
CA LEU J 50 25.36 32.37 -0.12
C LEU J 50 26.47 32.92 -1.03
N ALA J 51 27.43 32.09 -1.39
CA ALA J 51 28.55 32.53 -2.22
C ALA J 51 29.42 31.35 -2.61
N HIS J 52 30.16 31.46 -3.71
CA HIS J 52 30.93 30.34 -4.21
C HIS J 52 32.30 30.79 -4.71
N ILE J 53 33.32 29.99 -4.42
CA ILE J 53 34.69 30.29 -4.85
C ILE J 53 35.33 29.13 -5.64
N TYR J 54 35.98 29.49 -6.75
CA TYR J 54 36.55 28.52 -7.67
C TYR J 54 38.06 28.42 -7.51
N TRP J 55 38.64 27.39 -8.13
CA TRP J 55 40.08 27.19 -8.07
C TRP J 55 40.88 28.32 -8.70
N ASP J 56 40.38 28.93 -9.78
CA ASP J 56 41.08 30.08 -10.37
C ASP J 56 40.79 31.41 -9.65
N GLU J 57 40.40 31.30 -8.38
CA GLU J 57 40.11 32.43 -7.49
C GLU J 57 38.91 33.27 -7.91
N ASP J 58 38.20 32.82 -8.94
CA ASP J 58 36.94 33.47 -9.30
C ASP J 58 35.95 33.31 -8.14
N LYS J 59 34.98 34.21 -8.07
CA LYS J 59 34.02 34.23 -6.98
C LYS J 59 32.65 34.62 -7.51
N ARG J 60 31.62 34.30 -6.75
CA ARG J 60 30.25 34.60 -7.17
C ARG J 60 29.41 34.71 -5.94
N TYR J 61 28.63 35.77 -5.86
CA TYR J 61 27.87 36.04 -4.64
C TYR J 61 26.36 36.08 -4.90
N ASN J 62 25.59 35.55 -3.94
CA ASN J 62 24.17 35.80 -3.89
C ASN J 62 24.00 37.31 -3.87
N PRO J 63 23.36 37.87 -4.90
CA PRO J 63 23.33 39.31 -5.12
C PRO J 63 22.55 40.06 -4.04
N SER J 64 21.60 39.40 -3.40
CA SER J 64 20.81 40.06 -2.37
C SER J 64 21.61 40.26 -1.08
N LEU J 65 22.83 39.72 -1.04
CA LEU J 65 23.71 39.90 0.11
C LEU J 65 25.09 40.38 -0.31
N LYS J 66 25.40 40.25 -1.60
CA LYS J 66 26.75 40.56 -2.15
C LYS J 66 27.18 41.95 -1.74
N SER J 67 27.96 42.05 -0.68
CA SER J 67 28.17 43.34 -0.04
C SER J 67 28.52 43.08 1.40
N ARG J 68 27.64 42.33 2.05
CA ARG J 68 27.91 41.85 3.39
C ARG J 68 28.71 40.57 3.36
N LEU J 69 29.00 40.08 2.15
CA LEU J 69 29.72 38.82 1.99
C LEU J 69 31.12 38.99 1.41
N THR J 70 32.00 38.12 1.89
CA THR J 70 33.34 37.97 1.34
C THR J 70 33.77 36.51 1.46
N ILE J 71 34.08 35.88 0.32
CA ILE J 71 34.54 34.50 0.33
C ILE J 71 36.00 34.39 -0.10
N SER J 72 36.73 33.48 0.54
CA SER J 72 38.17 33.35 0.30
C SER J 72 38.67 31.97 0.63
N LYS J 73 39.80 31.59 0.04
CA LYS J 73 40.33 30.25 0.26
C LYS J 73 41.72 30.29 0.85
N ASP J 74 42.16 29.14 1.37
CA ASP J 74 43.55 28.89 1.75
C ASP J 74 43.99 27.58 1.12
N THR J 75 44.19 27.63 -0.20
CA THR J 75 44.58 26.46 -0.98
C THR J 75 45.56 25.54 -0.24
N SER J 76 46.69 26.10 0.16
CA SER J 76 47.75 25.34 0.82
C SER J 76 47.25 24.61 2.07
N ASN J 77 46.36 25.25 2.82
CA ASN J 77 45.85 24.68 4.08
C ASN J 77 44.45 24.09 4.02
N ASN J 78 43.99 23.74 2.82
CA ASN J 78 42.69 23.10 2.64
C ASN J 78 41.60 23.76 3.46
N GLN J 79 41.37 25.04 3.19
CA GLN J 79 40.39 25.81 3.95
C GLN J 79 39.66 26.86 3.14
N VAL J 80 38.43 27.12 3.52
CA VAL J 80 37.61 28.09 2.84
C VAL J 80 36.89 28.92 3.90
N PHE J 81 36.99 30.23 3.77
CA PHE J 81 36.41 31.12 4.76
C PHE J 81 35.29 31.97 4.16
N LEU J 82 34.34 32.35 5.00
CA LEU J 82 33.24 33.23 4.62
C LEU J 82 33.08 34.29 5.71
N LYS J 83 33.02 35.56 5.30
CA LYS J 83 32.80 36.62 6.24
C LYS J 83 31.48 37.34 5.92
N ILE J 84 30.67 37.54 6.96
CA ILE J 84 29.46 38.34 6.81
C ILE J 84 29.47 39.55 7.75
N THR J 85 29.55 40.74 7.16
CA THR J 85 29.59 41.98 7.90
C THR J 85 28.20 42.43 8.37
N ASN J 86 28.14 43.15 9.48
CA ASN J 86 26.87 43.69 9.95
C ASN J 86 25.78 42.62 9.92
N VAL J 87 25.87 41.64 10.81
CA VAL J 87 24.85 40.60 10.84
C VAL J 87 23.60 41.06 11.58
N ASP J 88 22.50 40.36 11.41
CA ASP J 88 21.31 40.64 12.18
C ASP J 88 20.55 39.35 12.37
N THR J 89 19.48 39.41 13.15
CA THR J 89 18.75 38.23 13.55
C THR J 89 18.39 37.35 12.36
N ALA J 90 18.22 37.98 11.19
CA ALA J 90 17.93 37.24 9.95
C ALA J 90 19.01 36.23 9.59
N ASP J 91 20.24 36.48 10.03
CA ASP J 91 21.35 35.59 9.69
C ASP J 91 21.41 34.43 10.66
N THR J 92 20.41 34.32 11.53
CA THR J 92 20.31 33.14 12.39
C THR J 92 20.05 31.93 11.51
N ALA J 93 20.94 30.94 11.60
CA ALA J 93 20.81 29.76 10.75
C ALA J 93 21.93 28.75 11.00
N THR J 94 21.80 27.59 10.36
CA THR J 94 22.90 26.64 10.25
C THR J 94 23.61 26.83 8.90
N TYR J 95 24.94 26.93 8.94
CA TYR J 95 25.72 27.23 7.75
C TYR J 95 26.47 26.00 7.30
N TYR J 96 26.24 25.57 6.06
CA TYR J 96 27.02 24.49 5.49
C TYR J 96 27.97 25.02 4.43
N CYS J 97 29.04 24.27 4.20
CA CYS J 97 29.83 24.40 2.99
C CYS J 97 29.71 23.08 2.26
N ALA J 98 29.48 23.15 0.94
CA ALA J 98 29.41 21.97 0.08
C ALA J 98 30.47 22.08 -1.01
N ARG J 99 30.91 20.93 -1.53
CA ARG J 99 31.83 20.98 -2.65
C ARG J 99 31.04 21.00 -3.94
N ARG J 100 31.58 21.69 -4.96
CA ARG J 100 30.97 21.67 -6.27
C ARG J 100 32.00 22.01 -7.34
N ARG J 101 32.27 21.02 -8.20
CA ARG J 101 33.19 21.20 -9.31
C ARG J 101 32.42 21.41 -10.61
N ILE J 102 33.08 21.97 -11.61
CA ILE J 102 32.43 22.24 -12.89
C ILE J 102 33.28 21.72 -14.03
N ILE J 103 33.30 22.43 -15.15
CA ILE J 103 33.94 21.96 -16.39
C ILE J 103 33.24 20.70 -16.95
N TYR J 104 33.25 19.60 -16.19
CA TYR J 104 32.59 18.35 -16.59
C TYR J 104 31.25 18.22 -15.88
N ASP J 105 30.18 18.23 -16.66
CA ASP J 105 28.82 18.28 -16.11
C ASP J 105 28.44 17.06 -15.28
N VAL J 106 29.25 16.00 -15.36
CA VAL J 106 28.96 14.75 -14.64
C VAL J 106 29.59 14.74 -13.25
N GLU J 107 30.17 15.87 -12.86
CA GLU J 107 30.76 16.03 -11.55
C GLU J 107 30.20 17.33 -10.98
N ASP J 108 29.39 18.00 -11.78
CA ASP J 108 28.96 19.34 -11.49
C ASP J 108 27.70 19.32 -10.65
N TYR J 109 27.89 19.17 -9.34
CA TYR J 109 26.80 19.21 -8.34
C TYR J 109 27.39 19.34 -6.93
N PHE J 110 26.52 19.41 -5.93
CA PHE J 110 26.97 19.40 -4.55
C PHE J 110 26.98 17.99 -4.00
N ASP J 111 28.08 17.26 -4.22
CA ASP J 111 28.16 15.88 -3.70
C ASP J 111 28.44 15.75 -2.22
N TYR J 112 29.27 16.65 -1.66
CA TYR J 112 29.72 16.56 -0.27
C TYR J 112 29.50 17.82 0.55
N TRP J 113 28.85 17.65 1.70
CA TRP J 113 28.48 18.75 2.57
C TRP J 113 29.12 18.54 3.93
N GLY J 114 29.36 19.63 4.66
CA GLY J 114 29.80 19.56 6.05
C GLY J 114 28.66 19.22 7.00
N GLN J 115 28.97 19.06 8.29
CA GLN J 115 27.99 18.65 9.27
C GLN J 115 27.09 19.82 9.59
N GLY J 116 27.55 21.02 9.21
CA GLY J 116 26.82 22.24 9.48
C GLY J 116 27.15 22.86 10.82
N THR J 117 27.43 24.15 10.85
CA THR J 117 27.63 24.84 12.12
C THR J 117 26.49 25.84 12.36
N THR J 118 26.25 26.12 13.62
CA THR J 118 25.08 26.90 14.04
C THR J 118 25.38 28.36 14.44
N LEU J 119 24.53 29.29 14.00
CA LEU J 119 24.61 30.69 14.43
C LEU J 119 23.27 31.22 14.93
N THR J 120 23.32 31.94 16.05
CA THR J 120 22.16 32.65 16.58
C THR J 120 22.56 34.12 16.65
N VAL J 121 21.80 35.01 16.02
CA VAL J 121 22.07 36.44 16.17
C VAL J 121 20.98 37.04 17.04
N SER J 122 21.40 37.66 18.14
CA SER J 122 20.48 38.11 19.19
C SER J 122 21.20 39.12 20.07
N SER J 123 20.45 39.98 20.73
CA SER J 123 21.06 40.91 21.67
C SER J 123 20.53 40.69 23.08
N ALA J 124 19.78 39.60 23.27
CA ALA J 124 19.39 39.16 24.60
C ALA J 124 20.64 38.71 25.34
N LYS J 125 20.63 38.84 26.66
CA LYS J 125 21.77 38.42 27.47
C LYS J 125 21.56 37.02 28.04
N THR J 126 22.64 36.33 28.37
CA THR J 126 22.49 35.04 29.01
C THR J 126 21.45 35.13 30.13
N THR J 127 20.47 34.25 30.08
CA THR J 127 19.37 34.29 31.03
C THR J 127 18.99 32.86 31.39
N PRO J 128 18.68 32.62 32.67
CA PRO J 128 18.36 31.29 33.18
C PRO J 128 16.87 31.10 33.17
N PRO J 129 16.41 29.87 32.98
CA PRO J 129 14.99 29.58 32.84
C PRO J 129 14.23 29.87 34.13
N SER J 130 12.93 30.06 34.00
CA SER J 130 12.03 29.92 35.13
C SER J 130 11.33 28.59 34.96
N VAL J 131 11.37 27.74 35.98
CA VAL J 131 10.76 26.40 35.89
C VAL J 131 9.52 26.25 36.77
N TYR J 132 8.44 25.81 36.14
CA TYR J 132 7.15 25.75 36.80
C TYR J 132 6.56 24.36 36.68
N PRO J 133 6.24 23.76 37.83
CA PRO J 133 5.64 22.43 37.93
C PRO J 133 4.17 22.47 37.56
N LEU J 134 3.78 21.67 36.58
CA LEU J 134 2.38 21.61 36.16
C LEU J 134 1.68 20.38 36.69
N ALA J 135 0.95 20.55 37.79
CA ALA J 135 0.11 19.51 38.37
C ALA J 135 -1.31 19.65 37.83
N PRO J 136 -2.06 18.54 37.78
CA PRO J 136 -3.39 18.46 37.13
C PRO J 136 -4.49 19.35 37.72
N GLY J 137 -5.62 19.43 36.99
CA GLY J 137 -6.75 20.27 37.36
C GLY J 137 -7.05 20.33 38.85
N SER J 144 -7.04 6.37 35.89
CA SER J 144 -6.42 5.36 35.01
C SER J 144 -4.97 5.76 34.69
N MET J 145 -4.84 6.88 33.99
CA MET J 145 -3.55 7.47 33.67
C MET J 145 -3.54 8.89 34.20
N VAL J 146 -2.37 9.40 34.52
CA VAL J 146 -2.23 10.80 34.90
C VAL J 146 -1.11 11.44 34.09
N THR J 147 -1.37 12.64 33.56
CA THR J 147 -0.33 13.37 32.83
C THR J 147 0.13 14.61 33.58
N LEU J 148 1.44 14.64 33.88
CA LEU J 148 2.09 15.75 34.54
C LEU J 148 2.88 16.55 33.50
N GLY J 149 3.14 17.81 33.79
CA GLY J 149 3.82 18.66 32.84
C GLY J 149 4.80 19.57 33.52
N CYS J 150 5.60 20.27 32.74
CA CYS J 150 6.60 21.14 33.27
C CYS J 150 6.94 22.20 32.26
N LEU J 151 6.89 23.46 32.67
CA LEU J 151 7.06 24.59 31.76
C LEU J 151 8.41 25.27 32.02
N VAL J 152 9.21 25.44 30.97
CA VAL J 152 10.50 26.09 31.08
C VAL J 152 10.50 27.43 30.32
N LYS J 153 10.44 28.54 31.06
CA LYS J 153 10.11 29.83 30.45
C LYS J 153 11.22 30.88 30.45
N GLY J 154 11.34 31.60 29.33
CA GLY J 154 12.25 32.73 29.18
C GLY J 154 13.71 32.52 29.52
N TYR J 155 14.50 32.09 28.55
CA TYR J 155 15.91 31.85 28.81
C TYR J 155 16.70 32.05 27.53
N PHE J 156 18.01 32.10 27.65
CA PHE J 156 18.89 32.31 26.49
C PHE J 156 20.34 32.07 26.90
N PRO J 157 21.12 31.48 26.00
CA PRO J 157 20.68 30.93 24.72
C PRO J 157 20.14 29.51 24.88
N GLU J 158 20.12 28.77 23.79
CA GLU J 158 19.81 27.36 23.84
C GLU J 158 21.10 26.62 24.07
N PRO J 159 21.00 25.36 24.52
CA PRO J 159 19.76 24.65 24.83
C PRO J 159 19.54 24.53 26.33
N VAL J 160 18.43 23.95 26.74
CA VAL J 160 18.31 23.38 28.07
C VAL J 160 18.12 21.90 27.89
N THR J 161 18.15 21.15 28.97
CA THR J 161 17.89 19.71 28.91
C THR J 161 16.95 19.30 30.05
N VAL J 162 15.75 18.86 29.71
CA VAL J 162 14.78 18.41 30.72
C VAL J 162 14.90 16.91 30.88
N THR J 163 15.03 16.45 32.13
CA THR J 163 14.90 15.03 32.43
C THR J 163 13.85 14.87 33.50
N TRP J 164 13.21 13.71 33.52
CA TRP J 164 12.22 13.41 34.52
C TRP J 164 12.80 12.41 35.52
N ASN J 165 12.56 12.65 36.80
CA ASN J 165 13.20 11.86 37.85
C ASN J 165 14.63 11.50 37.50
N SER J 166 15.40 12.53 37.17
CA SER J 166 16.85 12.45 37.03
C SER J 166 17.29 11.49 35.92
N GLY J 167 16.35 11.12 35.06
CA GLY J 167 16.64 10.25 33.94
C GLY J 167 15.93 8.91 34.01
N SER J 168 15.53 8.52 35.22
CA SER J 168 14.81 7.26 35.43
C SER J 168 13.55 7.19 34.59
N LEU J 169 12.65 8.13 34.85
CA LEU J 169 11.42 8.25 34.06
C LEU J 169 11.73 8.75 32.64
N SER J 170 11.68 7.86 31.67
CA SER J 170 12.03 8.24 30.30
C SER J 170 10.89 7.97 29.33
N SER J 171 9.92 7.16 29.78
CA SER J 171 8.79 6.76 28.94
C SER J 171 7.56 7.59 29.23
N GLY J 172 6.87 7.99 28.17
CA GLY J 172 5.62 8.73 28.27
C GLY J 172 5.90 10.22 28.24
N VAL J 173 7.14 10.53 27.85
CA VAL J 173 7.66 11.88 27.88
C VAL J 173 7.63 12.52 26.49
N HIS J 174 7.05 13.71 26.42
CA HIS J 174 7.14 14.55 25.24
C HIS J 174 7.79 15.85 25.65
N THR J 175 8.91 16.19 25.00
CA THR J 175 9.53 17.47 25.26
C THR J 175 9.56 18.27 23.97
N PHE J 176 8.80 19.36 23.93
CA PHE J 176 8.58 20.12 22.70
C PHE J 176 9.68 21.08 22.34
N PRO J 177 9.88 21.29 21.03
CA PRO J 177 10.92 22.23 20.58
C PRO J 177 10.76 23.60 21.24
N ALA J 178 11.86 24.31 21.40
CA ALA J 178 11.76 25.61 22.02
C ALA J 178 11.34 26.66 21.00
N VAL J 179 10.63 27.68 21.46
CA VAL J 179 10.20 28.76 20.59
C VAL J 179 10.47 30.12 21.27
N LEU J 180 10.48 31.18 20.48
CA LEU J 180 10.85 32.51 20.95
C LEU J 180 9.66 33.35 21.42
N GLN J 181 9.72 33.81 22.68
CA GLN J 181 8.87 34.89 23.18
C GLN J 181 9.72 36.16 23.28
N SER J 182 9.99 36.80 22.14
CA SER J 182 10.75 38.06 22.11
C SER J 182 12.24 37.81 21.94
N ASP J 183 12.95 37.81 23.05
CA ASP J 183 14.36 37.54 23.04
C ASP J 183 14.57 36.11 23.52
N LEU J 184 13.57 35.62 24.26
CA LEU J 184 13.76 34.50 25.15
C LEU J 184 13.04 33.22 24.75
N TYR J 185 13.78 32.12 24.78
CA TYR J 185 13.25 30.81 24.42
C TYR J 185 12.41 30.21 25.51
N THR J 186 11.50 29.31 25.12
CA THR J 186 10.64 28.62 26.07
C THR J 186 10.14 27.26 25.54
N LEU J 187 10.16 26.26 26.42
CA LEU J 187 9.69 24.92 26.08
C LEU J 187 9.01 24.23 27.25
N SER J 188 8.35 23.12 26.97
CA SER J 188 7.61 22.42 27.99
C SER J 188 7.75 20.92 27.81
N SER J 189 7.54 20.17 28.89
CA SER J 189 7.56 18.71 28.80
C SER J 189 6.37 18.10 29.51
N SER J 190 5.71 17.19 28.80
CA SER J 190 4.65 16.35 29.35
C SER J 190 5.22 14.99 29.69
N VAL J 191 4.65 14.36 30.72
CA VAL J 191 5.05 13.01 31.10
C VAL J 191 3.80 12.27 31.59
N THR J 192 3.75 10.96 31.32
CA THR J 192 2.57 10.16 31.67
C THR J 192 2.91 8.84 32.39
N VAL J 193 2.12 8.52 33.42
CA VAL J 193 2.40 7.42 34.32
C VAL J 193 1.08 6.89 34.90
N PRO J 194 1.10 5.64 35.44
CA PRO J 194 -0.14 5.14 36.05
C PRO J 194 -0.55 5.94 37.28
N SER J 195 -1.85 6.15 37.46
CA SER J 195 -2.34 6.92 38.59
C SER J 195 -2.16 6.17 39.88
N SER J 196 -1.47 5.03 39.79
CA SER J 196 -1.09 4.27 40.97
C SER J 196 0.34 4.66 41.38
N THR J 197 1.13 5.08 40.40
CA THR J 197 2.52 5.46 40.64
C THR J 197 2.70 6.91 41.12
N TRP J 198 1.67 7.74 40.91
CA TRP J 198 1.67 9.14 41.35
C TRP J 198 0.28 9.52 41.87
N PRO J 199 0.19 10.31 42.94
CA PRO J 199 1.25 11.00 43.71
C PRO J 199 2.01 10.13 44.71
N SER J 200 1.49 8.97 45.04
CA SER J 200 2.12 8.07 45.99
C SER J 200 3.64 8.07 45.88
N GLU J 201 4.12 8.07 44.63
CA GLU J 201 5.55 8.17 44.34
C GLU J 201 5.87 9.44 43.60
N THR J 202 6.86 10.18 44.09
CA THR J 202 7.14 11.52 43.61
C THR J 202 7.80 11.55 42.22
N VAL J 203 7.33 12.45 41.38
CA VAL J 203 7.92 12.69 40.07
C VAL J 203 8.59 14.06 40.12
N THR J 204 9.74 14.20 39.47
CA THR J 204 10.47 15.46 39.50
C THR J 204 11.05 15.85 38.15
N CYS J 205 10.94 17.14 37.83
CA CYS J 205 11.34 17.75 36.58
C CYS J 205 12.71 18.38 36.79
N ASN J 206 13.69 18.03 35.98
CA ASN J 206 15.06 18.53 36.17
C ASN J 206 15.59 19.28 34.96
N VAL J 207 15.46 20.60 34.98
CA VAL J 207 15.96 21.41 33.90
C VAL J 207 17.40 21.77 34.16
N ALA J 208 18.21 21.71 33.12
CA ALA J 208 19.60 22.10 33.24
C ALA J 208 19.96 23.01 32.10
N HIS J 209 20.55 24.15 32.43
CA HIS J 209 20.89 25.16 31.42
C HIS J 209 22.40 25.43 31.41
N PRO J 210 23.12 24.65 30.59
CA PRO J 210 24.58 24.65 30.47
C PRO J 210 25.14 26.07 30.39
N ALA J 211 24.59 26.87 29.48
CA ALA J 211 25.15 28.18 29.21
C ALA J 211 25.18 29.01 30.47
N SER J 212 24.06 29.05 31.19
CA SER J 212 23.96 29.91 32.37
C SER J 212 24.35 29.15 33.61
N SER J 213 24.94 27.98 33.44
CA SER J 213 25.48 27.25 34.57
C SER J 213 24.43 27.12 35.67
N THR J 214 23.22 26.70 35.29
CA THR J 214 22.20 26.46 36.31
C THR J 214 21.58 25.08 36.18
N LYS J 215 21.13 24.56 37.32
CA LYS J 215 20.39 23.31 37.39
C LYS J 215 19.24 23.58 38.32
N VAL J 216 18.06 23.10 37.96
CA VAL J 216 16.86 23.35 38.75
C VAL J 216 15.97 22.12 38.81
N ASP J 217 15.51 21.77 40.02
CA ASP J 217 14.61 20.63 40.20
C ASP J 217 13.22 21.15 40.61
N LYS J 218 12.16 20.59 40.04
CA LYS J 218 10.84 20.94 40.53
C LYS J 218 9.96 19.71 40.75
N LYS J 219 9.54 19.50 41.99
CA LYS J 219 8.68 18.38 42.32
C LYS J 219 7.24 18.74 41.99
N ILE J 220 6.53 17.82 41.33
CA ILE J 220 5.17 18.09 40.93
C ILE J 220 4.19 17.70 42.03
N VAL J 221 4.09 18.52 43.09
CA VAL J 221 3.13 18.22 44.18
C VAL J 221 1.71 18.57 43.73
N PRO J 222 0.70 17.83 44.23
CA PRO J 222 -0.70 17.94 43.79
C PRO J 222 -1.39 19.27 44.12
N ARG J 223 -2.50 19.53 43.42
CA ARG J 223 -3.23 20.80 43.45
C ARG J 223 -2.68 21.87 42.48
N ASP K 1 15.49 36.00 -10.30
CA ASP K 1 15.41 35.02 -9.23
C ASP K 1 14.42 33.91 -9.55
N VAL K 2 14.98 32.71 -9.78
CA VAL K 2 14.17 31.55 -10.08
C VAL K 2 13.57 30.96 -8.81
N LEU K 3 12.24 30.95 -8.72
CA LEU K 3 11.57 30.35 -7.59
C LEU K 3 11.16 28.92 -7.91
N MET K 4 11.73 27.97 -7.16
CA MET K 4 11.35 26.56 -7.27
C MET K 4 10.22 26.28 -6.30
N THR K 5 9.10 25.80 -6.83
CA THR K 5 7.93 25.57 -5.99
C THR K 5 7.52 24.10 -6.06
N GLN K 6 7.66 23.40 -4.92
CA GLN K 6 7.48 21.93 -4.85
C GLN K 6 6.08 21.54 -4.42
N THR K 7 5.65 20.35 -4.80
CA THR K 7 4.34 19.82 -4.43
C THR K 7 4.35 18.30 -4.35
N PRO K 8 3.72 17.73 -3.31
CA PRO K 8 3.10 18.43 -2.19
C PRO K 8 4.17 18.97 -1.26
N LEU K 9 3.77 19.56 -0.15
CA LEU K 9 4.76 20.02 0.82
C LEU K 9 4.93 18.98 1.91
N SER K 10 3.86 18.22 2.15
CA SER K 10 3.91 16.99 2.98
C SER K 10 3.38 15.80 2.15
N LEU K 11 3.97 14.62 2.35
CA LEU K 11 3.56 13.45 1.58
C LEU K 11 3.54 12.19 2.42
N PRO K 12 2.38 11.85 2.99
CA PRO K 12 2.35 10.61 3.75
C PRO K 12 2.28 9.37 2.84
N VAL K 13 3.21 8.44 3.03
CA VAL K 13 3.28 7.20 2.26
C VAL K 13 3.45 6.00 3.20
N SER K 14 2.91 4.85 2.79
CA SER K 14 3.13 3.60 3.52
C SER K 14 4.41 2.98 3.00
N LEU K 15 5.15 2.31 3.87
CA LEU K 15 6.41 1.73 3.46
C LEU K 15 6.13 0.78 2.31
N GLY K 16 6.85 0.95 1.21
CA GLY K 16 6.63 0.15 0.02
C GLY K 16 5.64 0.71 -1.00
N ASP K 17 5.17 1.94 -0.79
CA ASP K 17 4.36 2.63 -1.79
C ASP K 17 5.24 3.33 -2.80
N GLN K 18 4.62 3.86 -3.86
CA GLN K 18 5.29 4.82 -4.70
C GLN K 18 5.02 6.23 -4.17
N ALA K 19 5.84 7.17 -4.59
CA ALA K 19 5.66 8.54 -4.15
C ALA K 19 6.20 9.42 -5.26
N SER K 20 5.43 10.45 -5.62
CA SER K 20 5.94 11.44 -6.56
C SER K 20 6.13 12.77 -5.88
N ILE K 21 6.96 13.62 -6.48
CA ILE K 21 7.18 14.96 -5.98
C ILE K 21 7.36 15.87 -7.19
N SER K 22 6.50 16.87 -7.30
CA SER K 22 6.61 17.78 -8.41
C SER K 22 7.41 19.00 -8.00
N CYS K 23 8.19 19.53 -8.93
CA CYS K 23 8.95 20.75 -8.70
C CYS K 23 8.93 21.56 -9.97
N ARG K 24 8.44 22.80 -9.89
CA ARG K 24 8.34 23.63 -11.07
C ARG K 24 9.08 24.95 -10.85
N SER K 25 9.88 25.38 -11.82
CA SER K 25 10.67 26.62 -11.69
C SER K 25 9.89 27.83 -12.19
N SER K 26 10.17 29.00 -11.61
CA SER K 26 9.46 30.21 -11.99
C SER K 26 9.83 30.65 -13.39
N GLN K 27 10.86 30.01 -13.96
CA GLN K 27 11.29 30.34 -15.31
C GLN K 27 12.26 29.30 -15.84
N ASN K 28 12.41 29.25 -17.16
CA ASN K 28 13.26 28.27 -17.79
C ASN K 28 14.65 28.21 -17.17
N ILE K 29 15.15 27.01 -16.91
CA ILE K 29 16.48 26.83 -16.29
C ILE K 29 17.52 26.04 -17.11
N VAL K 30 17.45 26.12 -18.43
CA VAL K 30 18.45 25.49 -19.29
C VAL K 30 19.58 26.45 -19.53
N HIS K 31 20.70 26.23 -18.86
CA HIS K 31 21.90 27.04 -19.02
C HIS K 31 22.25 27.19 -20.49
N SER K 32 23.11 28.16 -20.82
CA SER K 32 23.39 28.46 -22.22
C SER K 32 24.37 27.47 -22.84
N ASN K 33 24.94 26.60 -22.02
CA ASN K 33 25.80 25.56 -22.55
C ASN K 33 24.99 24.31 -22.90
N GLY K 34 23.68 24.40 -22.69
CA GLY K 34 22.77 23.32 -23.05
C GLY K 34 22.38 22.41 -21.91
N ASN K 35 23.12 22.49 -20.80
CA ASN K 35 22.80 21.67 -19.64
C ASN K 35 21.73 22.27 -18.73
N THR K 36 20.75 21.45 -18.37
CA THR K 36 19.74 21.82 -17.38
C THR K 36 20.19 21.34 -15.99
N TYR K 37 20.68 22.27 -15.18
CA TYR K 37 21.15 21.92 -13.84
C TYR K 37 20.01 21.83 -12.84
N LEU K 38 19.18 20.79 -12.98
CA LEU K 38 18.17 20.47 -11.97
C LEU K 38 18.65 19.31 -11.12
N GLU K 39 18.62 19.47 -9.80
CA GLU K 39 19.10 18.43 -8.91
C GLU K 39 18.18 18.24 -7.71
N TRP K 40 18.13 17.01 -7.21
CA TRP K 40 17.31 16.67 -6.06
C TRP K 40 18.21 16.31 -4.89
N TYR K 41 17.84 16.77 -3.70
CA TYR K 41 18.61 16.49 -2.48
C TYR K 41 17.64 15.98 -1.44
N LEU K 42 18.12 15.14 -0.53
CA LEU K 42 17.30 14.61 0.52
C LEU K 42 17.99 14.93 1.82
N GLN K 43 17.25 15.43 2.80
CA GLN K 43 17.82 15.73 4.09
C GLN K 43 17.04 15.07 5.24
N LYS K 44 17.73 14.28 6.04
CA LYS K 44 17.10 13.66 7.20
C LYS K 44 17.37 14.54 8.42
N PRO K 45 16.55 14.41 9.47
CA PRO K 45 16.69 15.29 10.64
C PRO K 45 18.12 15.25 11.22
N GLY K 46 18.74 16.42 11.33
CA GLY K 46 20.06 16.51 11.94
C GLY K 46 21.19 16.14 11.01
N GLN K 47 20.85 15.71 9.79
CA GLN K 47 21.83 15.46 8.76
C GLN K 47 22.01 16.69 7.90
N SER K 48 23.06 16.70 7.10
CA SER K 48 23.14 17.67 6.04
C SER K 48 22.33 17.08 4.90
N PRO K 49 22.09 17.86 3.85
CA PRO K 49 21.45 17.32 2.66
C PRO K 49 22.40 16.39 1.89
N LYS K 50 21.85 15.48 1.09
CA LYS K 50 22.65 14.60 0.26
C LYS K 50 22.05 14.44 -1.12
N LEU K 51 22.94 14.35 -2.10
CA LEU K 51 22.59 14.36 -3.51
C LEU K 51 22.01 13.04 -4.04
N LEU K 52 20.79 13.10 -4.56
CA LEU K 52 20.15 11.96 -5.21
C LEU K 52 20.26 12.05 -6.73
N ILE K 53 19.69 13.11 -7.29
CA ILE K 53 19.69 13.31 -8.75
C ILE K 53 20.35 14.63 -9.18
N TYR K 54 21.00 14.60 -10.35
CA TYR K 54 21.61 15.76 -10.97
C TYR K 54 21.28 15.71 -12.47
N LYS K 55 21.37 16.85 -13.17
CA LYS K 55 20.98 16.97 -14.58
C LYS K 55 19.63 16.32 -14.91
N VAL K 56 18.67 16.57 -14.03
CA VAL K 56 17.27 16.14 -14.22
C VAL K 56 16.96 14.66 -13.95
N SER K 57 17.69 13.76 -14.61
CA SER K 57 17.34 12.34 -14.65
C SER K 57 18.48 11.40 -14.26
N ASN K 58 19.63 11.95 -13.92
CA ASN K 58 20.78 11.13 -13.55
C ASN K 58 20.84 10.79 -12.07
N ARG K 59 20.95 9.51 -11.75
CA ARG K 59 21.21 9.10 -10.37
C ARG K 59 22.68 9.33 -10.03
N PHE K 60 22.93 9.82 -8.82
CA PHE K 60 24.29 10.03 -8.34
C PHE K 60 24.84 8.66 -7.88
N SER K 61 26.13 8.42 -8.09
CA SER K 61 26.65 7.09 -7.78
C SER K 61 26.44 6.69 -6.30
N GLY K 62 25.65 5.62 -6.12
CA GLY K 62 25.30 5.14 -4.79
C GLY K 62 23.81 5.20 -4.52
N VAL K 63 23.03 5.63 -5.51
CA VAL K 63 21.60 5.85 -5.33
C VAL K 63 20.76 4.77 -6.05
N PRO K 64 19.86 4.11 -5.31
CA PRO K 64 19.07 2.98 -5.82
C PRO K 64 18.18 3.41 -6.97
N ASP K 65 18.19 2.65 -8.05
CA ASP K 65 17.41 3.03 -9.20
C ASP K 65 15.92 3.04 -8.89
N ARG K 66 15.53 2.79 -7.65
CA ARG K 66 14.13 2.97 -7.29
C ARG K 66 13.79 4.46 -7.14
N PHE K 67 14.85 5.29 -7.18
CA PHE K 67 14.75 6.74 -7.39
C PHE K 67 14.93 7.10 -8.87
N SER K 68 14.02 7.89 -9.42
CA SER K 68 14.20 8.38 -10.77
C SER K 68 13.63 9.78 -10.92
N GLY K 69 14.28 10.59 -11.73
CA GLY K 69 13.83 11.95 -11.95
C GLY K 69 13.55 12.26 -13.41
N SER K 70 12.45 12.96 -13.66
CA SER K 70 12.10 13.33 -15.00
C SER K 70 11.86 14.82 -15.08
N GLY K 71 11.58 15.32 -16.29
CA GLY K 71 11.27 16.71 -16.50
C GLY K 71 11.97 17.39 -17.66
N SER K 72 11.53 18.61 -17.96
CA SER K 72 12.07 19.37 -19.06
C SER K 72 11.62 20.82 -19.00
N GLY K 73 12.58 21.73 -19.17
CA GLY K 73 12.28 23.13 -19.32
C GLY K 73 11.97 23.81 -18.00
N THR K 74 10.76 23.60 -17.48
CA THR K 74 10.37 24.27 -16.24
C THR K 74 9.57 23.34 -15.33
N ASP K 75 9.47 22.07 -15.71
CA ASP K 75 8.59 21.17 -14.99
C ASP K 75 9.21 19.81 -14.71
N PHE K 76 9.39 19.48 -13.43
CA PHE K 76 10.19 18.32 -13.05
C PHE K 76 9.54 17.42 -11.99
N THR K 77 9.87 16.13 -12.04
CA THR K 77 9.33 15.18 -11.06
C THR K 77 10.38 14.27 -10.45
N LEU K 78 10.19 13.93 -9.19
CA LEU K 78 10.94 12.87 -8.58
C LEU K 78 9.97 11.73 -8.29
N LYS K 79 10.34 10.51 -8.68
CA LYS K 79 9.55 9.35 -8.32
C LYS K 79 10.36 8.34 -7.52
N ILE K 80 9.79 7.89 -6.41
CA ILE K 80 10.35 6.80 -5.64
C ILE K 80 9.35 5.65 -5.69
N SER K 81 9.73 4.55 -6.31
CA SER K 81 8.89 3.35 -6.26
C SER K 81 9.37 2.52 -5.07
N ARG K 82 8.42 1.94 -4.32
CA ARG K 82 8.75 1.10 -3.17
C ARG K 82 9.55 1.87 -2.11
N VAL K 83 8.89 2.85 -1.49
CA VAL K 83 9.51 3.68 -0.47
C VAL K 83 10.05 2.86 0.72
N GLU K 84 11.26 3.23 1.16
CA GLU K 84 11.89 2.62 2.34
C GLU K 84 12.11 3.60 3.51
N ALA K 85 12.22 3.05 4.72
CA ALA K 85 12.32 3.87 5.94
C ALA K 85 13.50 4.82 5.88
N GLU K 86 14.52 4.45 5.11
CA GLU K 86 15.69 5.29 4.96
C GLU K 86 15.46 6.39 3.95
N ASP K 87 14.35 6.30 3.23
CA ASP K 87 13.96 7.33 2.28
C ASP K 87 13.16 8.45 2.93
N LEU K 88 12.73 8.23 4.17
CA LEU K 88 11.96 9.21 4.92
C LEU K 88 12.81 10.42 5.26
N GLY K 89 12.27 11.62 5.03
CA GLY K 89 13.02 12.84 5.24
C GLY K 89 12.48 14.01 4.42
N VAL K 90 13.31 15.03 4.20
CA VAL K 90 12.90 16.19 3.42
C VAL K 90 13.60 16.28 2.06
N TYR K 91 12.79 16.53 1.03
CA TYR K 91 13.28 16.55 -0.34
C TYR K 91 13.28 17.95 -0.90
N TYR K 92 14.44 18.39 -1.37
CA TYR K 92 14.60 19.68 -2.03
C TYR K 92 15.00 19.47 -3.48
N CYS K 93 14.35 20.18 -4.39
CA CYS K 93 14.84 20.26 -5.75
C CYS K 93 15.65 21.53 -5.86
N PHE K 94 16.63 21.55 -6.77
CA PHE K 94 17.54 22.69 -6.88
C PHE K 94 17.88 23.02 -8.33
N GLN K 95 17.97 24.32 -8.65
CA GLN K 95 18.45 24.76 -9.97
C GLN K 95 19.79 25.47 -9.82
N GLY K 96 20.71 25.16 -10.73
CA GLY K 96 22.06 25.67 -10.63
C GLY K 96 22.51 26.30 -11.92
N SER K 97 21.57 26.91 -12.63
CA SER K 97 21.86 27.57 -13.90
C SER K 97 21.93 29.08 -13.77
N HIS K 98 21.06 29.60 -12.90
CA HIS K 98 20.97 31.04 -12.68
C HIS K 98 21.44 31.45 -11.31
N VAL K 99 22.00 32.65 -11.23
CA VAL K 99 22.41 33.23 -9.94
C VAL K 99 21.32 34.16 -9.41
N PRO K 100 20.89 33.97 -8.15
CA PRO K 100 21.46 33.01 -7.20
C PRO K 100 20.96 31.58 -7.44
N LEU K 101 21.78 30.61 -7.06
CA LEU K 101 21.42 29.20 -7.03
C LEU K 101 20.30 29.02 -6.02
N THR K 102 19.32 28.18 -6.32
CA THR K 102 18.13 28.08 -5.45
C THR K 102 17.52 26.67 -5.28
N PHE K 103 17.01 26.41 -4.06
CA PHE K 103 16.33 25.15 -3.72
C PHE K 103 14.89 25.42 -3.43
N GLY K 104 14.06 24.39 -3.48
CA GLY K 104 12.68 24.50 -3.05
C GLY K 104 12.53 24.54 -1.54
N ALA K 105 11.30 24.73 -1.09
CA ALA K 105 11.02 24.83 0.35
C ALA K 105 11.05 23.44 0.93
N GLY K 106 11.10 22.45 0.05
CA GLY K 106 11.29 21.08 0.46
C GLY K 106 9.98 20.37 0.75
N THR K 107 9.96 19.08 0.45
CA THR K 107 8.82 18.24 0.75
C THR K 107 9.14 17.19 1.82
N LYS K 108 8.22 17.01 2.76
CA LYS K 108 8.43 16.13 3.90
C LYS K 108 7.87 14.75 3.60
N LEU K 109 8.75 13.78 3.36
CA LEU K 109 8.30 12.41 3.14
C LEU K 109 8.08 11.73 4.49
N GLU K 110 6.84 11.47 4.82
CA GLU K 110 6.50 11.02 6.16
C GLU K 110 5.75 9.69 6.10
N LEU K 111 5.54 9.05 7.24
CA LEU K 111 4.89 7.75 7.27
C LEU K 111 3.38 7.84 7.42
N LYS K 112 2.65 7.02 6.68
CA LYS K 112 1.19 6.98 6.82
C LYS K 112 0.83 6.05 7.99
N ARG K 113 -0.38 6.20 8.52
CA ARG K 113 -0.77 5.57 9.78
C ARG K 113 -2.28 5.72 10.04
N ALA K 114 -2.86 4.77 10.77
CA ALA K 114 -4.29 4.84 11.12
C ALA K 114 -4.57 6.03 12.00
N ASP K 115 -5.68 6.72 11.74
CA ASP K 115 -5.99 7.94 12.48
C ASP K 115 -6.05 7.64 13.97
N ALA K 116 -5.82 8.67 14.77
CA ALA K 116 -5.80 8.53 16.22
C ALA K 116 -6.06 9.87 16.88
N ALA K 117 -7.05 9.90 17.77
CA ALA K 117 -7.40 11.10 18.52
C ALA K 117 -6.31 11.48 19.51
N PRO K 118 -6.19 12.79 19.80
CA PRO K 118 -5.15 13.25 20.73
C PRO K 118 -5.62 13.05 22.16
N THR K 119 -4.69 12.89 23.08
CA THR K 119 -5.03 12.88 24.50
C THR K 119 -4.71 14.27 25.06
N VAL K 120 -5.75 15.03 25.35
CA VAL K 120 -5.61 16.43 25.72
C VAL K 120 -5.60 16.64 27.24
N SER K 121 -4.62 17.41 27.71
CA SER K 121 -4.50 17.73 29.12
C SER K 121 -4.33 19.24 29.28
N ILE K 122 -5.17 19.86 30.12
CA ILE K 122 -5.05 21.29 30.38
C ILE K 122 -4.49 21.53 31.77
N PHE K 123 -3.61 22.51 31.87
CA PHE K 123 -2.89 22.76 33.11
C PHE K 123 -2.94 24.20 33.56
N PRO K 124 -3.63 24.45 34.68
CA PRO K 124 -3.71 25.77 35.31
C PRO K 124 -2.31 26.28 35.69
N PRO K 125 -2.15 27.62 35.75
CA PRO K 125 -0.86 28.21 36.12
C PRO K 125 -0.43 27.74 37.50
N SER K 126 0.88 27.55 37.70
CA SER K 126 1.39 27.16 39.02
C SER K 126 1.51 28.33 39.97
N SER K 127 1.07 28.17 41.22
CA SER K 127 1.17 29.25 42.21
C SER K 127 2.53 29.95 42.18
N GLU K 128 3.59 29.17 41.98
CA GLU K 128 4.92 29.68 41.63
C GLU K 128 4.84 30.85 40.66
N GLN K 129 4.46 30.56 39.42
CA GLN K 129 4.41 31.59 38.39
C GLN K 129 3.46 32.72 38.75
N LEU K 130 2.42 32.40 39.51
CA LEU K 130 1.40 33.37 39.89
C LEU K 130 1.94 34.36 40.93
N THR K 131 2.58 33.80 41.95
CA THR K 131 3.29 34.61 42.93
C THR K 131 4.16 35.67 42.25
N SER K 132 4.80 35.30 41.14
CA SER K 132 5.79 36.16 40.52
C SER K 132 5.37 36.84 39.21
N GLY K 133 4.09 37.22 39.12
CA GLY K 133 3.62 38.10 38.04
C GLY K 133 2.76 37.60 36.88
N GLY K 134 3.16 36.47 36.27
CA GLY K 134 2.50 35.98 35.06
C GLY K 134 1.66 34.72 35.25
N ALA K 135 0.74 34.50 34.31
CA ALA K 135 -0.10 33.31 34.35
C ALA K 135 -0.13 32.64 32.99
N SER K 136 0.62 31.56 32.84
CA SER K 136 0.59 30.76 31.61
C SER K 136 -0.31 29.55 31.80
N VAL K 137 -1.23 29.36 30.86
CA VAL K 137 -2.04 28.15 30.83
C VAL K 137 -1.55 27.20 29.74
N VAL K 138 -1.17 25.99 30.14
CA VAL K 138 -0.56 25.05 29.22
C VAL K 138 -1.52 23.97 28.79
N CYS K 139 -1.42 23.57 27.53
CA CYS K 139 -2.26 22.51 27.03
C CYS K 139 -1.48 21.51 26.17
N PHE K 140 -1.50 20.24 26.56
CA PHE K 140 -0.84 19.22 25.76
C PHE K 140 -1.84 18.39 24.93
N LEU K 141 -1.58 18.27 23.64
CA LEU K 141 -2.37 17.39 22.80
C LEU K 141 -1.42 16.32 22.28
N ASN K 142 -1.60 15.10 22.75
CA ASN K 142 -0.61 14.05 22.57
C ASN K 142 -0.98 12.85 21.68
N ASN K 143 -0.06 12.48 20.79
CA ASN K 143 -0.12 11.22 20.05
C ASN K 143 -1.27 11.07 19.07
N PHE K 144 -1.41 11.99 18.12
CA PHE K 144 -2.53 11.96 17.21
C PHE K 144 -2.06 11.74 15.78
N TYR K 145 -2.94 11.18 14.95
CA TYR K 145 -2.74 11.13 13.53
C TYR K 145 -4.10 11.32 12.88
N PRO K 146 -4.19 12.13 11.80
CA PRO K 146 -3.12 12.76 11.02
C PRO K 146 -2.41 13.85 11.79
N LYS K 147 -1.39 14.45 11.17
CA LYS K 147 -0.61 15.53 11.78
C LYS K 147 -1.37 16.85 11.91
N ASP K 148 -2.37 17.05 11.06
CA ASP K 148 -3.06 18.34 10.95
C ASP K 148 -4.11 18.51 12.02
N ILE K 149 -3.96 19.58 12.80
CA ILE K 149 -4.86 19.87 13.92
C ILE K 149 -5.00 21.37 14.14
N ASN K 150 -6.08 21.78 14.80
CA ASN K 150 -6.32 23.19 15.13
C ASN K 150 -6.81 23.40 16.57
N VAL K 151 -6.16 24.31 17.27
CA VAL K 151 -6.47 24.58 18.67
C VAL K 151 -7.03 25.99 18.90
N LYS K 152 -8.13 26.06 19.63
CA LYS K 152 -8.71 27.34 20.05
C LYS K 152 -8.65 27.50 21.56
N TRP K 153 -8.31 28.70 22.01
CA TRP K 153 -8.33 29.02 23.42
C TRP K 153 -9.55 29.85 23.74
N LYS K 154 -10.27 29.47 24.79
CA LYS K 154 -11.52 30.15 25.12
C LYS K 154 -11.57 30.54 26.58
N ILE K 155 -11.80 31.83 26.82
CA ILE K 155 -11.94 32.33 28.19
C ILE K 155 -13.37 32.81 28.43
N ASP K 156 -14.04 32.17 29.39
CA ASP K 156 -15.43 32.48 29.70
C ASP K 156 -16.36 32.44 28.48
N GLY K 157 -16.01 31.61 27.51
CA GLY K 157 -16.84 31.41 26.35
C GLY K 157 -16.34 32.12 25.10
N SER K 158 -15.42 33.05 25.29
CA SER K 158 -14.94 33.87 24.19
C SER K 158 -13.59 33.42 23.68
N GLU K 159 -13.49 33.30 22.36
CA GLU K 159 -12.22 32.98 21.74
C GLU K 159 -11.14 34.01 22.09
N ARG K 160 -9.93 33.51 22.27
CA ARG K 160 -8.78 34.33 22.64
C ARG K 160 -7.61 34.11 21.66
N GLN K 161 -7.44 35.08 20.77
CA GLN K 161 -6.45 35.06 19.69
C GLN K 161 -5.00 35.22 20.16
N ASN K 162 -4.75 36.28 20.95
CA ASN K 162 -3.40 36.75 21.29
C ASN K 162 -2.71 36.13 22.51
N GLY K 163 -1.45 35.72 22.33
CA GLY K 163 -0.65 35.23 23.44
C GLY K 163 -0.46 33.73 23.42
N VAL K 164 -0.98 33.09 22.39
CA VAL K 164 -0.88 31.65 22.23
C VAL K 164 0.49 31.30 21.70
N LEU K 165 1.09 30.26 22.27
CA LEU K 165 2.37 29.75 21.75
C LEU K 165 2.42 28.23 21.57
N ASN K 166 2.54 27.84 20.30
CA ASN K 166 2.49 26.44 19.90
C ASN K 166 3.82 25.83 19.54
N SER K 167 3.95 24.56 19.87
CA SER K 167 5.10 23.77 19.44
C SER K 167 4.65 22.35 19.14
N TRP K 168 5.04 21.85 17.97
CA TRP K 168 4.68 20.49 17.55
C TRP K 168 5.93 19.63 17.52
N THR K 169 5.79 18.35 17.90
CA THR K 169 6.90 17.42 17.78
C THR K 169 6.95 16.95 16.34
N ASP K 170 8.11 16.44 15.95
CA ASP K 170 8.25 15.76 14.68
C ASP K 170 7.64 14.36 14.79
N GLN K 171 7.36 13.72 13.65
CA GLN K 171 6.71 12.41 13.70
C GLN K 171 7.51 11.38 14.48
N ASP K 172 6.81 10.71 15.41
CA ASP K 172 7.37 9.68 16.25
C ASP K 172 7.82 8.44 15.44
N SER K 173 9.04 7.98 15.67
CA SER K 173 9.57 6.84 14.91
C SER K 173 8.98 5.48 15.31
N LYS K 174 8.58 5.36 16.58
CA LYS K 174 7.93 4.15 17.09
C LYS K 174 6.45 4.04 16.73
N ASP K 175 5.65 5.04 17.11
CA ASP K 175 4.19 4.95 16.89
C ASP K 175 3.64 5.87 15.77
N SER K 176 4.55 6.55 15.07
CA SER K 176 4.19 7.39 13.90
C SER K 176 3.18 8.51 14.20
N THR K 177 3.04 8.90 15.46
CA THR K 177 2.06 9.91 15.83
C THR K 177 2.72 11.25 15.95
N TYR K 178 1.90 12.28 16.01
CA TYR K 178 2.41 13.61 16.26
C TYR K 178 1.90 14.09 17.61
N SER K 179 2.60 15.06 18.20
CA SER K 179 2.12 15.65 19.44
C SER K 179 2.29 17.15 19.35
N MET K 180 1.60 17.90 20.22
CA MET K 180 1.83 19.33 20.31
C MET K 180 1.47 19.92 21.66
N SER K 181 2.11 21.04 21.98
CA SER K 181 1.76 21.80 23.17
C SER K 181 1.33 23.19 22.73
N SER K 182 0.24 23.68 23.31
CA SER K 182 -0.22 25.05 23.11
C SER K 182 -0.21 25.83 24.43
N THR K 183 0.31 27.05 24.44
CA THR K 183 0.41 27.79 25.69
C THR K 183 -0.09 29.24 25.66
N LEU K 184 -1.11 29.50 26.47
CA LEU K 184 -1.69 30.82 26.61
C LEU K 184 -1.01 31.57 27.75
N THR K 185 -0.31 32.65 27.42
CA THR K 185 0.44 33.40 28.43
C THR K 185 -0.19 34.75 28.72
N LEU K 186 -0.65 34.91 29.96
CA LEU K 186 -1.35 36.11 30.40
C LEU K 186 -0.58 36.88 31.48
N THR K 187 -1.20 37.97 31.94
CA THR K 187 -0.77 38.64 33.16
C THR K 187 -1.59 38.06 34.30
N LYS K 188 -1.04 37.99 35.51
CA LYS K 188 -1.80 37.48 36.65
C LYS K 188 -3.11 38.24 36.74
N ASP K 189 -3.02 39.56 36.61
CA ASP K 189 -4.17 40.43 36.69
C ASP K 189 -5.26 39.99 35.71
N GLU K 190 -4.89 39.84 34.45
CA GLU K 190 -5.83 39.41 33.40
C GLU K 190 -6.44 38.07 33.74
N TYR K 191 -5.60 37.17 34.21
CA TYR K 191 -6.02 35.82 34.51
C TYR K 191 -7.12 35.83 35.58
N GLU K 192 -6.98 36.71 36.57
CA GLU K 192 -7.92 36.77 37.70
C GLU K 192 -9.25 37.42 37.34
N ARG K 193 -9.31 38.01 36.15
CA ARG K 193 -10.49 38.72 35.70
C ARG K 193 -11.51 37.77 35.09
N HIS K 194 -11.15 36.49 35.02
CA HIS K 194 -12.03 35.48 34.44
C HIS K 194 -11.98 34.19 35.25
N ASN K 195 -13.01 33.36 35.09
CA ASN K 195 -13.07 32.10 35.84
C ASN K 195 -12.75 30.85 35.01
N SER K 196 -13.53 30.58 33.97
CA SER K 196 -13.37 29.33 33.22
C SER K 196 -12.47 29.43 31.99
N TYR K 197 -11.59 28.45 31.85
CA TYR K 197 -10.65 28.40 30.74
C TYR K 197 -10.79 27.12 29.92
N THR K 198 -10.92 27.26 28.61
CA THR K 198 -11.13 26.10 27.76
C THR K 198 -10.03 25.94 26.73
N CYS K 199 -9.67 24.70 26.50
CA CYS K 199 -8.69 24.33 25.51
C CYS K 199 -9.39 23.47 24.45
N GLU K 200 -9.49 23.98 23.23
CA GLU K 200 -10.35 23.35 22.22
C GLU K 200 -9.56 22.77 21.03
N ALA K 201 -9.82 21.51 20.70
CA ALA K 201 -9.10 20.88 19.59
C ALA K 201 -10.03 20.22 18.57
N THR K 202 -9.95 20.73 17.35
CA THR K 202 -10.65 20.13 16.24
C THR K 202 -9.64 19.30 15.47
N HIS K 203 -10.04 18.11 15.08
CA HIS K 203 -9.13 17.17 14.45
C HIS K 203 -9.97 16.16 13.69
N LYS K 204 -9.45 15.63 12.59
CA LYS K 204 -10.28 14.83 11.71
C LYS K 204 -10.90 13.62 12.41
N THR K 205 -10.34 13.20 13.55
CA THR K 205 -10.85 12.01 14.23
C THR K 205 -12.17 12.27 14.94
N SER K 206 -12.77 13.44 14.73
CA SER K 206 -14.01 13.77 15.41
C SER K 206 -14.71 14.96 14.77
N THR K 207 -16.04 14.88 14.71
CA THR K 207 -16.83 16.01 14.27
C THR K 207 -16.92 16.99 15.44
N SER K 208 -17.08 16.46 16.65
CA SER K 208 -17.20 17.28 17.83
C SER K 208 -15.84 17.57 18.45
N PRO K 209 -15.41 18.85 18.43
CA PRO K 209 -14.17 19.37 19.02
C PRO K 209 -13.92 18.83 20.42
N ILE K 210 -12.70 18.34 20.64
CA ILE K 210 -12.27 17.85 21.95
C ILE K 210 -12.00 19.01 22.92
N VAL K 211 -12.52 18.90 24.13
CA VAL K 211 -12.47 20.01 25.06
C VAL K 211 -12.02 19.64 26.46
N LYS K 212 -11.09 20.42 26.99
CA LYS K 212 -10.63 20.26 28.35
C LYS K 212 -10.63 21.61 29.05
N SER K 213 -11.38 21.71 30.15
CA SER K 213 -11.57 22.98 30.85
C SER K 213 -11.26 22.94 32.32
N PHE K 214 -11.30 24.12 32.92
CA PHE K 214 -11.23 24.26 34.38
C PHE K 214 -11.70 25.65 34.80
N ASN K 215 -12.14 25.76 36.04
CA ASN K 215 -12.57 27.03 36.59
C ASN K 215 -11.53 27.57 37.57
N ARG K 216 -11.22 28.86 37.46
CA ARG K 216 -10.11 29.44 38.21
C ARG K 216 -10.26 29.36 39.73
N ASN K 217 -11.50 29.44 40.20
CA ASN K 217 -11.75 29.44 41.65
C ASN K 217 -12.25 28.11 42.20
N GLU K 218 -11.48 27.04 41.97
CA GLU K 218 -11.87 25.71 42.43
C GLU K 218 -10.66 24.81 42.70
N ALA L 2 23.09 37.42 -14.54
CA ALA L 2 23.72 36.46 -15.45
C ALA L 2 23.67 35.03 -14.90
N GLU L 3 24.20 34.10 -15.69
CA GLU L 3 24.25 32.69 -15.31
C GLU L 3 25.41 32.41 -14.41
N PHE L 4 25.30 31.31 -13.67
CA PHE L 4 26.39 30.81 -12.84
C PHE L 4 27.44 30.22 -13.77
N ARG L 5 28.72 30.48 -13.51
CA ARG L 5 29.76 29.98 -14.40
C ARG L 5 29.93 28.46 -14.24
N HIS L 6 29.87 27.73 -15.36
CA HIS L 6 29.99 26.28 -15.37
C HIS L 6 31.16 25.83 -16.23
#